data_1DTM
# 
_entry.id   1DTM 
# 
_audit_conform.dict_name       mmcif_pdbx.dic 
_audit_conform.dict_version    5.387 
_audit_conform.dict_location   http://mmcif.pdb.org/dictionaries/ascii/mmcif_pdbx.dic 
# 
loop_
_database_2.database_id 
_database_2.database_code 
_database_2.pdbx_database_accession 
_database_2.pdbx_DOI 
PDB   1DTM         pdb_00001dtm 10.2210/pdb1dtm/pdb 
RCSB  RCSB010356   ?            ?                   
WWPDB D_1000010356 ?            ?                   
# 
loop_
_pdbx_audit_revision_history.ordinal 
_pdbx_audit_revision_history.data_content_type 
_pdbx_audit_revision_history.major_revision 
_pdbx_audit_revision_history.minor_revision 
_pdbx_audit_revision_history.revision_date 
1 'Structure model' 1 0 2000-02-07 
2 'Structure model' 1 1 2008-04-27 
3 'Structure model' 1 2 2011-07-13 
4 'Structure model' 1 3 2017-02-01 
5 'Structure model' 1 4 2018-03-14 
6 'Structure model' 1 5 2024-02-07 
7 'Structure model' 1 6 2024-03-13 
# 
_pdbx_audit_revision_details.ordinal             1 
_pdbx_audit_revision_details.revision_ordinal    1 
_pdbx_audit_revision_details.data_content_type   'Structure model' 
_pdbx_audit_revision_details.provider            repository 
_pdbx_audit_revision_details.type                'Initial release' 
_pdbx_audit_revision_details.description         ? 
_pdbx_audit_revision_details.details             ? 
# 
loop_
_pdbx_audit_revision_group.ordinal 
_pdbx_audit_revision_group.revision_ordinal 
_pdbx_audit_revision_group.data_content_type 
_pdbx_audit_revision_group.group 
1 2 'Structure model' 'Version format compliance' 
2 3 'Structure model' 'Version format compliance' 
3 4 'Structure model' 'Structure summary'         
4 5 'Structure model' 'Database references'       
5 6 'Structure model' 'Data collection'           
6 6 'Structure model' 'Database references'       
7 6 'Structure model' 'Derived calculations'      
8 7 'Structure model' 'Source and taxonomy'       
9 7 'Structure model' 'Structure summary'         
# 
loop_
_pdbx_audit_revision_category.ordinal 
_pdbx_audit_revision_category.revision_ordinal 
_pdbx_audit_revision_category.data_content_type 
_pdbx_audit_revision_category.category 
1 5 'Structure model' struct_ref_seq_dif  
2 6 'Structure model' chem_comp_atom      
3 6 'Structure model' chem_comp_bond      
4 6 'Structure model' database_2          
5 6 'Structure model' struct_ref_seq_dif  
6 6 'Structure model' struct_site         
7 7 'Structure model' entity              
8 7 'Structure model' pdbx_entity_src_syn 
# 
loop_
_pdbx_audit_revision_item.ordinal 
_pdbx_audit_revision_item.revision_ordinal 
_pdbx_audit_revision_item.data_content_type 
_pdbx_audit_revision_item.item 
1 5 'Structure model' '_struct_ref_seq_dif.details'         
2 6 'Structure model' '_database_2.pdbx_DOI'                
3 6 'Structure model' '_database_2.pdbx_database_accession' 
4 6 'Structure model' '_struct_ref_seq_dif.details'         
5 6 'Structure model' '_struct_site.pdbx_auth_asym_id'      
6 6 'Structure model' '_struct_site.pdbx_auth_comp_id'      
7 6 'Structure model' '_struct_site.pdbx_auth_seq_id'       
8 7 'Structure model' '_entity.details'                     
# 
_pdbx_database_status.status_code                     REL 
_pdbx_database_status.entry_id                        1DTM 
_pdbx_database_status.recvd_initial_deposition_date   2000-01-12 
_pdbx_database_status.deposit_site                    RCSB 
_pdbx_database_status.process_site                    RCSB 
_pdbx_database_status.status_code_sf                  REL 
_pdbx_database_status.SG_entry                        . 
_pdbx_database_status.status_code_mr                  ? 
_pdbx_database_status.status_code_cs                  ? 
_pdbx_database_status.methods_development_category    ? 
_pdbx_database_status.pdb_format_compatible           Y 
_pdbx_database_status.status_code_nmr_data            ? 
# 
_pdbx_database_related.db_name        PDB 
_pdbx_database_related.db_id          1irc 
_pdbx_database_related.details        'H93G metaquomyoglobin with imidazole bound as a proximal ligand.' 
_pdbx_database_related.content_type   unspecified 
# 
loop_
_audit_author.name 
_audit_author.pdbx_ordinal 
'Barrick, D.'     1 
'Dahlquist, F.W.' 2 
# 
loop_
_citation.id 
_citation.title 
_citation.journal_abbrev 
_citation.journal_volume 
_citation.page_first 
_citation.page_last 
_citation.year 
_citation.journal_id_ASTM 
_citation.country 
_citation.journal_id_ISSN 
_citation.journal_id_CSD 
_citation.book_publisher 
_citation.pdbx_database_id_PubMed 
_citation.pdbx_database_id_DOI 
primary 'Trans-substitution of the proximal hydrogen bond in myoglobin: I. Structural consequences of hydrogen bond deletion.' 
Proteins          39 278 290 2000 PSFGEY US 0887-3585 0867 ? 10813811 
'10.1002/(SICI)1097-0134(20000601)39:4<278::AID-PROT20>3.0.CO;2-T' 
1       
;Trans-substitution of the proximal hydrogen bond in myoglobin: II. Energetics, functional consequences, and implications for hemoglobin allostery
;
'To be Published' ?  ?   ?   ?    ?      ?  ?         0353 ? ?        ? 
# 
loop_
_citation_author.citation_id 
_citation_author.name 
_citation_author.ordinal 
_citation_author.identifier_ORCID 
primary 'Barrick, D.'     1 ? 
primary 'Dahlquist, F.W.' 2 ? 
1       'Barrick, D.'     3 ? 
# 
loop_
_entity.id 
_entity.type 
_entity.src_method 
_entity.pdbx_description 
_entity.formula_weight 
_entity.pdbx_number_of_molecules 
_entity.pdbx_ec 
_entity.pdbx_mutation 
_entity.pdbx_fragment 
_entity.details 
1 polymer     man 'RECOMBINANT SPERM WHALE MYOGLOBIN VARIANT H93G' 17153.857 1  ? H93G ? ? 
2 non-polymer syn 'PROTOPORPHYRIN IX CONTAINING FE'                616.487   1  ? ?    ? ? 
3 non-polymer syn 4-METHYLIMIDAZOLE                                82.104    1  ? ?    ? 
;4-methylimidazole from Aldrich Chemical Company (Cat # 19,988-5). 4-methylimidazole substituted for imidazole by extensive buffer exchange using spin-columns equilibrated with 0.1 M 4-methylimidazole.
;
4 water       nat water                                            18.015    15 ? ?    ? ? 
# 
_entity_poly.entity_id                      1 
_entity_poly.type                           'polypeptide(L)' 
_entity_poly.nstd_linkage                   no 
_entity_poly.nstd_monomer                   no 
_entity_poly.pdbx_seq_one_letter_code       
;VLSEGEWQLVLHVWAKVEADVAGHGQDILIRLFKSHPETLEKFDRFKHLKTEAEMKASEDLKKHGVTVLTALGAILKKKG
HHEAELKPLAQSGATKHKIPIKYLEFISEAIIHVLHSRHPGDFGADAQGAMNKALELFRKDIAAKYKELGYQG
;
_entity_poly.pdbx_seq_one_letter_code_can   
;VLSEGEWQLVLHVWAKVEADVAGHGQDILIRLFKSHPETLEKFDRFKHLKTEAEMKASEDLKKHGVTVLTALGAILKKKG
HHEAELKPLAQSGATKHKIPIKYLEFISEAIIHVLHSRHPGDFGADAQGAMNKALELFRKDIAAKYKELGYQG
;
_entity_poly.pdbx_strand_id                 A 
_entity_poly.pdbx_target_identifier         ? 
# 
loop_
_pdbx_entity_nonpoly.entity_id 
_pdbx_entity_nonpoly.name 
_pdbx_entity_nonpoly.comp_id 
2 'PROTOPORPHYRIN IX CONTAINING FE' HEM 
3 4-METHYLIMIDAZOLE                 4MZ 
4 water                             HOH 
# 
loop_
_entity_poly_seq.entity_id 
_entity_poly_seq.num 
_entity_poly_seq.mon_id 
_entity_poly_seq.hetero 
1 1   VAL n 
1 2   LEU n 
1 3   SER n 
1 4   GLU n 
1 5   GLY n 
1 6   GLU n 
1 7   TRP n 
1 8   GLN n 
1 9   LEU n 
1 10  VAL n 
1 11  LEU n 
1 12  HIS n 
1 13  VAL n 
1 14  TRP n 
1 15  ALA n 
1 16  LYS n 
1 17  VAL n 
1 18  GLU n 
1 19  ALA n 
1 20  ASP n 
1 21  VAL n 
1 22  ALA n 
1 23  GLY n 
1 24  HIS n 
1 25  GLY n 
1 26  GLN n 
1 27  ASP n 
1 28  ILE n 
1 29  LEU n 
1 30  ILE n 
1 31  ARG n 
1 32  LEU n 
1 33  PHE n 
1 34  LYS n 
1 35  SER n 
1 36  HIS n 
1 37  PRO n 
1 38  GLU n 
1 39  THR n 
1 40  LEU n 
1 41  GLU n 
1 42  LYS n 
1 43  PHE n 
1 44  ASP n 
1 45  ARG n 
1 46  PHE n 
1 47  LYS n 
1 48  HIS n 
1 49  LEU n 
1 50  LYS n 
1 51  THR n 
1 52  GLU n 
1 53  ALA n 
1 54  GLU n 
1 55  MET n 
1 56  LYS n 
1 57  ALA n 
1 58  SER n 
1 59  GLU n 
1 60  ASP n 
1 61  LEU n 
1 62  LYS n 
1 63  LYS n 
1 64  HIS n 
1 65  GLY n 
1 66  VAL n 
1 67  THR n 
1 68  VAL n 
1 69  LEU n 
1 70  THR n 
1 71  ALA n 
1 72  LEU n 
1 73  GLY n 
1 74  ALA n 
1 75  ILE n 
1 76  LEU n 
1 77  LYS n 
1 78  LYS n 
1 79  LYS n 
1 80  GLY n 
1 81  HIS n 
1 82  HIS n 
1 83  GLU n 
1 84  ALA n 
1 85  GLU n 
1 86  LEU n 
1 87  LYS n 
1 88  PRO n 
1 89  LEU n 
1 90  ALA n 
1 91  GLN n 
1 92  SER n 
1 93  GLY n 
1 94  ALA n 
1 95  THR n 
1 96  LYS n 
1 97  HIS n 
1 98  LYS n 
1 99  ILE n 
1 100 PRO n 
1 101 ILE n 
1 102 LYS n 
1 103 TYR n 
1 104 LEU n 
1 105 GLU n 
1 106 PHE n 
1 107 ILE n 
1 108 SER n 
1 109 GLU n 
1 110 ALA n 
1 111 ILE n 
1 112 ILE n 
1 113 HIS n 
1 114 VAL n 
1 115 LEU n 
1 116 HIS n 
1 117 SER n 
1 118 ARG n 
1 119 HIS n 
1 120 PRO n 
1 121 GLY n 
1 122 ASP n 
1 123 PHE n 
1 124 GLY n 
1 125 ALA n 
1 126 ASP n 
1 127 ALA n 
1 128 GLN n 
1 129 GLY n 
1 130 ALA n 
1 131 MET n 
1 132 ASN n 
1 133 LYS n 
1 134 ALA n 
1 135 LEU n 
1 136 GLU n 
1 137 LEU n 
1 138 PHE n 
1 139 ARG n 
1 140 LYS n 
1 141 ASP n 
1 142 ILE n 
1 143 ALA n 
1 144 ALA n 
1 145 LYS n 
1 146 TYR n 
1 147 LYS n 
1 148 GLU n 
1 149 LEU n 
1 150 GLY n 
1 151 TYR n 
1 152 GLN n 
1 153 GLY n 
# 
_entity_src_gen.entity_id                          1 
_entity_src_gen.pdbx_src_id                        1 
_entity_src_gen.pdbx_alt_source_flag               sample 
_entity_src_gen.pdbx_seq_type                      ? 
_entity_src_gen.pdbx_beg_seq_num                   ? 
_entity_src_gen.pdbx_end_seq_num                   ? 
_entity_src_gen.gene_src_common_name               'sperm whale' 
_entity_src_gen.gene_src_genus                     Physeter 
_entity_src_gen.pdbx_gene_src_gene                 ? 
_entity_src_gen.gene_src_species                   ? 
_entity_src_gen.gene_src_strain                    ? 
_entity_src_gen.gene_src_tissue                    ? 
_entity_src_gen.gene_src_tissue_fraction           ? 
_entity_src_gen.gene_src_details                   ? 
_entity_src_gen.pdbx_gene_src_fragment             ? 
_entity_src_gen.pdbx_gene_src_scientific_name      'Physeter catodon' 
_entity_src_gen.pdbx_gene_src_ncbi_taxonomy_id     9755 
_entity_src_gen.pdbx_gene_src_variant              ? 
_entity_src_gen.pdbx_gene_src_cell_line            ? 
_entity_src_gen.pdbx_gene_src_atcc                 ? 
_entity_src_gen.pdbx_gene_src_organ                ? 
_entity_src_gen.pdbx_gene_src_organelle            ? 
_entity_src_gen.pdbx_gene_src_cell                 ? 
_entity_src_gen.pdbx_gene_src_cellular_location    ? 
_entity_src_gen.host_org_common_name               ? 
_entity_src_gen.pdbx_host_org_scientific_name      'Escherichia coli' 
_entity_src_gen.pdbx_host_org_ncbi_taxonomy_id     562 
_entity_src_gen.host_org_genus                     Escherichia 
_entity_src_gen.pdbx_host_org_gene                 ? 
_entity_src_gen.pdbx_host_org_organ                ? 
_entity_src_gen.host_org_species                   ? 
_entity_src_gen.pdbx_host_org_tissue               ? 
_entity_src_gen.pdbx_host_org_tissue_fraction      ? 
_entity_src_gen.pdbx_host_org_strain               ? 
_entity_src_gen.pdbx_host_org_variant              ? 
_entity_src_gen.pdbx_host_org_cell_line            ? 
_entity_src_gen.pdbx_host_org_atcc                 ? 
_entity_src_gen.pdbx_host_org_culture_collection   ? 
_entity_src_gen.pdbx_host_org_cell                 ? 
_entity_src_gen.pdbx_host_org_organelle            ? 
_entity_src_gen.pdbx_host_org_cellular_location    ? 
_entity_src_gen.pdbx_host_org_vector_type          PLASMID 
_entity_src_gen.pdbx_host_org_vector               ? 
_entity_src_gen.host_org_details                   ? 
_entity_src_gen.expression_system_id               ? 
_entity_src_gen.plasmid_name                       PMB413B 
_entity_src_gen.plasmid_details                    ? 
_entity_src_gen.pdbx_description                   ? 
# 
loop_
_chem_comp.id 
_chem_comp.type 
_chem_comp.mon_nstd_flag 
_chem_comp.name 
_chem_comp.pdbx_synonyms 
_chem_comp.formula 
_chem_comp.formula_weight 
4MZ non-polymer         . 4-METHYLIMIDAZOLE                 ?    'C4 H6 N2'         82.104  
ALA 'L-peptide linking' y ALANINE                           ?    'C3 H7 N O2'       89.093  
ARG 'L-peptide linking' y ARGININE                          ?    'C6 H15 N4 O2 1'   175.209 
ASN 'L-peptide linking' y ASPARAGINE                        ?    'C4 H8 N2 O3'      132.118 
ASP 'L-peptide linking' y 'ASPARTIC ACID'                   ?    'C4 H7 N O4'       133.103 
GLN 'L-peptide linking' y GLUTAMINE                         ?    'C5 H10 N2 O3'     146.144 
GLU 'L-peptide linking' y 'GLUTAMIC ACID'                   ?    'C5 H9 N O4'       147.129 
GLY 'peptide linking'   y GLYCINE                           ?    'C2 H5 N O2'       75.067  
HEM non-polymer         . 'PROTOPORPHYRIN IX CONTAINING FE' HEME 'C34 H32 Fe N4 O4' 616.487 
HIS 'L-peptide linking' y HISTIDINE                         ?    'C6 H10 N3 O2 1'   156.162 
HOH non-polymer         . WATER                             ?    'H2 O'             18.015  
ILE 'L-peptide linking' y ISOLEUCINE                        ?    'C6 H13 N O2'      131.173 
LEU 'L-peptide linking' y LEUCINE                           ?    'C6 H13 N O2'      131.173 
LYS 'L-peptide linking' y LYSINE                            ?    'C6 H15 N2 O2 1'   147.195 
MET 'L-peptide linking' y METHIONINE                        ?    'C5 H11 N O2 S'    149.211 
PHE 'L-peptide linking' y PHENYLALANINE                     ?    'C9 H11 N O2'      165.189 
PRO 'L-peptide linking' y PROLINE                           ?    'C5 H9 N O2'       115.130 
SER 'L-peptide linking' y SERINE                            ?    'C3 H7 N O3'       105.093 
THR 'L-peptide linking' y THREONINE                         ?    'C4 H9 N O3'       119.119 
TRP 'L-peptide linking' y TRYPTOPHAN                        ?    'C11 H12 N2 O2'    204.225 
TYR 'L-peptide linking' y TYROSINE                          ?    'C9 H11 N O3'      181.189 
VAL 'L-peptide linking' y VALINE                            ?    'C5 H11 N O2'      117.146 
# 
loop_
_pdbx_poly_seq_scheme.asym_id 
_pdbx_poly_seq_scheme.entity_id 
_pdbx_poly_seq_scheme.seq_id 
_pdbx_poly_seq_scheme.mon_id 
_pdbx_poly_seq_scheme.ndb_seq_num 
_pdbx_poly_seq_scheme.pdb_seq_num 
_pdbx_poly_seq_scheme.auth_seq_num 
_pdbx_poly_seq_scheme.pdb_mon_id 
_pdbx_poly_seq_scheme.auth_mon_id 
_pdbx_poly_seq_scheme.pdb_strand_id 
_pdbx_poly_seq_scheme.pdb_ins_code 
_pdbx_poly_seq_scheme.hetero 
A 1 1   VAL 1   1   1   VAL VAL A . n 
A 1 2   LEU 2   2   2   LEU LEU A . n 
A 1 3   SER 3   3   3   SER SER A . n 
A 1 4   GLU 4   4   4   GLU GLU A . n 
A 1 5   GLY 5   5   5   GLY GLY A . n 
A 1 6   GLU 6   6   6   GLU GLU A . n 
A 1 7   TRP 7   7   7   TRP TRP A . n 
A 1 8   GLN 8   8   8   GLN GLN A . n 
A 1 9   LEU 9   9   9   LEU LEU A . n 
A 1 10  VAL 10  10  10  VAL VAL A . n 
A 1 11  LEU 11  11  11  LEU LEU A . n 
A 1 12  HIS 12  12  12  HIS HIS A . n 
A 1 13  VAL 13  13  13  VAL VAL A . n 
A 1 14  TRP 14  14  14  TRP TRP A . n 
A 1 15  ALA 15  15  15  ALA ALA A . n 
A 1 16  LYS 16  16  16  LYS LYS A . n 
A 1 17  VAL 17  17  17  VAL VAL A . n 
A 1 18  GLU 18  18  18  GLU GLU A . n 
A 1 19  ALA 19  19  19  ALA ALA A . n 
A 1 20  ASP 20  20  20  ASP ASP A . n 
A 1 21  VAL 21  21  21  VAL VAL A . n 
A 1 22  ALA 22  22  22  ALA ALA A . n 
A 1 23  GLY 23  23  23  GLY GLY A . n 
A 1 24  HIS 24  24  24  HIS HIS A . n 
A 1 25  GLY 25  25  25  GLY GLY A . n 
A 1 26  GLN 26  26  26  GLN GLN A . n 
A 1 27  ASP 27  27  27  ASP ASP A . n 
A 1 28  ILE 28  28  28  ILE ILE A . n 
A 1 29  LEU 29  29  29  LEU LEU A . n 
A 1 30  ILE 30  30  30  ILE ILE A . n 
A 1 31  ARG 31  31  31  ARG ARG A . n 
A 1 32  LEU 32  32  32  LEU LEU A . n 
A 1 33  PHE 33  33  33  PHE PHE A . n 
A 1 34  LYS 34  34  34  LYS LYS A . n 
A 1 35  SER 35  35  35  SER SER A . n 
A 1 36  HIS 36  36  36  HIS HIS A . n 
A 1 37  PRO 37  37  37  PRO PRO A . n 
A 1 38  GLU 38  38  38  GLU GLU A . n 
A 1 39  THR 39  39  39  THR THR A . n 
A 1 40  LEU 40  40  40  LEU LEU A . n 
A 1 41  GLU 41  41  41  GLU GLU A . n 
A 1 42  LYS 42  42  42  LYS LYS A . n 
A 1 43  PHE 43  43  43  PHE PHE A . n 
A 1 44  ASP 44  44  44  ASP ASP A . n 
A 1 45  ARG 45  45  45  ARG ARG A . n 
A 1 46  PHE 46  46  46  PHE PHE A . n 
A 1 47  LYS 47  47  47  LYS ALA A . n 
A 1 48  HIS 48  48  48  HIS HIS A . n 
A 1 49  LEU 49  49  49  LEU LEU A . n 
A 1 50  LYS 50  50  50  LYS LYS A . n 
A 1 51  THR 51  51  51  THR THR A . n 
A 1 52  GLU 52  52  52  GLU GLU A . n 
A 1 53  ALA 53  53  53  ALA ALA A . n 
A 1 54  GLU 54  54  54  GLU GLU A . n 
A 1 55  MET 55  55  55  MET MET A . n 
A 1 56  LYS 56  56  56  LYS LYS A . n 
A 1 57  ALA 57  57  57  ALA ALA A . n 
A 1 58  SER 58  58  58  SER SER A . n 
A 1 59  GLU 59  59  59  GLU ALA A . n 
A 1 60  ASP 60  60  60  ASP ASP A . n 
A 1 61  LEU 61  61  61  LEU LEU A . n 
A 1 62  LYS 62  62  62  LYS LYS A . n 
A 1 63  LYS 63  63  63  LYS LYS A . n 
A 1 64  HIS 64  64  64  HIS HIS A . n 
A 1 65  GLY 65  65  65  GLY GLY A . n 
A 1 66  VAL 66  66  66  VAL VAL A . n 
A 1 67  THR 67  67  67  THR THR A . n 
A 1 68  VAL 68  68  68  VAL VAL A . n 
A 1 69  LEU 69  69  69  LEU LEU A . n 
A 1 70  THR 70  70  70  THR THR A . n 
A 1 71  ALA 71  71  71  ALA ALA A . n 
A 1 72  LEU 72  72  72  LEU LEU A . n 
A 1 73  GLY 73  73  73  GLY GLY A . n 
A 1 74  ALA 74  74  74  ALA ALA A . n 
A 1 75  ILE 75  75  75  ILE ILE A . n 
A 1 76  LEU 76  76  76  LEU LEU A . n 
A 1 77  LYS 77  77  77  LYS LYS A . n 
A 1 78  LYS 78  78  78  LYS LYS A . n 
A 1 79  LYS 79  79  79  LYS LYS A . n 
A 1 80  GLY 80  80  80  GLY GLY A . n 
A 1 81  HIS 81  81  81  HIS HIS A . n 
A 1 82  HIS 82  82  82  HIS HIS A . n 
A 1 83  GLU 83  83  83  GLU ALA A . n 
A 1 84  ALA 84  84  84  ALA ALA A . n 
A 1 85  GLU 85  85  85  GLU GLU A . n 
A 1 86  LEU 86  86  86  LEU LEU A . n 
A 1 87  LYS 87  87  87  LYS LYS A . n 
A 1 88  PRO 88  88  88  PRO PRO A . n 
A 1 89  LEU 89  89  89  LEU LEU A . n 
A 1 90  ALA 90  90  90  ALA ALA A . n 
A 1 91  GLN 91  91  91  GLN GLN A . n 
A 1 92  SER 92  92  92  SER SER A . n 
A 1 93  GLY 93  93  93  GLY GLY A . n 
A 1 94  ALA 94  94  94  ALA ALA A . n 
A 1 95  THR 95  95  95  THR THR A . n 
A 1 96  LYS 96  96  96  LYS LYS A . n 
A 1 97  HIS 97  97  97  HIS HIS A . n 
A 1 98  LYS 98  98  98  LYS LYS A . n 
A 1 99  ILE 99  99  99  ILE ILE A . n 
A 1 100 PRO 100 100 100 PRO PRO A . n 
A 1 101 ILE 101 101 101 ILE ILE A . n 
A 1 102 LYS 102 102 102 LYS LYS A . n 
A 1 103 TYR 103 103 103 TYR TYR A . n 
A 1 104 LEU 104 104 104 LEU LEU A . n 
A 1 105 GLU 105 105 105 GLU GLU A . n 
A 1 106 PHE 106 106 106 PHE PHE A . n 
A 1 107 ILE 107 107 107 ILE ILE A . n 
A 1 108 SER 108 108 108 SER SER A . n 
A 1 109 GLU 109 109 109 GLU GLU A . n 
A 1 110 ALA 110 110 110 ALA ALA A . n 
A 1 111 ILE 111 111 111 ILE ILE A . n 
A 1 112 ILE 112 112 112 ILE ILE A . n 
A 1 113 HIS 113 113 113 HIS HIS A . n 
A 1 114 VAL 114 114 114 VAL VAL A . n 
A 1 115 LEU 115 115 115 LEU LEU A . n 
A 1 116 HIS 116 116 116 HIS HIS A . n 
A 1 117 SER 117 117 117 SER SER A . n 
A 1 118 ARG 118 118 118 ARG ARG A . n 
A 1 119 HIS 119 119 119 HIS HIS A . n 
A 1 120 PRO 120 120 120 PRO PRO A . n 
A 1 121 GLY 121 121 121 GLY GLY A . n 
A 1 122 ASP 122 122 122 ASP ASP A . n 
A 1 123 PHE 123 123 123 PHE PHE A . n 
A 1 124 GLY 124 124 124 GLY GLY A . n 
A 1 125 ALA 125 125 125 ALA ALA A . n 
A 1 126 ASP 126 126 126 ASP ASP A . n 
A 1 127 ALA 127 127 127 ALA ALA A . n 
A 1 128 GLN 128 128 128 GLN GLN A . n 
A 1 129 GLY 129 129 129 GLY GLY A . n 
A 1 130 ALA 130 130 130 ALA ALA A . n 
A 1 131 MET 131 131 131 MET MET A . n 
A 1 132 ASN 132 132 132 ASN ASN A . n 
A 1 133 LYS 133 133 133 LYS LYS A . n 
A 1 134 ALA 134 134 134 ALA ALA A . n 
A 1 135 LEU 135 135 135 LEU LEU A . n 
A 1 136 GLU 136 136 136 GLU GLU A . n 
A 1 137 LEU 137 137 137 LEU LEU A . n 
A 1 138 PHE 138 138 138 PHE PHE A . n 
A 1 139 ARG 139 139 139 ARG ARG A . n 
A 1 140 LYS 140 140 140 LYS LYS A . n 
A 1 141 ASP 141 141 141 ASP ASP A . n 
A 1 142 ILE 142 142 142 ILE ILE A . n 
A 1 143 ALA 143 143 143 ALA ALA A . n 
A 1 144 ALA 144 144 144 ALA ALA A . n 
A 1 145 LYS 145 145 145 LYS LYS A . n 
A 1 146 TYR 146 146 146 TYR TYR A . n 
A 1 147 LYS 147 147 147 LYS LYS A . n 
A 1 148 GLU 148 148 148 GLU GLU A . n 
A 1 149 LEU 149 149 149 LEU LEU A . n 
A 1 150 GLY 150 150 150 GLY GLY A . n 
A 1 151 TYR 151 151 151 TYR TYR A . n 
A 1 152 GLN 152 152 152 GLN GLN A . n 
A 1 153 GLY 153 153 ?   ?   ?   A . n 
# 
loop_
_pdbx_nonpoly_scheme.asym_id 
_pdbx_nonpoly_scheme.entity_id 
_pdbx_nonpoly_scheme.mon_id 
_pdbx_nonpoly_scheme.ndb_seq_num 
_pdbx_nonpoly_scheme.pdb_seq_num 
_pdbx_nonpoly_scheme.auth_seq_num 
_pdbx_nonpoly_scheme.pdb_mon_id 
_pdbx_nonpoly_scheme.auth_mon_id 
_pdbx_nonpoly_scheme.pdb_strand_id 
_pdbx_nonpoly_scheme.pdb_ins_code 
B 2 HEM 1  154 0 HEM HEM A . 
C 3 4MZ 1  155 0 4MZ 4IM A . 
D 4 HOH 1  156 0 HOH WAT A . 
D 4 HOH 2  157 0 HOH WAT A . 
D 4 HOH 3  158 0 HOH WAT A . 
D 4 HOH 4  159 0 HOH WAT A . 
D 4 HOH 5  160 0 HOH WAT A . 
D 4 HOH 6  161 0 HOH WAT A . 
D 4 HOH 7  162 0 HOH WAT A . 
D 4 HOH 8  163 0 HOH WAT A . 
D 4 HOH 9  164 0 HOH WAT A . 
D 4 HOH 10 165 0 HOH WAT A . 
D 4 HOH 11 166 0 HOH WAT A . 
D 4 HOH 12 167 0 HOH WAT A . 
D 4 HOH 13 168 0 HOH WAT A . 
D 4 HOH 14 169 0 HOH WAT A . 
D 4 HOH 15 170 0 HOH WAT A . 
# 
loop_
_pdbx_unobs_or_zero_occ_atoms.id 
_pdbx_unobs_or_zero_occ_atoms.PDB_model_num 
_pdbx_unobs_or_zero_occ_atoms.polymer_flag 
_pdbx_unobs_or_zero_occ_atoms.occupancy_flag 
_pdbx_unobs_or_zero_occ_atoms.auth_asym_id 
_pdbx_unobs_or_zero_occ_atoms.auth_comp_id 
_pdbx_unobs_or_zero_occ_atoms.auth_seq_id 
_pdbx_unobs_or_zero_occ_atoms.PDB_ins_code 
_pdbx_unobs_or_zero_occ_atoms.auth_atom_id 
_pdbx_unobs_or_zero_occ_atoms.label_alt_id 
_pdbx_unobs_or_zero_occ_atoms.label_asym_id 
_pdbx_unobs_or_zero_occ_atoms.label_comp_id 
_pdbx_unobs_or_zero_occ_atoms.label_seq_id 
_pdbx_unobs_or_zero_occ_atoms.label_atom_id 
1  1 Y 1 A LYS 34  ? CD  ? A LYS 34  CD  
2  1 Y 1 A LYS 34  ? CE  ? A LYS 34  CE  
3  1 Y 1 A LYS 34  ? NZ  ? A LYS 34  NZ  
4  1 Y 1 A GLU 41  ? CD  ? A GLU 41  CD  
5  1 Y 1 A GLU 41  ? OE1 ? A GLU 41  OE1 
6  1 Y 1 A GLU 41  ? OE2 ? A GLU 41  OE2 
7  1 Y 1 A LYS 47  ? CG  ? A LYS 47  CG  
8  1 Y 1 A LYS 47  ? CD  ? A LYS 47  CD  
9  1 Y 1 A LYS 47  ? CE  ? A LYS 47  CE  
10 1 Y 1 A LYS 47  ? NZ  ? A LYS 47  NZ  
11 1 Y 1 A GLU 59  ? CG  ? A GLU 59  CG  
12 1 Y 1 A GLU 59  ? CD  ? A GLU 59  CD  
13 1 Y 1 A GLU 59  ? OE1 ? A GLU 59  OE1 
14 1 Y 1 A GLU 59  ? OE2 ? A GLU 59  OE2 
15 1 Y 1 A LYS 62  ? CE  ? A LYS 62  CE  
16 1 Y 1 A LYS 62  ? NZ  ? A LYS 62  NZ  
17 1 Y 1 A LYS 78  ? CD  ? A LYS 78  CD  
18 1 Y 1 A LYS 78  ? CE  ? A LYS 78  CE  
19 1 Y 1 A LYS 78  ? NZ  ? A LYS 78  NZ  
20 1 Y 1 A LYS 79  ? CE  ? A LYS 79  CE  
21 1 Y 1 A LYS 79  ? NZ  ? A LYS 79  NZ  
22 1 Y 1 A GLU 83  ? CG  ? A GLU 83  CG  
23 1 Y 1 A GLU 83  ? CD  ? A GLU 83  CD  
24 1 Y 1 A GLU 83  ? OE1 ? A GLU 83  OE1 
25 1 Y 1 A GLU 83  ? OE2 ? A GLU 83  OE2 
26 1 Y 1 A LYS 98  ? CE  ? A LYS 98  CE  
27 1 Y 1 A LYS 98  ? NZ  ? A LYS 98  NZ  
28 1 Y 1 A LYS 145 ? CE  ? A LYS 145 CE  
29 1 Y 1 A LYS 145 ? NZ  ? A LYS 145 NZ  
30 1 Y 1 A LYS 147 ? NZ  ? A LYS 147 NZ  
# 
loop_
_software.name 
_software.classification 
_software.version 
_software.citation_id 
_software.pdbx_ordinal 
TNT  refinement       . ? 1 
SDMS 'data reduction' . ? 2 
SDMS 'data scaling'   . ? 3 
TNT  phasing          . ? 4 
# 
_cell.entry_id           1DTM 
_cell.length_a           40.276 
_cell.length_b           48.892 
_cell.length_c           78.935 
_cell.angle_alpha        90.00 
_cell.angle_beta         90.00 
_cell.angle_gamma        90.00 
_cell.Z_PDB              4 
_cell.pdbx_unique_axis   ? 
_cell.length_a_esd       ? 
_cell.length_b_esd       ? 
_cell.length_c_esd       ? 
_cell.angle_alpha_esd    ? 
_cell.angle_beta_esd     ? 
_cell.angle_gamma_esd    ? 
# 
_symmetry.entry_id                         1DTM 
_symmetry.space_group_name_H-M             'P 21 21 21' 
_symmetry.pdbx_full_space_group_name_H-M   ? 
_symmetry.cell_setting                     ? 
_symmetry.Int_Tables_number                19 
_symmetry.space_group_name_Hall            ? 
# 
_exptl.entry_id          1DTM 
_exptl.method            'X-RAY DIFFRACTION' 
_exptl.crystals_number   1 
# 
_exptl_crystal.id                    1 
_exptl_crystal.density_meas          ? 
_exptl_crystal.density_Matthews      2.26 
_exptl_crystal.density_percent_sol   45.69 
_exptl_crystal.description           ? 
_exptl_crystal.F_000                 ? 
_exptl_crystal.preparation           ? 
# 
_exptl_crystal_grow.crystal_id      1 
_exptl_crystal_grow.method          'VAPOR DIFFUSION, HANGING DROP' 
_exptl_crystal_grow.temp            ? 
_exptl_crystal_grow.temp_details    'Room temperature' 
_exptl_crystal_grow.pH              6.5 
_exptl_crystal_grow.pdbx_details    
'35 % PEG 8000, 0.3-0.35 M NaOAc, 0.1 M PIPES, and 0.1 % dioxane, 0.1 M 4-methylimidazole, pH 6.5, VAPOR DIFFUSION, HANGING DROP' 
_exptl_crystal_grow.pdbx_pH_range   ? 
# 
_diffrn.id                     1 
_diffrn.ambient_temp           298 
_diffrn.ambient_temp_details   ? 
_diffrn.crystal_id             1 
# 
_diffrn_detector.diffrn_id              1 
_diffrn_detector.detector               'AREA DETECTOR' 
_diffrn_detector.type                   SDMS 
_diffrn_detector.pdbx_collection_date   1994-07-29 
_diffrn_detector.details                ? 
# 
_diffrn_radiation.diffrn_id                        1 
_diffrn_radiation.wavelength_id                    1 
_diffrn_radiation.pdbx_monochromatic_or_laue_m_l   M 
_diffrn_radiation.monochromator                    ? 
_diffrn_radiation.pdbx_diffrn_protocol             'SINGLE WAVELENGTH' 
_diffrn_radiation.pdbx_scattering_type             x-ray 
# 
_diffrn_radiation_wavelength.id           1 
_diffrn_radiation_wavelength.wavelength   1.54 
_diffrn_radiation_wavelength.wt           1.0 
# 
_diffrn_source.diffrn_id                   1 
_diffrn_source.source                      'ROTATING ANODE' 
_diffrn_source.type                        'RIGAKU RU200' 
_diffrn_source.pdbx_synchrotron_site       ? 
_diffrn_source.pdbx_synchrotron_beamline   ? 
_diffrn_source.pdbx_wavelength             1.54 
_diffrn_source.pdbx_wavelength_list        ? 
# 
_reflns.entry_id                     1DTM 
_reflns.observed_criterion_sigma_I   ? 
_reflns.observed_criterion_sigma_F   ? 
_reflns.d_resolution_low             20.0 
_reflns.d_resolution_high            2.13 
_reflns.number_obs                   7356 
_reflns.number_all                   7356 
_reflns.percent_possible_obs         78.9 
_reflns.pdbx_Rmerge_I_obs            0.0360000 
_reflns.pdbx_Rsym_value              ? 
_reflns.pdbx_netI_over_sigmaI        12.54 
_reflns.B_iso_Wilson_estimate        23.3 
_reflns.pdbx_redundancy              2.63 
_reflns.R_free_details               ? 
_reflns.limit_h_max                  ? 
_reflns.limit_h_min                  ? 
_reflns.limit_k_max                  ? 
_reflns.limit_k_min                  ? 
_reflns.limit_l_max                  ? 
_reflns.limit_l_min                  ? 
_reflns.observed_criterion_F_max     ? 
_reflns.observed_criterion_F_min     ? 
_reflns.pdbx_chi_squared             ? 
_reflns.pdbx_scaling_rejects         ? 
_reflns.pdbx_ordinal                 1 
_reflns.pdbx_diffrn_id               1 
# 
_reflns_shell.d_res_high             2.13 
_reflns_shell.d_res_low              2.298 
_reflns_shell.percent_possible_all   49 
_reflns_shell.Rmerge_I_obs           0.1410000 
_reflns_shell.pdbx_Rsym_value        ? 
_reflns_shell.meanI_over_sigI_obs    ? 
_reflns_shell.pdbx_redundancy        1.51 
_reflns_shell.percent_possible_obs   ? 
_reflns_shell.number_unique_all      853 
_reflns_shell.number_measured_all    ? 
_reflns_shell.number_measured_obs    ? 
_reflns_shell.number_unique_obs      ? 
_reflns_shell.pdbx_chi_squared       ? 
_reflns_shell.pdbx_ordinal           1 
_reflns_shell.pdbx_diffrn_id         1 
# 
_refine.entry_id                                 1DTM 
_refine.ls_number_reflns_obs                     7356 
_refine.ls_number_reflns_all                     7356 
_refine.pdbx_ls_sigma_I                          ? 
_refine.pdbx_ls_sigma_F                          ? 
_refine.pdbx_data_cutoff_high_absF               ? 
_refine.pdbx_data_cutoff_low_absF                ? 
_refine.ls_d_res_low                             20.0 
_refine.ls_d_res_high                            2.13 
_refine.ls_percent_reflns_obs                    79 
_refine.ls_R_factor_obs                          0.1750000 
_refine.ls_R_factor_all                          0.1750000 
_refine.ls_R_factor_R_work                       ? 
_refine.ls_R_factor_R_free                       ? 
_refine.ls_R_factor_R_free_error                 ? 
_refine.ls_R_factor_R_free_error_details         ? 
_refine.ls_percent_reflns_R_free                 ? 
_refine.ls_number_reflns_R_free                  ? 
_refine.ls_number_parameters                     ? 
_refine.ls_number_restraints                     ? 
_refine.occupancy_min                            ? 
_refine.occupancy_max                            ? 
_refine.B_iso_mean                               ? 
_refine.aniso_B[1][1]                            ? 
_refine.aniso_B[2][2]                            ? 
_refine.aniso_B[3][3]                            ? 
_refine.aniso_B[1][2]                            ? 
_refine.aniso_B[1][3]                            ? 
_refine.aniso_B[2][3]                            ? 
_refine.solvent_model_details                    ? 
_refine.solvent_model_param_ksol                 ? 
_refine.solvent_model_param_bsol                 ? 
_refine.pdbx_ls_cross_valid_method               ? 
_refine.details                                  
'4-methyl imidazole built into an omit map in the proximal pocket after extensive all-atom refinement of the protein and heme' 
_refine.pdbx_starting_model                      ? 
_refine.pdbx_method_to_determine_struct          ? 
_refine.pdbx_isotropic_thermal_model             ? 
_refine.pdbx_stereochemistry_target_values       
;Bond length rmsd 0.02 angstroms, Bond angle 3.0 degrees, B-correlation 6 square angstroms, Trigonal planarity 0.02, Planar groups 0.02
;
_refine.pdbx_stereochem_target_val_spec_case     ? 
_refine.pdbx_R_Free_selection_details            ? 
_refine.pdbx_overall_ESU_R_Free                  ? 
_refine.overall_SU_B                             ? 
_refine.ls_redundancy_reflns_obs                 ? 
_refine.B_iso_min                                ? 
_refine.B_iso_max                                ? 
_refine.overall_SU_ML                            ? 
_refine.pdbx_overall_ESU_R                       ? 
_refine.pdbx_data_cutoff_high_rms_absF           ? 
_refine.pdbx_refine_id                           'X-RAY DIFFRACTION' 
_refine.pdbx_overall_phase_error                 ? 
_refine.correlation_coeff_Fo_to_Fc               ? 
_refine.correlation_coeff_Fo_to_Fc_free          ? 
_refine.pdbx_solvent_vdw_probe_radii             ? 
_refine.pdbx_solvent_ion_probe_radii             ? 
_refine.pdbx_solvent_shrinkage_radii             ? 
_refine.overall_SU_R_Cruickshank_DPI             ? 
_refine.overall_SU_R_free                        ? 
_refine.ls_wR_factor_R_free                      ? 
_refine.ls_wR_factor_R_work                      ? 
_refine.overall_FOM_free_R_set                   ? 
_refine.overall_FOM_work_R_set                   ? 
_refine.pdbx_diffrn_id                           1 
_refine.pdbx_TLS_residual_ADP_flag               ? 
_refine.pdbx_overall_SU_R_free_Cruickshank_DPI   ? 
_refine.pdbx_overall_SU_R_Blow_DPI               ? 
_refine.pdbx_overall_SU_R_free_Blow_DPI          ? 
# 
_refine_hist.pdbx_refine_id                   'X-RAY DIFFRACTION' 
_refine_hist.cycle_id                         LAST 
_refine_hist.pdbx_number_atoms_protein        1176 
_refine_hist.pdbx_number_atoms_nucleic_acid   0 
_refine_hist.pdbx_number_atoms_ligand         49 
_refine_hist.number_atoms_solvent             15 
_refine_hist.number_atoms_total               1240 
_refine_hist.d_res_high                       2.13 
_refine_hist.d_res_low                        20.0 
# 
loop_
_refine_ls_restr.type 
_refine_ls_restr.dev_ideal 
_refine_ls_restr.dev_ideal_target 
_refine_ls_restr.weight 
_refine_ls_restr.number 
_refine_ls_restr.pdbx_refine_id 
_refine_ls_restr.pdbx_restraint_function 
t_angle_deg 2.9   ? ? ? 'X-RAY DIFFRACTION' ? 
t_bond_d    0.019 ? ? ? 'X-RAY DIFFRACTION' ? 
# 
_struct.entry_id                  1DTM 
_struct.title                     
'CRYSTAL STRUCTURE OF THE SPERM-WHALE MYOGLOBIN MUTANT H93G COMPLEXED WITH 4-METHYLIMIDAZOLE, METAQUO FORM' 
_struct.pdbx_model_details        ? 
_struct.pdbx_CASP_flag            ? 
_struct.pdbx_model_type_details   ? 
# 
_struct_keywords.entry_id        1DTM 
_struct_keywords.pdbx_keywords   'OXYGEN STORAGE/TRANSPORT' 
_struct_keywords.text            'Heme protein, Myoglobin, ligand-substitution, OXYGEN STORAGE-TRANSPORT COMPLEX' 
# 
loop_
_struct_asym.id 
_struct_asym.pdbx_blank_PDB_chainid_flag 
_struct_asym.pdbx_modified 
_struct_asym.entity_id 
_struct_asym.details 
A N N 1 ? 
B N N 2 ? 
C N N 3 ? 
D N N 4 ? 
# 
_struct_ref.id                         1 
_struct_ref.db_name                    UNP 
_struct_ref.db_code                    MYG_PHYCA 
_struct_ref.entity_id                  1 
_struct_ref.pdbx_db_accession          P02185 
_struct_ref.pdbx_align_begin           ? 
_struct_ref.pdbx_seq_one_letter_code   ? 
_struct_ref.pdbx_db_isoform            ? 
# 
_struct_ref_seq.align_id                      1 
_struct_ref_seq.ref_id                        1 
_struct_ref_seq.pdbx_PDB_id_code              1DTM 
_struct_ref_seq.pdbx_strand_id                A 
_struct_ref_seq.seq_align_beg                 1 
_struct_ref_seq.pdbx_seq_align_beg_ins_code   ? 
_struct_ref_seq.seq_align_end                 153 
_struct_ref_seq.pdbx_seq_align_end_ins_code   ? 
_struct_ref_seq.pdbx_db_accession             P02185 
_struct_ref_seq.db_align_beg                  1 
_struct_ref_seq.pdbx_db_align_beg_ins_code    ? 
_struct_ref_seq.db_align_end                  153 
_struct_ref_seq.pdbx_db_align_end_ins_code    ? 
_struct_ref_seq.pdbx_auth_seq_align_beg       1 
_struct_ref_seq.pdbx_auth_seq_align_end       153 
# 
_struct_ref_seq_dif.align_id                     1 
_struct_ref_seq_dif.pdbx_pdb_id_code             1DTM 
_struct_ref_seq_dif.mon_id                       GLY 
_struct_ref_seq_dif.pdbx_pdb_strand_id           A 
_struct_ref_seq_dif.seq_num                      93 
_struct_ref_seq_dif.pdbx_pdb_ins_code            ? 
_struct_ref_seq_dif.pdbx_seq_db_name             UNP 
_struct_ref_seq_dif.pdbx_seq_db_accession_code   P02185 
_struct_ref_seq_dif.db_mon_id                    HIS 
_struct_ref_seq_dif.pdbx_seq_db_seq_num          93 
_struct_ref_seq_dif.details                      'engineered mutation' 
_struct_ref_seq_dif.pdbx_auth_seq_num            93 
_struct_ref_seq_dif.pdbx_ordinal                 1 
# 
_pdbx_struct_assembly.id                   1 
_pdbx_struct_assembly.details              author_defined_assembly 
_pdbx_struct_assembly.method_details       ? 
_pdbx_struct_assembly.oligomeric_details   monomeric 
_pdbx_struct_assembly.oligomeric_count     1 
# 
_pdbx_struct_assembly_gen.assembly_id       1 
_pdbx_struct_assembly_gen.oper_expression   1 
_pdbx_struct_assembly_gen.asym_id_list      A,B,C,D 
# 
_pdbx_struct_oper_list.id                   1 
_pdbx_struct_oper_list.type                 'identity operation' 
_pdbx_struct_oper_list.name                 1_555 
_pdbx_struct_oper_list.symmetry_operation   x,y,z 
_pdbx_struct_oper_list.matrix[1][1]         1.0000000000 
_pdbx_struct_oper_list.matrix[1][2]         0.0000000000 
_pdbx_struct_oper_list.matrix[1][3]         0.0000000000 
_pdbx_struct_oper_list.vector[1]            0.0000000000 
_pdbx_struct_oper_list.matrix[2][1]         0.0000000000 
_pdbx_struct_oper_list.matrix[2][2]         1.0000000000 
_pdbx_struct_oper_list.matrix[2][3]         0.0000000000 
_pdbx_struct_oper_list.vector[2]            0.0000000000 
_pdbx_struct_oper_list.matrix[3][1]         0.0000000000 
_pdbx_struct_oper_list.matrix[3][2]         0.0000000000 
_pdbx_struct_oper_list.matrix[3][3]         1.0000000000 
_pdbx_struct_oper_list.vector[3]            0.0000000000 
# 
_struct_biol.id        1 
_struct_biol.details   ? 
# 
loop_
_struct_conf.conf_type_id 
_struct_conf.id 
_struct_conf.pdbx_PDB_helix_id 
_struct_conf.beg_label_comp_id 
_struct_conf.beg_label_asym_id 
_struct_conf.beg_label_seq_id 
_struct_conf.pdbx_beg_PDB_ins_code 
_struct_conf.end_label_comp_id 
_struct_conf.end_label_asym_id 
_struct_conf.end_label_seq_id 
_struct_conf.pdbx_end_PDB_ins_code 
_struct_conf.beg_auth_comp_id 
_struct_conf.beg_auth_asym_id 
_struct_conf.beg_auth_seq_id 
_struct_conf.end_auth_comp_id 
_struct_conf.end_auth_asym_id 
_struct_conf.end_auth_seq_id 
_struct_conf.pdbx_PDB_helix_class 
_struct_conf.details 
_struct_conf.pdbx_PDB_helix_length 
HELX_P HELX_P1 1 SER A 3   ? GLU A 18  ? SER A 3   GLU A 18  1 ? 16 
HELX_P HELX_P2 2 ASP A 20  ? HIS A 36  ? ASP A 20  HIS A 36  1 ? 17 
HELX_P HELX_P3 3 PRO A 37  ? PHE A 43  ? PRO A 37  PHE A 43  5 ? 7  
HELX_P HELX_P4 4 THR A 51  ? SER A 58  ? THR A 51  SER A 58  1 ? 8  
HELX_P HELX_P5 5 SER A 58  ? LYS A 77  ? SER A 58  LYS A 77  1 ? 20 
HELX_P HELX_P6 6 HIS A 82  ? LYS A 96  ? HIS A 82  LYS A 96  1 ? 15 
HELX_P HELX_P7 7 PRO A 100 ? HIS A 119 ? PRO A 100 HIS A 119 1 ? 20 
HELX_P HELX_P8 8 PRO A 120 ? PHE A 123 ? PRO A 120 PHE A 123 5 ? 4  
HELX_P HELX_P9 9 GLY A 124 ? LEU A 149 ? GLY A 124 LEU A 149 1 ? 26 
# 
_struct_conf_type.id          HELX_P 
_struct_conf_type.criteria    ? 
_struct_conf_type.reference   ? 
# 
loop_
_struct_conn.id 
_struct_conn.conn_type_id 
_struct_conn.pdbx_leaving_atom_flag 
_struct_conn.pdbx_PDB_id 
_struct_conn.ptnr1_label_asym_id 
_struct_conn.ptnr1_label_comp_id 
_struct_conn.ptnr1_label_seq_id 
_struct_conn.ptnr1_label_atom_id 
_struct_conn.pdbx_ptnr1_label_alt_id 
_struct_conn.pdbx_ptnr1_PDB_ins_code 
_struct_conn.pdbx_ptnr1_standard_comp_id 
_struct_conn.ptnr1_symmetry 
_struct_conn.ptnr2_label_asym_id 
_struct_conn.ptnr2_label_comp_id 
_struct_conn.ptnr2_label_seq_id 
_struct_conn.ptnr2_label_atom_id 
_struct_conn.pdbx_ptnr2_label_alt_id 
_struct_conn.pdbx_ptnr2_PDB_ins_code 
_struct_conn.ptnr1_auth_asym_id 
_struct_conn.ptnr1_auth_comp_id 
_struct_conn.ptnr1_auth_seq_id 
_struct_conn.ptnr2_auth_asym_id 
_struct_conn.ptnr2_auth_comp_id 
_struct_conn.ptnr2_auth_seq_id 
_struct_conn.ptnr2_symmetry 
_struct_conn.pdbx_ptnr3_label_atom_id 
_struct_conn.pdbx_ptnr3_label_seq_id 
_struct_conn.pdbx_ptnr3_label_comp_id 
_struct_conn.pdbx_ptnr3_label_asym_id 
_struct_conn.pdbx_ptnr3_label_alt_id 
_struct_conn.pdbx_ptnr3_PDB_ins_code 
_struct_conn.details 
_struct_conn.pdbx_dist_value 
_struct_conn.pdbx_value_order 
_struct_conn.pdbx_role 
metalc1 metalc ? ? B HEM . FE ? ? ? 1_555 C 4MZ . NE2 ? ? A HEM 154 A 4MZ 155 1_555 ? ? ? ? ? ? ? 1.961 ? ? 
metalc2 metalc ? ? B HEM . FE ? ? ? 1_555 D HOH . O   ? ? A HEM 154 A HOH 156 1_555 ? ? ? ? ? ? ? 2.720 ? ? 
# 
_struct_conn_type.id          metalc 
_struct_conn_type.criteria    ? 
_struct_conn_type.reference   ? 
# 
loop_
_pdbx_struct_conn_angle.id 
_pdbx_struct_conn_angle.ptnr1_label_atom_id 
_pdbx_struct_conn_angle.ptnr1_label_alt_id 
_pdbx_struct_conn_angle.ptnr1_label_asym_id 
_pdbx_struct_conn_angle.ptnr1_label_comp_id 
_pdbx_struct_conn_angle.ptnr1_label_seq_id 
_pdbx_struct_conn_angle.ptnr1_auth_atom_id 
_pdbx_struct_conn_angle.ptnr1_auth_asym_id 
_pdbx_struct_conn_angle.ptnr1_auth_comp_id 
_pdbx_struct_conn_angle.ptnr1_auth_seq_id 
_pdbx_struct_conn_angle.ptnr1_PDB_ins_code 
_pdbx_struct_conn_angle.ptnr1_symmetry 
_pdbx_struct_conn_angle.ptnr2_label_atom_id 
_pdbx_struct_conn_angle.ptnr2_label_alt_id 
_pdbx_struct_conn_angle.ptnr2_label_asym_id 
_pdbx_struct_conn_angle.ptnr2_label_comp_id 
_pdbx_struct_conn_angle.ptnr2_label_seq_id 
_pdbx_struct_conn_angle.ptnr2_auth_atom_id 
_pdbx_struct_conn_angle.ptnr2_auth_asym_id 
_pdbx_struct_conn_angle.ptnr2_auth_comp_id 
_pdbx_struct_conn_angle.ptnr2_auth_seq_id 
_pdbx_struct_conn_angle.ptnr2_PDB_ins_code 
_pdbx_struct_conn_angle.ptnr2_symmetry 
_pdbx_struct_conn_angle.ptnr3_label_atom_id 
_pdbx_struct_conn_angle.ptnr3_label_alt_id 
_pdbx_struct_conn_angle.ptnr3_label_asym_id 
_pdbx_struct_conn_angle.ptnr3_label_comp_id 
_pdbx_struct_conn_angle.ptnr3_label_seq_id 
_pdbx_struct_conn_angle.ptnr3_auth_atom_id 
_pdbx_struct_conn_angle.ptnr3_auth_asym_id 
_pdbx_struct_conn_angle.ptnr3_auth_comp_id 
_pdbx_struct_conn_angle.ptnr3_auth_seq_id 
_pdbx_struct_conn_angle.ptnr3_PDB_ins_code 
_pdbx_struct_conn_angle.ptnr3_symmetry 
_pdbx_struct_conn_angle.value 
_pdbx_struct_conn_angle.value_esd 
1  NE2 ? C 4MZ . ? A 4MZ 155 ? 1_555 FE ? B HEM . ? A HEM 154 ? 1_555 NA ? B HEM . ? A HEM 154 ? 1_555 81.0  ? 
2  NE2 ? C 4MZ . ? A 4MZ 155 ? 1_555 FE ? B HEM . ? A HEM 154 ? 1_555 NB ? B HEM . ? A HEM 154 ? 1_555 87.3  ? 
3  NA  ? B HEM . ? A HEM 154 ? 1_555 FE ? B HEM . ? A HEM 154 ? 1_555 NB ? B HEM . ? A HEM 154 ? 1_555 88.8  ? 
4  NE2 ? C 4MZ . ? A 4MZ 155 ? 1_555 FE ? B HEM . ? A HEM 154 ? 1_555 NC ? B HEM . ? A HEM 154 ? 1_555 98.3  ? 
5  NA  ? B HEM . ? A HEM 154 ? 1_555 FE ? B HEM . ? A HEM 154 ? 1_555 NC ? B HEM . ? A HEM 154 ? 1_555 172.8 ? 
6  NB  ? B HEM . ? A HEM 154 ? 1_555 FE ? B HEM . ? A HEM 154 ? 1_555 NC ? B HEM . ? A HEM 154 ? 1_555 84.1  ? 
7  NE2 ? C 4MZ . ? A 4MZ 155 ? 1_555 FE ? B HEM . ? A HEM 154 ? 1_555 ND ? B HEM . ? A HEM 154 ? 1_555 90.9  ? 
8  NA  ? B HEM . ? A HEM 154 ? 1_555 FE ? B HEM . ? A HEM 154 ? 1_555 ND ? B HEM . ? A HEM 154 ? 1_555 87.3  ? 
9  NB  ? B HEM . ? A HEM 154 ? 1_555 FE ? B HEM . ? A HEM 154 ? 1_555 ND ? B HEM . ? A HEM 154 ? 1_555 175.9 ? 
10 NC  ? B HEM . ? A HEM 154 ? 1_555 FE ? B HEM . ? A HEM 154 ? 1_555 ND ? B HEM . ? A HEM 154 ? 1_555 99.9  ? 
11 NE2 ? C 4MZ . ? A 4MZ 155 ? 1_555 FE ? B HEM . ? A HEM 154 ? 1_555 O  ? D HOH . ? A HOH 156 ? 1_555 165.3 ? 
12 NA  ? B HEM . ? A HEM 154 ? 1_555 FE ? B HEM . ? A HEM 154 ? 1_555 O  ? D HOH . ? A HOH 156 ? 1_555 112.0 ? 
13 NB  ? B HEM . ? A HEM 154 ? 1_555 FE ? B HEM . ? A HEM 154 ? 1_555 O  ? D HOH . ? A HOH 156 ? 1_555 86.2  ? 
14 NC  ? B HEM . ? A HEM 154 ? 1_555 FE ? B HEM . ? A HEM 154 ? 1_555 O  ? D HOH . ? A HOH 156 ? 1_555 68.0  ? 
15 ND  ? B HEM . ? A HEM 154 ? 1_555 FE ? B HEM . ? A HEM 154 ? 1_555 O  ? D HOH . ? A HOH 156 ? 1_555 96.4  ? 
# 
loop_
_struct_site.id 
_struct_site.pdbx_evidence_code 
_struct_site.pdbx_auth_asym_id 
_struct_site.pdbx_auth_comp_id 
_struct_site.pdbx_auth_seq_id 
_struct_site.pdbx_auth_ins_code 
_struct_site.pdbx_num_residues 
_struct_site.details 
AC1 Software A HEM 154 ? 10 'BINDING SITE FOR RESIDUE HEM A 154' 
AC2 Software A 4MZ 155 ? 4  'BINDING SITE FOR RESIDUE 4MZ A 155' 
# 
loop_
_struct_site_gen.id 
_struct_site_gen.site_id 
_struct_site_gen.pdbx_num_res 
_struct_site_gen.label_comp_id 
_struct_site_gen.label_asym_id 
_struct_site_gen.label_seq_id 
_struct_site_gen.pdbx_auth_ins_code 
_struct_site_gen.auth_comp_id 
_struct_site_gen.auth_asym_id 
_struct_site_gen.auth_seq_id 
_struct_site_gen.label_atom_id 
_struct_site_gen.label_alt_id 
_struct_site_gen.symmetry 
_struct_site_gen.details 
1  AC1 10 PHE A 43  ? PHE A 43  . ? 1_555 ? 
2  AC1 10 VAL A 68  ? VAL A 68  . ? 1_555 ? 
3  AC1 10 LEU A 89  ? LEU A 89  . ? 1_555 ? 
4  AC1 10 SER A 92  ? SER A 92  . ? 1_555 ? 
5  AC1 10 HIS A 97  ? HIS A 97  . ? 1_555 ? 
6  AC1 10 ILE A 99  ? ILE A 99  . ? 1_555 ? 
7  AC1 10 TYR A 103 ? TYR A 103 . ? 1_555 ? 
8  AC1 10 4MZ C .   ? 4MZ A 155 . ? 1_555 ? 
9  AC1 10 HOH D .   ? HOH A 156 . ? 1_555 ? 
10 AC1 10 HOH D .   ? HOH A 166 . ? 1_555 ? 
11 AC2 4  LEU A 89  ? LEU A 89  . ? 1_555 ? 
12 AC2 4  SER A 92  ? SER A 92  . ? 1_555 ? 
13 AC2 4  HIS A 97  ? HIS A 97  . ? 1_555 ? 
14 AC2 4  HEM B .   ? HEM A 154 . ? 1_555 ? 
# 
loop_
_pdbx_validate_rmsd_bond.id 
_pdbx_validate_rmsd_bond.PDB_model_num 
_pdbx_validate_rmsd_bond.auth_atom_id_1 
_pdbx_validate_rmsd_bond.auth_asym_id_1 
_pdbx_validate_rmsd_bond.auth_comp_id_1 
_pdbx_validate_rmsd_bond.auth_seq_id_1 
_pdbx_validate_rmsd_bond.PDB_ins_code_1 
_pdbx_validate_rmsd_bond.label_alt_id_1 
_pdbx_validate_rmsd_bond.auth_atom_id_2 
_pdbx_validate_rmsd_bond.auth_asym_id_2 
_pdbx_validate_rmsd_bond.auth_comp_id_2 
_pdbx_validate_rmsd_bond.auth_seq_id_2 
_pdbx_validate_rmsd_bond.PDB_ins_code_2 
_pdbx_validate_rmsd_bond.label_alt_id_2 
_pdbx_validate_rmsd_bond.bond_value 
_pdbx_validate_rmsd_bond.bond_target_value 
_pdbx_validate_rmsd_bond.bond_deviation 
_pdbx_validate_rmsd_bond.bond_standard_deviation 
_pdbx_validate_rmsd_bond.linker_flag 
1 1 CD A GLU 4   ? ? OE2 A GLU 4   ? ? 1.332 1.252 0.080 0.011 N 
2 1 CD A GLU 18  ? ? OE2 A GLU 18  ? ? 1.336 1.252 0.084 0.011 N 
3 1 CD A GLU 38  ? ? OE2 A GLU 38  ? ? 1.333 1.252 0.081 0.011 N 
4 1 CG A HIS 64  ? ? CD2 A HIS 64  ? ? 1.412 1.354 0.058 0.009 N 
5 1 CD A GLU 148 ? ? OE2 A GLU 148 ? ? 1.343 1.252 0.091 0.011 N 
# 
loop_
_pdbx_validate_rmsd_angle.id 
_pdbx_validate_rmsd_angle.PDB_model_num 
_pdbx_validate_rmsd_angle.auth_atom_id_1 
_pdbx_validate_rmsd_angle.auth_asym_id_1 
_pdbx_validate_rmsd_angle.auth_comp_id_1 
_pdbx_validate_rmsd_angle.auth_seq_id_1 
_pdbx_validate_rmsd_angle.PDB_ins_code_1 
_pdbx_validate_rmsd_angle.label_alt_id_1 
_pdbx_validate_rmsd_angle.auth_atom_id_2 
_pdbx_validate_rmsd_angle.auth_asym_id_2 
_pdbx_validate_rmsd_angle.auth_comp_id_2 
_pdbx_validate_rmsd_angle.auth_seq_id_2 
_pdbx_validate_rmsd_angle.PDB_ins_code_2 
_pdbx_validate_rmsd_angle.label_alt_id_2 
_pdbx_validate_rmsd_angle.auth_atom_id_3 
_pdbx_validate_rmsd_angle.auth_asym_id_3 
_pdbx_validate_rmsd_angle.auth_comp_id_3 
_pdbx_validate_rmsd_angle.auth_seq_id_3 
_pdbx_validate_rmsd_angle.PDB_ins_code_3 
_pdbx_validate_rmsd_angle.label_alt_id_3 
_pdbx_validate_rmsd_angle.angle_value 
_pdbx_validate_rmsd_angle.angle_target_value 
_pdbx_validate_rmsd_angle.angle_deviation 
_pdbx_validate_rmsd_angle.angle_standard_deviation 
_pdbx_validate_rmsd_angle.linker_flag 
1  1 CB A ASP 20  ? ? CG A ASP 20  ? ? OD2 A ASP 20  ? ? 112.32 118.30 -5.98  0.90 N 
2  1 CD A ARG 31  ? ? NE A ARG 31  ? ? CZ  A ARG 31  ? ? 133.33 123.60 9.73   1.40 N 
3  1 NE A ARG 31  ? ? CZ A ARG 31  ? ? NH1 A ARG 31  ? ? 124.81 120.30 4.51   0.50 N 
4  1 NE A ARG 31  ? ? CZ A ARG 31  ? ? NH2 A ARG 31  ? ? 117.21 120.30 -3.09  0.50 N 
5  1 C  A HIS 36  ? ? N  A PRO 37  ? ? CD  A PRO 37  ? ? 115.69 128.40 -12.71 2.10 Y 
6  1 CB A HIS 64  ? ? CA A HIS 64  ? ? C   A HIS 64  ? ? 123.73 110.40 13.33  2.00 N 
7  1 CB A GLN 91  ? ? CA A GLN 91  ? ? C   A GLN 91  ? ? 94.31  110.40 -16.09 2.00 N 
8  1 CB A ASP 122 ? ? CG A ASP 122 ? ? OD2 A ASP 122 ? ? 111.10 118.30 -7.20  0.90 N 
9  1 CB A ASP 141 ? ? CG A ASP 141 ? ? OD1 A ASP 141 ? ? 125.15 118.30 6.85   0.90 N 
10 1 CB A ASP 141 ? ? CG A ASP 141 ? ? OD2 A ASP 141 ? ? 112.66 118.30 -5.64  0.90 N 
11 1 CB A TYR 146 ? ? CG A TYR 146 ? ? CD1 A TYR 146 ? ? 117.05 121.00 -3.95  0.60 N 
# 
loop_
_pdbx_validate_torsion.id 
_pdbx_validate_torsion.PDB_model_num 
_pdbx_validate_torsion.auth_comp_id 
_pdbx_validate_torsion.auth_asym_id 
_pdbx_validate_torsion.auth_seq_id 
_pdbx_validate_torsion.PDB_ins_code 
_pdbx_validate_torsion.label_alt_id 
_pdbx_validate_torsion.phi 
_pdbx_validate_torsion.psi 
1 1 HIS A 36 ? ? -150.74 76.43  
2 1 HIS A 81 ? ? -99.35  57.78  
3 1 LYS A 96 ? ? -92.06  -69.26 
# 
_pdbx_unobs_or_zero_occ_residues.id               1 
_pdbx_unobs_or_zero_occ_residues.PDB_model_num    1 
_pdbx_unobs_or_zero_occ_residues.polymer_flag     Y 
_pdbx_unobs_or_zero_occ_residues.occupancy_flag   1 
_pdbx_unobs_or_zero_occ_residues.auth_asym_id     A 
_pdbx_unobs_or_zero_occ_residues.auth_comp_id     GLY 
_pdbx_unobs_or_zero_occ_residues.auth_seq_id      153 
_pdbx_unobs_or_zero_occ_residues.PDB_ins_code     ? 
_pdbx_unobs_or_zero_occ_residues.label_asym_id    A 
_pdbx_unobs_or_zero_occ_residues.label_comp_id    GLY 
_pdbx_unobs_or_zero_occ_residues.label_seq_id     153 
# 
loop_
_chem_comp_atom.comp_id 
_chem_comp_atom.atom_id 
_chem_comp_atom.type_symbol 
_chem_comp_atom.pdbx_aromatic_flag 
_chem_comp_atom.pdbx_stereo_config 
_chem_comp_atom.pdbx_ordinal 
4MZ CG   C  Y N 1   
4MZ ND1  N  Y N 2   
4MZ CD2  C  Y N 3   
4MZ CE1  C  Y N 4   
4MZ NE2  N  Y N 5   
4MZ C4   C  N N 6   
4MZ HD2  H  N N 7   
4MZ HE1  H  N N 8   
4MZ HE2  H  N N 9   
4MZ H41  H  N N 10  
4MZ H42  H  N N 11  
4MZ H43  H  N N 12  
ALA N    N  N N 13  
ALA CA   C  N S 14  
ALA C    C  N N 15  
ALA O    O  N N 16  
ALA CB   C  N N 17  
ALA OXT  O  N N 18  
ALA H    H  N N 19  
ALA H2   H  N N 20  
ALA HA   H  N N 21  
ALA HB1  H  N N 22  
ALA HB2  H  N N 23  
ALA HB3  H  N N 24  
ALA HXT  H  N N 25  
ARG N    N  N N 26  
ARG CA   C  N S 27  
ARG C    C  N N 28  
ARG O    O  N N 29  
ARG CB   C  N N 30  
ARG CG   C  N N 31  
ARG CD   C  N N 32  
ARG NE   N  N N 33  
ARG CZ   C  N N 34  
ARG NH1  N  N N 35  
ARG NH2  N  N N 36  
ARG OXT  O  N N 37  
ARG H    H  N N 38  
ARG H2   H  N N 39  
ARG HA   H  N N 40  
ARG HB2  H  N N 41  
ARG HB3  H  N N 42  
ARG HG2  H  N N 43  
ARG HG3  H  N N 44  
ARG HD2  H  N N 45  
ARG HD3  H  N N 46  
ARG HE   H  N N 47  
ARG HH11 H  N N 48  
ARG HH12 H  N N 49  
ARG HH21 H  N N 50  
ARG HH22 H  N N 51  
ARG HXT  H  N N 52  
ASN N    N  N N 53  
ASN CA   C  N S 54  
ASN C    C  N N 55  
ASN O    O  N N 56  
ASN CB   C  N N 57  
ASN CG   C  N N 58  
ASN OD1  O  N N 59  
ASN ND2  N  N N 60  
ASN OXT  O  N N 61  
ASN H    H  N N 62  
ASN H2   H  N N 63  
ASN HA   H  N N 64  
ASN HB2  H  N N 65  
ASN HB3  H  N N 66  
ASN HD21 H  N N 67  
ASN HD22 H  N N 68  
ASN HXT  H  N N 69  
ASP N    N  N N 70  
ASP CA   C  N S 71  
ASP C    C  N N 72  
ASP O    O  N N 73  
ASP CB   C  N N 74  
ASP CG   C  N N 75  
ASP OD1  O  N N 76  
ASP OD2  O  N N 77  
ASP OXT  O  N N 78  
ASP H    H  N N 79  
ASP H2   H  N N 80  
ASP HA   H  N N 81  
ASP HB2  H  N N 82  
ASP HB3  H  N N 83  
ASP HD2  H  N N 84  
ASP HXT  H  N N 85  
GLN N    N  N N 86  
GLN CA   C  N S 87  
GLN C    C  N N 88  
GLN O    O  N N 89  
GLN CB   C  N N 90  
GLN CG   C  N N 91  
GLN CD   C  N N 92  
GLN OE1  O  N N 93  
GLN NE2  N  N N 94  
GLN OXT  O  N N 95  
GLN H    H  N N 96  
GLN H2   H  N N 97  
GLN HA   H  N N 98  
GLN HB2  H  N N 99  
GLN HB3  H  N N 100 
GLN HG2  H  N N 101 
GLN HG3  H  N N 102 
GLN HE21 H  N N 103 
GLN HE22 H  N N 104 
GLN HXT  H  N N 105 
GLU N    N  N N 106 
GLU CA   C  N S 107 
GLU C    C  N N 108 
GLU O    O  N N 109 
GLU CB   C  N N 110 
GLU CG   C  N N 111 
GLU CD   C  N N 112 
GLU OE1  O  N N 113 
GLU OE2  O  N N 114 
GLU OXT  O  N N 115 
GLU H    H  N N 116 
GLU H2   H  N N 117 
GLU HA   H  N N 118 
GLU HB2  H  N N 119 
GLU HB3  H  N N 120 
GLU HG2  H  N N 121 
GLU HG3  H  N N 122 
GLU HE2  H  N N 123 
GLU HXT  H  N N 124 
GLY N    N  N N 125 
GLY CA   C  N N 126 
GLY C    C  N N 127 
GLY O    O  N N 128 
GLY OXT  O  N N 129 
GLY H    H  N N 130 
GLY H2   H  N N 131 
GLY HA2  H  N N 132 
GLY HA3  H  N N 133 
GLY HXT  H  N N 134 
HEM CHA  C  N N 135 
HEM CHB  C  N N 136 
HEM CHC  C  N N 137 
HEM CHD  C  N N 138 
HEM C1A  C  Y N 139 
HEM C2A  C  Y N 140 
HEM C3A  C  Y N 141 
HEM C4A  C  Y N 142 
HEM CMA  C  N N 143 
HEM CAA  C  N N 144 
HEM CBA  C  N N 145 
HEM CGA  C  N N 146 
HEM O1A  O  N N 147 
HEM O2A  O  N N 148 
HEM C1B  C  N N 149 
HEM C2B  C  N N 150 
HEM C3B  C  N N 151 
HEM C4B  C  N N 152 
HEM CMB  C  N N 153 
HEM CAB  C  N N 154 
HEM CBB  C  N N 155 
HEM C1C  C  Y N 156 
HEM C2C  C  Y N 157 
HEM C3C  C  Y N 158 
HEM C4C  C  Y N 159 
HEM CMC  C  N N 160 
HEM CAC  C  N N 161 
HEM CBC  C  N N 162 
HEM C1D  C  N N 163 
HEM C2D  C  N N 164 
HEM C3D  C  N N 165 
HEM C4D  C  N N 166 
HEM CMD  C  N N 167 
HEM CAD  C  N N 168 
HEM CBD  C  N N 169 
HEM CGD  C  N N 170 
HEM O1D  O  N N 171 
HEM O2D  O  N N 172 
HEM NA   N  Y N 173 
HEM NB   N  N N 174 
HEM NC   N  Y N 175 
HEM ND   N  N N 176 
HEM FE   FE N N 177 
HEM HHB  H  N N 178 
HEM HHC  H  N N 179 
HEM HHD  H  N N 180 
HEM HMA  H  N N 181 
HEM HMAA H  N N 182 
HEM HMAB H  N N 183 
HEM HAA  H  N N 184 
HEM HAAA H  N N 185 
HEM HBA  H  N N 186 
HEM HBAA H  N N 187 
HEM HMB  H  N N 188 
HEM HMBA H  N N 189 
HEM HMBB H  N N 190 
HEM HAB  H  N N 191 
HEM HBB  H  N N 192 
HEM HBBA H  N N 193 
HEM HMC  H  N N 194 
HEM HMCA H  N N 195 
HEM HMCB H  N N 196 
HEM HAC  H  N N 197 
HEM HBC  H  N N 198 
HEM HBCA H  N N 199 
HEM HMD  H  N N 200 
HEM HMDA H  N N 201 
HEM HMDB H  N N 202 
HEM HAD  H  N N 203 
HEM HADA H  N N 204 
HEM HBD  H  N N 205 
HEM HBDA H  N N 206 
HEM H2A  H  N N 207 
HEM H2D  H  N N 208 
HEM HHA  H  N N 209 
HIS N    N  N N 210 
HIS CA   C  N S 211 
HIS C    C  N N 212 
HIS O    O  N N 213 
HIS CB   C  N N 214 
HIS CG   C  Y N 215 
HIS ND1  N  Y N 216 
HIS CD2  C  Y N 217 
HIS CE1  C  Y N 218 
HIS NE2  N  Y N 219 
HIS OXT  O  N N 220 
HIS H    H  N N 221 
HIS H2   H  N N 222 
HIS HA   H  N N 223 
HIS HB2  H  N N 224 
HIS HB3  H  N N 225 
HIS HD1  H  N N 226 
HIS HD2  H  N N 227 
HIS HE1  H  N N 228 
HIS HE2  H  N N 229 
HIS HXT  H  N N 230 
HOH O    O  N N 231 
HOH H1   H  N N 232 
HOH H2   H  N N 233 
ILE N    N  N N 234 
ILE CA   C  N S 235 
ILE C    C  N N 236 
ILE O    O  N N 237 
ILE CB   C  N S 238 
ILE CG1  C  N N 239 
ILE CG2  C  N N 240 
ILE CD1  C  N N 241 
ILE OXT  O  N N 242 
ILE H    H  N N 243 
ILE H2   H  N N 244 
ILE HA   H  N N 245 
ILE HB   H  N N 246 
ILE HG12 H  N N 247 
ILE HG13 H  N N 248 
ILE HG21 H  N N 249 
ILE HG22 H  N N 250 
ILE HG23 H  N N 251 
ILE HD11 H  N N 252 
ILE HD12 H  N N 253 
ILE HD13 H  N N 254 
ILE HXT  H  N N 255 
LEU N    N  N N 256 
LEU CA   C  N S 257 
LEU C    C  N N 258 
LEU O    O  N N 259 
LEU CB   C  N N 260 
LEU CG   C  N N 261 
LEU CD1  C  N N 262 
LEU CD2  C  N N 263 
LEU OXT  O  N N 264 
LEU H    H  N N 265 
LEU H2   H  N N 266 
LEU HA   H  N N 267 
LEU HB2  H  N N 268 
LEU HB3  H  N N 269 
LEU HG   H  N N 270 
LEU HD11 H  N N 271 
LEU HD12 H  N N 272 
LEU HD13 H  N N 273 
LEU HD21 H  N N 274 
LEU HD22 H  N N 275 
LEU HD23 H  N N 276 
LEU HXT  H  N N 277 
LYS N    N  N N 278 
LYS CA   C  N S 279 
LYS C    C  N N 280 
LYS O    O  N N 281 
LYS CB   C  N N 282 
LYS CG   C  N N 283 
LYS CD   C  N N 284 
LYS CE   C  N N 285 
LYS NZ   N  N N 286 
LYS OXT  O  N N 287 
LYS H    H  N N 288 
LYS H2   H  N N 289 
LYS HA   H  N N 290 
LYS HB2  H  N N 291 
LYS HB3  H  N N 292 
LYS HG2  H  N N 293 
LYS HG3  H  N N 294 
LYS HD2  H  N N 295 
LYS HD3  H  N N 296 
LYS HE2  H  N N 297 
LYS HE3  H  N N 298 
LYS HZ1  H  N N 299 
LYS HZ2  H  N N 300 
LYS HZ3  H  N N 301 
LYS HXT  H  N N 302 
MET N    N  N N 303 
MET CA   C  N S 304 
MET C    C  N N 305 
MET O    O  N N 306 
MET CB   C  N N 307 
MET CG   C  N N 308 
MET SD   S  N N 309 
MET CE   C  N N 310 
MET OXT  O  N N 311 
MET H    H  N N 312 
MET H2   H  N N 313 
MET HA   H  N N 314 
MET HB2  H  N N 315 
MET HB3  H  N N 316 
MET HG2  H  N N 317 
MET HG3  H  N N 318 
MET HE1  H  N N 319 
MET HE2  H  N N 320 
MET HE3  H  N N 321 
MET HXT  H  N N 322 
PHE N    N  N N 323 
PHE CA   C  N S 324 
PHE C    C  N N 325 
PHE O    O  N N 326 
PHE CB   C  N N 327 
PHE CG   C  Y N 328 
PHE CD1  C  Y N 329 
PHE CD2  C  Y N 330 
PHE CE1  C  Y N 331 
PHE CE2  C  Y N 332 
PHE CZ   C  Y N 333 
PHE OXT  O  N N 334 
PHE H    H  N N 335 
PHE H2   H  N N 336 
PHE HA   H  N N 337 
PHE HB2  H  N N 338 
PHE HB3  H  N N 339 
PHE HD1  H  N N 340 
PHE HD2  H  N N 341 
PHE HE1  H  N N 342 
PHE HE2  H  N N 343 
PHE HZ   H  N N 344 
PHE HXT  H  N N 345 
PRO N    N  N N 346 
PRO CA   C  N S 347 
PRO C    C  N N 348 
PRO O    O  N N 349 
PRO CB   C  N N 350 
PRO CG   C  N N 351 
PRO CD   C  N N 352 
PRO OXT  O  N N 353 
PRO H    H  N N 354 
PRO HA   H  N N 355 
PRO HB2  H  N N 356 
PRO HB3  H  N N 357 
PRO HG2  H  N N 358 
PRO HG3  H  N N 359 
PRO HD2  H  N N 360 
PRO HD3  H  N N 361 
PRO HXT  H  N N 362 
SER N    N  N N 363 
SER CA   C  N S 364 
SER C    C  N N 365 
SER O    O  N N 366 
SER CB   C  N N 367 
SER OG   O  N N 368 
SER OXT  O  N N 369 
SER H    H  N N 370 
SER H2   H  N N 371 
SER HA   H  N N 372 
SER HB2  H  N N 373 
SER HB3  H  N N 374 
SER HG   H  N N 375 
SER HXT  H  N N 376 
THR N    N  N N 377 
THR CA   C  N S 378 
THR C    C  N N 379 
THR O    O  N N 380 
THR CB   C  N R 381 
THR OG1  O  N N 382 
THR CG2  C  N N 383 
THR OXT  O  N N 384 
THR H    H  N N 385 
THR H2   H  N N 386 
THR HA   H  N N 387 
THR HB   H  N N 388 
THR HG1  H  N N 389 
THR HG21 H  N N 390 
THR HG22 H  N N 391 
THR HG23 H  N N 392 
THR HXT  H  N N 393 
TRP N    N  N N 394 
TRP CA   C  N S 395 
TRP C    C  N N 396 
TRP O    O  N N 397 
TRP CB   C  N N 398 
TRP CG   C  Y N 399 
TRP CD1  C  Y N 400 
TRP CD2  C  Y N 401 
TRP NE1  N  Y N 402 
TRP CE2  C  Y N 403 
TRP CE3  C  Y N 404 
TRP CZ2  C  Y N 405 
TRP CZ3  C  Y N 406 
TRP CH2  C  Y N 407 
TRP OXT  O  N N 408 
TRP H    H  N N 409 
TRP H2   H  N N 410 
TRP HA   H  N N 411 
TRP HB2  H  N N 412 
TRP HB3  H  N N 413 
TRP HD1  H  N N 414 
TRP HE1  H  N N 415 
TRP HE3  H  N N 416 
TRP HZ2  H  N N 417 
TRP HZ3  H  N N 418 
TRP HH2  H  N N 419 
TRP HXT  H  N N 420 
TYR N    N  N N 421 
TYR CA   C  N S 422 
TYR C    C  N N 423 
TYR O    O  N N 424 
TYR CB   C  N N 425 
TYR CG   C  Y N 426 
TYR CD1  C  Y N 427 
TYR CD2  C  Y N 428 
TYR CE1  C  Y N 429 
TYR CE2  C  Y N 430 
TYR CZ   C  Y N 431 
TYR OH   O  N N 432 
TYR OXT  O  N N 433 
TYR H    H  N N 434 
TYR H2   H  N N 435 
TYR HA   H  N N 436 
TYR HB2  H  N N 437 
TYR HB3  H  N N 438 
TYR HD1  H  N N 439 
TYR HD2  H  N N 440 
TYR HE1  H  N N 441 
TYR HE2  H  N N 442 
TYR HH   H  N N 443 
TYR HXT  H  N N 444 
VAL N    N  N N 445 
VAL CA   C  N S 446 
VAL C    C  N N 447 
VAL O    O  N N 448 
VAL CB   C  N N 449 
VAL CG1  C  N N 450 
VAL CG2  C  N N 451 
VAL OXT  O  N N 452 
VAL H    H  N N 453 
VAL H2   H  N N 454 
VAL HA   H  N N 455 
VAL HB   H  N N 456 
VAL HG11 H  N N 457 
VAL HG12 H  N N 458 
VAL HG13 H  N N 459 
VAL HG21 H  N N 460 
VAL HG22 H  N N 461 
VAL HG23 H  N N 462 
VAL HXT  H  N N 463 
# 
loop_
_chem_comp_bond.comp_id 
_chem_comp_bond.atom_id_1 
_chem_comp_bond.atom_id_2 
_chem_comp_bond.value_order 
_chem_comp_bond.pdbx_aromatic_flag 
_chem_comp_bond.pdbx_stereo_config 
_chem_comp_bond.pdbx_ordinal 
4MZ CG  ND1  sing Y N 1   
4MZ CG  CD2  doub Y N 2   
4MZ CG  C4   sing N N 3   
4MZ ND1 CE1  doub Y N 4   
4MZ CD2 NE2  sing Y N 5   
4MZ CD2 HD2  sing N N 6   
4MZ CE1 NE2  sing Y N 7   
4MZ CE1 HE1  sing N N 8   
4MZ NE2 HE2  sing N N 9   
4MZ C4  H41  sing N N 10  
4MZ C4  H42  sing N N 11  
4MZ C4  H43  sing N N 12  
ALA N   CA   sing N N 13  
ALA N   H    sing N N 14  
ALA N   H2   sing N N 15  
ALA CA  C    sing N N 16  
ALA CA  CB   sing N N 17  
ALA CA  HA   sing N N 18  
ALA C   O    doub N N 19  
ALA C   OXT  sing N N 20  
ALA CB  HB1  sing N N 21  
ALA CB  HB2  sing N N 22  
ALA CB  HB3  sing N N 23  
ALA OXT HXT  sing N N 24  
ARG N   CA   sing N N 25  
ARG N   H    sing N N 26  
ARG N   H2   sing N N 27  
ARG CA  C    sing N N 28  
ARG CA  CB   sing N N 29  
ARG CA  HA   sing N N 30  
ARG C   O    doub N N 31  
ARG C   OXT  sing N N 32  
ARG CB  CG   sing N N 33  
ARG CB  HB2  sing N N 34  
ARG CB  HB3  sing N N 35  
ARG CG  CD   sing N N 36  
ARG CG  HG2  sing N N 37  
ARG CG  HG3  sing N N 38  
ARG CD  NE   sing N N 39  
ARG CD  HD2  sing N N 40  
ARG CD  HD3  sing N N 41  
ARG NE  CZ   sing N N 42  
ARG NE  HE   sing N N 43  
ARG CZ  NH1  sing N N 44  
ARG CZ  NH2  doub N N 45  
ARG NH1 HH11 sing N N 46  
ARG NH1 HH12 sing N N 47  
ARG NH2 HH21 sing N N 48  
ARG NH2 HH22 sing N N 49  
ARG OXT HXT  sing N N 50  
ASN N   CA   sing N N 51  
ASN N   H    sing N N 52  
ASN N   H2   sing N N 53  
ASN CA  C    sing N N 54  
ASN CA  CB   sing N N 55  
ASN CA  HA   sing N N 56  
ASN C   O    doub N N 57  
ASN C   OXT  sing N N 58  
ASN CB  CG   sing N N 59  
ASN CB  HB2  sing N N 60  
ASN CB  HB3  sing N N 61  
ASN CG  OD1  doub N N 62  
ASN CG  ND2  sing N N 63  
ASN ND2 HD21 sing N N 64  
ASN ND2 HD22 sing N N 65  
ASN OXT HXT  sing N N 66  
ASP N   CA   sing N N 67  
ASP N   H    sing N N 68  
ASP N   H2   sing N N 69  
ASP CA  C    sing N N 70  
ASP CA  CB   sing N N 71  
ASP CA  HA   sing N N 72  
ASP C   O    doub N N 73  
ASP C   OXT  sing N N 74  
ASP CB  CG   sing N N 75  
ASP CB  HB2  sing N N 76  
ASP CB  HB3  sing N N 77  
ASP CG  OD1  doub N N 78  
ASP CG  OD2  sing N N 79  
ASP OD2 HD2  sing N N 80  
ASP OXT HXT  sing N N 81  
GLN N   CA   sing N N 82  
GLN N   H    sing N N 83  
GLN N   H2   sing N N 84  
GLN CA  C    sing N N 85  
GLN CA  CB   sing N N 86  
GLN CA  HA   sing N N 87  
GLN C   O    doub N N 88  
GLN C   OXT  sing N N 89  
GLN CB  CG   sing N N 90  
GLN CB  HB2  sing N N 91  
GLN CB  HB3  sing N N 92  
GLN CG  CD   sing N N 93  
GLN CG  HG2  sing N N 94  
GLN CG  HG3  sing N N 95  
GLN CD  OE1  doub N N 96  
GLN CD  NE2  sing N N 97  
GLN NE2 HE21 sing N N 98  
GLN NE2 HE22 sing N N 99  
GLN OXT HXT  sing N N 100 
GLU N   CA   sing N N 101 
GLU N   H    sing N N 102 
GLU N   H2   sing N N 103 
GLU CA  C    sing N N 104 
GLU CA  CB   sing N N 105 
GLU CA  HA   sing N N 106 
GLU C   O    doub N N 107 
GLU C   OXT  sing N N 108 
GLU CB  CG   sing N N 109 
GLU CB  HB2  sing N N 110 
GLU CB  HB3  sing N N 111 
GLU CG  CD   sing N N 112 
GLU CG  HG2  sing N N 113 
GLU CG  HG3  sing N N 114 
GLU CD  OE1  doub N N 115 
GLU CD  OE2  sing N N 116 
GLU OE2 HE2  sing N N 117 
GLU OXT HXT  sing N N 118 
GLY N   CA   sing N N 119 
GLY N   H    sing N N 120 
GLY N   H2   sing N N 121 
GLY CA  C    sing N N 122 
GLY CA  HA2  sing N N 123 
GLY CA  HA3  sing N N 124 
GLY C   O    doub N N 125 
GLY C   OXT  sing N N 126 
GLY OXT HXT  sing N N 127 
HEM CHA C1A  sing N N 128 
HEM CHA C4D  doub N N 129 
HEM CHA HHA  sing N N 130 
HEM CHB C4A  sing N N 131 
HEM CHB C1B  doub N N 132 
HEM CHB HHB  sing N N 133 
HEM CHC C4B  sing N N 134 
HEM CHC C1C  doub N N 135 
HEM CHC HHC  sing N N 136 
HEM CHD C4C  doub N N 137 
HEM CHD C1D  sing N N 138 
HEM CHD HHD  sing N N 139 
HEM C1A C2A  doub Y N 140 
HEM C1A NA   sing Y N 141 
HEM C2A C3A  sing Y N 142 
HEM C2A CAA  sing N N 143 
HEM C3A C4A  doub Y N 144 
HEM C3A CMA  sing N N 145 
HEM C4A NA   sing Y N 146 
HEM CMA HMA  sing N N 147 
HEM CMA HMAA sing N N 148 
HEM CMA HMAB sing N N 149 
HEM CAA CBA  sing N N 150 
HEM CAA HAA  sing N N 151 
HEM CAA HAAA sing N N 152 
HEM CBA CGA  sing N N 153 
HEM CBA HBA  sing N N 154 
HEM CBA HBAA sing N N 155 
HEM CGA O1A  doub N N 156 
HEM CGA O2A  sing N N 157 
HEM C1B C2B  sing N N 158 
HEM C1B NB   sing N N 159 
HEM C2B C3B  doub N N 160 
HEM C2B CMB  sing N N 161 
HEM C3B C4B  sing N N 162 
HEM C3B CAB  sing N N 163 
HEM C4B NB   doub N N 164 
HEM CMB HMB  sing N N 165 
HEM CMB HMBA sing N N 166 
HEM CMB HMBB sing N N 167 
HEM CAB CBB  doub N N 168 
HEM CAB HAB  sing N N 169 
HEM CBB HBB  sing N N 170 
HEM CBB HBBA sing N N 171 
HEM C1C C2C  sing Y N 172 
HEM C1C NC   sing Y N 173 
HEM C2C C3C  doub Y N 174 
HEM C2C CMC  sing N N 175 
HEM C3C C4C  sing Y N 176 
HEM C3C CAC  sing N N 177 
HEM C4C NC   sing Y N 178 
HEM CMC HMC  sing N N 179 
HEM CMC HMCA sing N N 180 
HEM CMC HMCB sing N N 181 
HEM CAC CBC  doub N N 182 
HEM CAC HAC  sing N N 183 
HEM CBC HBC  sing N N 184 
HEM CBC HBCA sing N N 185 
HEM C1D C2D  sing N N 186 
HEM C1D ND   doub N N 187 
HEM C2D C3D  doub N N 188 
HEM C2D CMD  sing N N 189 
HEM C3D C4D  sing N N 190 
HEM C3D CAD  sing N N 191 
HEM C4D ND   sing N N 192 
HEM CMD HMD  sing N N 193 
HEM CMD HMDA sing N N 194 
HEM CMD HMDB sing N N 195 
HEM CAD CBD  sing N N 196 
HEM CAD HAD  sing N N 197 
HEM CAD HADA sing N N 198 
HEM CBD CGD  sing N N 199 
HEM CBD HBD  sing N N 200 
HEM CBD HBDA sing N N 201 
HEM CGD O1D  doub N N 202 
HEM CGD O2D  sing N N 203 
HEM O2A H2A  sing N N 204 
HEM O2D H2D  sing N N 205 
HEM FE  NA   sing N N 206 
HEM FE  NB   sing N N 207 
HEM FE  NC   sing N N 208 
HEM FE  ND   sing N N 209 
HIS N   CA   sing N N 210 
HIS N   H    sing N N 211 
HIS N   H2   sing N N 212 
HIS CA  C    sing N N 213 
HIS CA  CB   sing N N 214 
HIS CA  HA   sing N N 215 
HIS C   O    doub N N 216 
HIS C   OXT  sing N N 217 
HIS CB  CG   sing N N 218 
HIS CB  HB2  sing N N 219 
HIS CB  HB3  sing N N 220 
HIS CG  ND1  sing Y N 221 
HIS CG  CD2  doub Y N 222 
HIS ND1 CE1  doub Y N 223 
HIS ND1 HD1  sing N N 224 
HIS CD2 NE2  sing Y N 225 
HIS CD2 HD2  sing N N 226 
HIS CE1 NE2  sing Y N 227 
HIS CE1 HE1  sing N N 228 
HIS NE2 HE2  sing N N 229 
HIS OXT HXT  sing N N 230 
HOH O   H1   sing N N 231 
HOH O   H2   sing N N 232 
ILE N   CA   sing N N 233 
ILE N   H    sing N N 234 
ILE N   H2   sing N N 235 
ILE CA  C    sing N N 236 
ILE CA  CB   sing N N 237 
ILE CA  HA   sing N N 238 
ILE C   O    doub N N 239 
ILE C   OXT  sing N N 240 
ILE CB  CG1  sing N N 241 
ILE CB  CG2  sing N N 242 
ILE CB  HB   sing N N 243 
ILE CG1 CD1  sing N N 244 
ILE CG1 HG12 sing N N 245 
ILE CG1 HG13 sing N N 246 
ILE CG2 HG21 sing N N 247 
ILE CG2 HG22 sing N N 248 
ILE CG2 HG23 sing N N 249 
ILE CD1 HD11 sing N N 250 
ILE CD1 HD12 sing N N 251 
ILE CD1 HD13 sing N N 252 
ILE OXT HXT  sing N N 253 
LEU N   CA   sing N N 254 
LEU N   H    sing N N 255 
LEU N   H2   sing N N 256 
LEU CA  C    sing N N 257 
LEU CA  CB   sing N N 258 
LEU CA  HA   sing N N 259 
LEU C   O    doub N N 260 
LEU C   OXT  sing N N 261 
LEU CB  CG   sing N N 262 
LEU CB  HB2  sing N N 263 
LEU CB  HB3  sing N N 264 
LEU CG  CD1  sing N N 265 
LEU CG  CD2  sing N N 266 
LEU CG  HG   sing N N 267 
LEU CD1 HD11 sing N N 268 
LEU CD1 HD12 sing N N 269 
LEU CD1 HD13 sing N N 270 
LEU CD2 HD21 sing N N 271 
LEU CD2 HD22 sing N N 272 
LEU CD2 HD23 sing N N 273 
LEU OXT HXT  sing N N 274 
LYS N   CA   sing N N 275 
LYS N   H    sing N N 276 
LYS N   H2   sing N N 277 
LYS CA  C    sing N N 278 
LYS CA  CB   sing N N 279 
LYS CA  HA   sing N N 280 
LYS C   O    doub N N 281 
LYS C   OXT  sing N N 282 
LYS CB  CG   sing N N 283 
LYS CB  HB2  sing N N 284 
LYS CB  HB3  sing N N 285 
LYS CG  CD   sing N N 286 
LYS CG  HG2  sing N N 287 
LYS CG  HG3  sing N N 288 
LYS CD  CE   sing N N 289 
LYS CD  HD2  sing N N 290 
LYS CD  HD3  sing N N 291 
LYS CE  NZ   sing N N 292 
LYS CE  HE2  sing N N 293 
LYS CE  HE3  sing N N 294 
LYS NZ  HZ1  sing N N 295 
LYS NZ  HZ2  sing N N 296 
LYS NZ  HZ3  sing N N 297 
LYS OXT HXT  sing N N 298 
MET N   CA   sing N N 299 
MET N   H    sing N N 300 
MET N   H2   sing N N 301 
MET CA  C    sing N N 302 
MET CA  CB   sing N N 303 
MET CA  HA   sing N N 304 
MET C   O    doub N N 305 
MET C   OXT  sing N N 306 
MET CB  CG   sing N N 307 
MET CB  HB2  sing N N 308 
MET CB  HB3  sing N N 309 
MET CG  SD   sing N N 310 
MET CG  HG2  sing N N 311 
MET CG  HG3  sing N N 312 
MET SD  CE   sing N N 313 
MET CE  HE1  sing N N 314 
MET CE  HE2  sing N N 315 
MET CE  HE3  sing N N 316 
MET OXT HXT  sing N N 317 
PHE N   CA   sing N N 318 
PHE N   H    sing N N 319 
PHE N   H2   sing N N 320 
PHE CA  C    sing N N 321 
PHE CA  CB   sing N N 322 
PHE CA  HA   sing N N 323 
PHE C   O    doub N N 324 
PHE C   OXT  sing N N 325 
PHE CB  CG   sing N N 326 
PHE CB  HB2  sing N N 327 
PHE CB  HB3  sing N N 328 
PHE CG  CD1  doub Y N 329 
PHE CG  CD2  sing Y N 330 
PHE CD1 CE1  sing Y N 331 
PHE CD1 HD1  sing N N 332 
PHE CD2 CE2  doub Y N 333 
PHE CD2 HD2  sing N N 334 
PHE CE1 CZ   doub Y N 335 
PHE CE1 HE1  sing N N 336 
PHE CE2 CZ   sing Y N 337 
PHE CE2 HE2  sing N N 338 
PHE CZ  HZ   sing N N 339 
PHE OXT HXT  sing N N 340 
PRO N   CA   sing N N 341 
PRO N   CD   sing N N 342 
PRO N   H    sing N N 343 
PRO CA  C    sing N N 344 
PRO CA  CB   sing N N 345 
PRO CA  HA   sing N N 346 
PRO C   O    doub N N 347 
PRO C   OXT  sing N N 348 
PRO CB  CG   sing N N 349 
PRO CB  HB2  sing N N 350 
PRO CB  HB3  sing N N 351 
PRO CG  CD   sing N N 352 
PRO CG  HG2  sing N N 353 
PRO CG  HG3  sing N N 354 
PRO CD  HD2  sing N N 355 
PRO CD  HD3  sing N N 356 
PRO OXT HXT  sing N N 357 
SER N   CA   sing N N 358 
SER N   H    sing N N 359 
SER N   H2   sing N N 360 
SER CA  C    sing N N 361 
SER CA  CB   sing N N 362 
SER CA  HA   sing N N 363 
SER C   O    doub N N 364 
SER C   OXT  sing N N 365 
SER CB  OG   sing N N 366 
SER CB  HB2  sing N N 367 
SER CB  HB3  sing N N 368 
SER OG  HG   sing N N 369 
SER OXT HXT  sing N N 370 
THR N   CA   sing N N 371 
THR N   H    sing N N 372 
THR N   H2   sing N N 373 
THR CA  C    sing N N 374 
THR CA  CB   sing N N 375 
THR CA  HA   sing N N 376 
THR C   O    doub N N 377 
THR C   OXT  sing N N 378 
THR CB  OG1  sing N N 379 
THR CB  CG2  sing N N 380 
THR CB  HB   sing N N 381 
THR OG1 HG1  sing N N 382 
THR CG2 HG21 sing N N 383 
THR CG2 HG22 sing N N 384 
THR CG2 HG23 sing N N 385 
THR OXT HXT  sing N N 386 
TRP N   CA   sing N N 387 
TRP N   H    sing N N 388 
TRP N   H2   sing N N 389 
TRP CA  C    sing N N 390 
TRP CA  CB   sing N N 391 
TRP CA  HA   sing N N 392 
TRP C   O    doub N N 393 
TRP C   OXT  sing N N 394 
TRP CB  CG   sing N N 395 
TRP CB  HB2  sing N N 396 
TRP CB  HB3  sing N N 397 
TRP CG  CD1  doub Y N 398 
TRP CG  CD2  sing Y N 399 
TRP CD1 NE1  sing Y N 400 
TRP CD1 HD1  sing N N 401 
TRP CD2 CE2  doub Y N 402 
TRP CD2 CE3  sing Y N 403 
TRP NE1 CE2  sing Y N 404 
TRP NE1 HE1  sing N N 405 
TRP CE2 CZ2  sing Y N 406 
TRP CE3 CZ3  doub Y N 407 
TRP CE3 HE3  sing N N 408 
TRP CZ2 CH2  doub Y N 409 
TRP CZ2 HZ2  sing N N 410 
TRP CZ3 CH2  sing Y N 411 
TRP CZ3 HZ3  sing N N 412 
TRP CH2 HH2  sing N N 413 
TRP OXT HXT  sing N N 414 
TYR N   CA   sing N N 415 
TYR N   H    sing N N 416 
TYR N   H2   sing N N 417 
TYR CA  C    sing N N 418 
TYR CA  CB   sing N N 419 
TYR CA  HA   sing N N 420 
TYR C   O    doub N N 421 
TYR C   OXT  sing N N 422 
TYR CB  CG   sing N N 423 
TYR CB  HB2  sing N N 424 
TYR CB  HB3  sing N N 425 
TYR CG  CD1  doub Y N 426 
TYR CG  CD2  sing Y N 427 
TYR CD1 CE1  sing Y N 428 
TYR CD1 HD1  sing N N 429 
TYR CD2 CE2  doub Y N 430 
TYR CD2 HD2  sing N N 431 
TYR CE1 CZ   doub Y N 432 
TYR CE1 HE1  sing N N 433 
TYR CE2 CZ   sing Y N 434 
TYR CE2 HE2  sing N N 435 
TYR CZ  OH   sing N N 436 
TYR OH  HH   sing N N 437 
TYR OXT HXT  sing N N 438 
VAL N   CA   sing N N 439 
VAL N   H    sing N N 440 
VAL N   H2   sing N N 441 
VAL CA  C    sing N N 442 
VAL CA  CB   sing N N 443 
VAL CA  HA   sing N N 444 
VAL C   O    doub N N 445 
VAL C   OXT  sing N N 446 
VAL CB  CG1  sing N N 447 
VAL CB  CG2  sing N N 448 
VAL CB  HB   sing N N 449 
VAL CG1 HG11 sing N N 450 
VAL CG1 HG12 sing N N 451 
VAL CG1 HG13 sing N N 452 
VAL CG2 HG21 sing N N 453 
VAL CG2 HG22 sing N N 454 
VAL CG2 HG23 sing N N 455 
VAL OXT HXT  sing N N 456 
# 
_atom_sites.entry_id                    1DTM 
_atom_sites.fract_transf_matrix[1][1]   0.00199068 
_atom_sites.fract_transf_matrix[1][2]   0.02471902 
_atom_sites.fract_transf_matrix[1][3]   0.00121914 
_atom_sites.fract_transf_matrix[2][1]   0.01575471 
_atom_sites.fract_transf_matrix[2][2]   -0.00190513 
_atom_sites.fract_transf_matrix[2][3]   0.01290290 
_atom_sites.fract_transf_matrix[3][1]   0.00801486 
_atom_sites.fract_transf_matrix[3][2]   -0.00016162 
_atom_sites.fract_transf_matrix[3][3]   -0.00981017 
_atom_sites.fract_transf_vector[1]      -0.013325 
_atom_sites.fract_transf_vector[2]      0.524535 
_atom_sites.fract_transf_vector[3]      -0.048245 
# 
loop_
_atom_type.symbol 
C  
FE 
N  
O  
S  
# 
loop_
_atom_site.group_PDB 
_atom_site.id 
_atom_site.type_symbol 
_atom_site.label_atom_id 
_atom_site.label_alt_id 
_atom_site.label_comp_id 
_atom_site.label_asym_id 
_atom_site.label_entity_id 
_atom_site.label_seq_id 
_atom_site.pdbx_PDB_ins_code 
_atom_site.Cartn_x 
_atom_site.Cartn_y 
_atom_site.Cartn_z 
_atom_site.occupancy 
_atom_site.B_iso_or_equiv 
_atom_site.pdbx_formal_charge 
_atom_site.auth_seq_id 
_atom_site.auth_comp_id 
_atom_site.auth_asym_id 
_atom_site.auth_atom_id 
_atom_site.pdbx_PDB_model_num 
ATOM   1    N  N   . VAL A 1 1   ? 1.027   -7.297  -17.875 1.00 53.70  ? 1   VAL A N   1 
ATOM   2    C  CA  . VAL A 1 1   ? 2.223   -6.492  -17.673 1.00 57.51  ? 1   VAL A CA  1 
ATOM   3    C  C   . VAL A 1 1   ? 2.108   -4.969  -17.954 1.00 51.03  ? 1   VAL A C   1 
ATOM   4    O  O   . VAL A 1 1   ? 1.126   -4.502  -18.535 1.00 49.04  ? 1   VAL A O   1 
ATOM   5    C  CB  . VAL A 1 1   ? 3.479   -7.186  -18.239 1.00 67.03  ? 1   VAL A CB  1 
ATOM   6    C  CG1 . VAL A 1 1   ? 3.695   -6.857  -19.720 1.00 62.67  ? 1   VAL A CG1 1 
ATOM   7    C  CG2 . VAL A 1 1   ? 4.710   -6.864  -17.380 1.00 72.11  ? 1   VAL A CG2 1 
ATOM   8    N  N   . LEU A 1 2   ? 3.103   -4.175  -17.488 1.00 40.84  ? 2   LEU A N   1 
ATOM   9    C  CA  . LEU A 1 2   ? 3.140   -2.704  -17.668 1.00 34.16  ? 2   LEU A CA  1 
ATOM   10   C  C   . LEU A 1 2   ? 4.280   -2.381  -18.601 1.00 35.27  ? 2   LEU A C   1 
ATOM   11   O  O   . LEU A 1 2   ? 5.332   -3.048  -18.540 1.00 39.50  ? 2   LEU A O   1 
ATOM   12   C  CB  . LEU A 1 2   ? 3.413   -1.854  -16.371 1.00 29.47  ? 2   LEU A CB  1 
ATOM   13   C  CG  . LEU A 1 2   ? 2.355   -1.727  -15.268 1.00 24.65  ? 2   LEU A CG  1 
ATOM   14   C  CD1 . LEU A 1 2   ? 2.179   -3.045  -14.520 1.00 21.52  ? 2   LEU A CD1 1 
ATOM   15   C  CD2 . LEU A 1 2   ? 2.869   -0.720  -14.243 1.00 23.07  ? 2   LEU A CD2 1 
ATOM   16   N  N   . SER A 1 3   ? 4.094   -1.330  -19.398 1.00 17.29  ? 3   SER A N   1 
ATOM   17   C  CA  . SER A 1 3   ? 5.142   -0.851  -20.286 1.00 15.01  ? 3   SER A CA  1 
ATOM   18   C  C   . SER A 1 3   ? 6.228   -0.086  -19.539 1.00 19.46  ? 3   SER A C   1 
ATOM   19   O  O   . SER A 1 3   ? 5.945   0.400   -18.420 1.00 18.00  ? 3   SER A O   1 
ATOM   20   C  CB  . SER A 1 3   ? 4.603   0.077   -21.421 1.00 16.32  ? 3   SER A CB  1 
ATOM   21   O  OG  . SER A 1 3   ? 4.137   1.257   -20.831 1.00 20.63  ? 3   SER A OG  1 
ATOM   22   N  N   . GLU A 1 4   ? 7.415   0.090   -20.227 1.00 21.73  ? 4   GLU A N   1 
ATOM   23   C  CA  . GLU A 1 4   ? 8.522   0.854   -19.677 1.00 28.94  ? 4   GLU A CA  1 
ATOM   24   C  C   . GLU A 1 4   ? 8.127   2.237   -19.264 1.00 30.44  ? 4   GLU A C   1 
ATOM   25   O  O   . GLU A 1 4   ? 8.513   2.675   -18.158 1.00 33.27  ? 4   GLU A O   1 
ATOM   26   C  CB  . GLU A 1 4   ? 9.962   0.770   -20.298 1.00 37.20  ? 4   GLU A CB  1 
ATOM   27   C  CG  . GLU A 1 4   ? 11.074  1.457   -19.416 1.00 50.59  ? 4   GLU A CG  1 
ATOM   28   C  CD  . GLU A 1 4   ? 11.749  0.605   -18.329 1.00 100.00 ? 4   GLU A CD  1 
ATOM   29   O  OE1 . GLU A 1 4   ? 11.586  -0.608  -18.220 1.00 100.00 ? 4   GLU A OE1 1 
ATOM   30   O  OE2 . GLU A 1 4   ? 12.556  1.298   -17.528 1.00 100.00 ? 4   GLU A OE2 1 
ATOM   31   N  N   . GLY A 1 5   ? 7.300   2.811   -20.135 1.00 21.55  ? 5   GLY A N   1 
ATOM   32   C  CA  . GLY A 1 5   ? 6.716   4.129   -19.973 1.00 21.58  ? 5   GLY A CA  1 
ATOM   33   C  C   . GLY A 1 5   ? 5.863   4.233   -18.758 1.00 27.77  ? 5   GLY A C   1 
ATOM   34   O  O   . GLY A 1 5   ? 5.935   5.200   -18.034 1.00 31.63  ? 5   GLY A O   1 
ATOM   35   N  N   . GLU A 1 6   ? 5.067   3.208   -18.552 1.00 22.19  ? 6   GLU A N   1 
ATOM   36   C  CA  . GLU A 1 6   ? 4.233   3.145   -17.393 1.00 17.97  ? 6   GLU A CA  1 
ATOM   37   C  C   . GLU A 1 6   ? 5.065   2.962   -16.166 1.00 22.32  ? 6   GLU A C   1 
ATOM   38   O  O   . GLU A 1 6   ? 4.842   3.521   -15.063 1.00 17.07  ? 6   GLU A O   1 
ATOM   39   C  CB  . GLU A 1 6   ? 3.406   1.902   -17.533 1.00 21.29  ? 6   GLU A CB  1 
ATOM   40   C  CG  . GLU A 1 6   ? 2.195   2.320   -18.351 1.00 19.50  ? 6   GLU A CG  1 
ATOM   41   C  CD  . GLU A 1 6   ? 1.459   1.191   -18.972 1.00 27.14  ? 6   GLU A CD  1 
ATOM   42   O  OE1 . GLU A 1 6   ? 0.301   1.307   -19.280 1.00 31.68  ? 6   GLU A OE1 1 
ATOM   43   O  OE2 . GLU A 1 6   ? 2.208   0.167   -19.296 1.00 34.72  ? 6   GLU A OE2 1 
ATOM   44   N  N   . TRP A 1 7   ? 6.076   2.157   -16.336 1.00 13.18  ? 7   TRP A N   1 
ATOM   45   C  CA  . TRP A 1 7   ? 6.830   2.072   -15.113 1.00 13.98  ? 7   TRP A CA  1 
ATOM   46   C  C   . TRP A 1 7   ? 7.471   3.425   -14.711 1.00 21.19  ? 7   TRP A C   1 
ATOM   47   O  O   . TRP A 1 7   ? 7.659   3.763   -13.517 1.00 13.94  ? 7   TRP A O   1 
ATOM   48   C  CB  . TRP A 1 7   ? 7.960   1.031   -15.216 1.00 15.50  ? 7   TRP A CB  1 
ATOM   49   C  CG  . TRP A 1 7   ? 7.429   -0.380  -14.950 1.00 23.44  ? 7   TRP A CG  1 
ATOM   50   C  CD1 . TRP A 1 7   ? 7.342   -1.374  -15.883 1.00 25.16  ? 7   TRP A CD1 1 
ATOM   51   C  CD2 . TRP A 1 7   ? 6.873   -0.940  -13.721 1.00 20.43  ? 7   TRP A CD2 1 
ATOM   52   N  NE1 . TRP A 1 7   ? 6.893   -2.512  -15.301 1.00 24.26  ? 7   TRP A NE1 1 
ATOM   53   C  CE2 . TRP A 1 7   ? 6.455   -2.256  -14.031 1.00 27.73  ? 7   TRP A CE2 1 
ATOM   54   C  CE3 . TRP A 1 7   ? 6.533   -0.429  -12.460 1.00 21.58  ? 7   TRP A CE3 1 
ATOM   55   C  CZ2 . TRP A 1 7   ? 5.789   -3.103  -13.086 1.00 24.38  ? 7   TRP A CZ2 1 
ATOM   56   C  CZ3 . TRP A 1 7   ? 5.881   -1.254  -11.530 1.00 25.27  ? 7   TRP A CZ3 1 
ATOM   57   C  CH2 . TRP A 1 7   ? 5.524   -2.585  -11.823 1.00 25.06  ? 7   TRP A CH2 1 
ATOM   58   N  N   . GLN A 1 8   ? 7.937   4.199   -15.715 1.00 16.86  ? 8   GLN A N   1 
ATOM   59   C  CA  . GLN A 1 8   ? 8.646   5.351   -15.268 1.00 14.83  ? 8   GLN A CA  1 
ATOM   60   C  C   . GLN A 1 8   ? 7.764   6.337   -14.592 1.00 18.47  ? 8   GLN A C   1 
ATOM   61   O  O   . GLN A 1 8   ? 8.219   7.010   -13.708 1.00 27.46  ? 8   GLN A O   1 
ATOM   62   C  CB  . GLN A 1 8   ? 9.225   5.970   -16.426 1.00 17.04  ? 8   GLN A CB  1 
ATOM   63   C  CG  . GLN A 1 8   ? 10.366  5.126   -16.948 1.00 11.12  ? 8   GLN A CG  1 
ATOM   64   C  CD  . GLN A 1 8   ? 11.239  6.045   -17.810 1.00 50.15  ? 8   GLN A CD  1 
ATOM   65   O  OE1 . GLN A 1 8   ? 11.515  7.257   -17.525 1.00 77.47  ? 8   GLN A OE1 1 
ATOM   66   N  NE2 . GLN A 1 8   ? 11.619  5.473   -18.921 1.00 23.75  ? 8   GLN A NE2 1 
ATOM   67   N  N   . LEU A 1 9   ? 6.517   6.376   -15.046 1.00 10.47  ? 9   LEU A N   1 
ATOM   68   C  CA  . LEU A 1 9   ? 5.540   7.217   -14.447 1.00 14.33  ? 9   LEU A CA  1 
ATOM   69   C  C   . LEU A 1 9   ? 5.345   6.777   -13.010 1.00 26.16  ? 9   LEU A C   1 
ATOM   70   O  O   . LEU A 1 9   ? 5.195   7.593   -12.137 1.00 21.44  ? 9   LEU A O   1 
ATOM   71   C  CB  . LEU A 1 9   ? 4.127   7.153   -15.093 1.00 15.83  ? 9   LEU A CB  1 
ATOM   72   C  CG  . LEU A 1 9   ? 4.037   7.685   -16.526 1.00 23.10  ? 9   LEU A CG  1 
ATOM   73   C  CD1 . LEU A 1 9   ? 2.636   7.438   -17.054 1.00 17.73  ? 9   LEU A CD1 1 
ATOM   74   C  CD2 . LEU A 1 9   ? 4.285   9.179   -16.562 1.00 30.63  ? 9   LEU A CD2 1 
ATOM   75   N  N   . VAL A 1 10  ? 5.268   5.460   -12.763 1.00 20.85  ? 10  VAL A N   1 
ATOM   76   C  CA  . VAL A 1 10  ? 5.032   4.993   -11.400 1.00 16.29  ? 10  VAL A CA  1 
ATOM   77   C  C   . VAL A 1 10  ? 6.197   5.384   -10.475 1.00 12.78  ? 10  VAL A C   1 
ATOM   78   O  O   . VAL A 1 10  ? 6.086   5.907   -9.346  1.00 12.66  ? 10  VAL A O   1 
ATOM   79   C  CB  . VAL A 1 10  ? 4.787   3.448   -11.380 1.00 15.19  ? 10  VAL A CB  1 
ATOM   80   C  CG1 . VAL A 1 10  ? 5.013   2.919   -9.987  1.00 13.12  ? 10  VAL A CG1 1 
ATOM   81   C  CG2 . VAL A 1 10  ? 3.432   2.981   -11.953 1.00 7.99   ? 10  VAL A CG2 1 
ATOM   82   N  N   . LEU A 1 11  ? 7.382   5.175   -11.007 1.00 15.55  ? 11  LEU A N   1 
ATOM   83   C  CA  . LEU A 1 11  ? 8.503   5.557   -10.168 1.00 25.47  ? 11  LEU A CA  1 
ATOM   84   C  C   . LEU A 1 11  ? 8.741   7.065   -10.076 1.00 30.83  ? 11  LEU A C   1 
ATOM   85   O  O   . LEU A 1 11  ? 9.370   7.594   -9.178  1.00 15.07  ? 11  LEU A O   1 
ATOM   86   C  CB  . LEU A 1 11  ? 9.739   4.854   -10.666 1.00 25.35  ? 11  LEU A CB  1 
ATOM   87   C  CG  . LEU A 1 11  ? 9.403   3.360   -10.666 1.00 32.41  ? 11  LEU A CG  1 
ATOM   88   C  CD1 . LEU A 1 11  ? 10.480  2.678   -11.461 1.00 29.21  ? 11  LEU A CD1 1 
ATOM   89   C  CD2 . LEU A 1 11  ? 9.372   2.761   -9.252  1.00 31.38  ? 11  LEU A CD2 1 
ATOM   90   N  N   . HIS A 1 12  ? 8.245   7.764   -11.056 1.00 26.51  ? 12  HIS A N   1 
ATOM   91   C  CA  . HIS A 1 12  ? 8.392   9.149   -11.013 1.00 22.34  ? 12  HIS A CA  1 
ATOM   92   C  C   . HIS A 1 12  ? 7.508   9.644   -9.889  1.00 23.08  ? 12  HIS A C   1 
ATOM   93   O  O   . HIS A 1 12  ? 7.871   10.504  -9.123  1.00 17.94  ? 12  HIS A O   1 
ATOM   94   C  CB  . HIS A 1 12  ? 7.905   9.619   -12.353 1.00 25.32  ? 12  HIS A CB  1 
ATOM   95   C  CG  . HIS A 1 12  ? 7.833   11.086  -12.351 1.00 36.37  ? 12  HIS A CG  1 
ATOM   96   N  ND1 . HIS A 1 12  ? 8.834   11.876  -12.861 1.00 39.90  ? 12  HIS A ND1 1 
ATOM   97   C  CD2 . HIS A 1 12  ? 6.830   11.898  -11.902 1.00 42.81  ? 12  HIS A CD2 1 
ATOM   98   C  CE1 . HIS A 1 12  ? 8.412   13.123  -12.699 1.00 36.35  ? 12  HIS A CE1 1 
ATOM   99   N  NE2 . HIS A 1 12  ? 7.216   13.189  -12.118 1.00 36.98  ? 12  HIS A NE2 1 
ATOM   100  N  N   . VAL A 1 13  ? 6.321   9.124   -9.728  1.00 23.61  ? 13  VAL A N   1 
ATOM   101  C  CA  . VAL A 1 13  ? 5.644   9.653   -8.568  1.00 23.92  ? 13  VAL A CA  1 
ATOM   102  C  C   . VAL A 1 13  ? 6.253   9.032   -7.351  1.00 28.88  ? 13  VAL A C   1 
ATOM   103  O  O   . VAL A 1 13  ? 6.173   9.571   -6.248  1.00 24.27  ? 13  VAL A O   1 
ATOM   104  C  CB  . VAL A 1 13  ? 4.169   9.301   -8.346  1.00 29.72  ? 13  VAL A CB  1 
ATOM   105  C  CG1 . VAL A 1 13  ? 3.406   10.593  -8.087  1.00 29.67  ? 13  VAL A CG1 1 
ATOM   106  C  CG2 . VAL A 1 13  ? 3.586   8.576   -9.503  1.00 29.23  ? 13  VAL A CG2 1 
ATOM   107  N  N   . TRP A 1 14  ? 6.724   7.792   -7.479  1.00 29.59  ? 14  TRP A N   1 
ATOM   108  C  CA  . TRP A 1 14  ? 7.189   7.212   -6.215  1.00 22.84  ? 14  TRP A CA  1 
ATOM   109  C  C   . TRP A 1 14  ? 8.195   8.074   -5.483  1.00 18.87  ? 14  TRP A C   1 
ATOM   110  O  O   . TRP A 1 14  ? 8.159   8.164   -4.269  1.00 19.14  ? 14  TRP A O   1 
ATOM   111  C  CB  . TRP A 1 14  ? 7.626   5.737   -6.333  1.00 16.21  ? 14  TRP A CB  1 
ATOM   112  C  CG  . TRP A 1 14  ? 7.558   5.131   -4.974  1.00 12.16  ? 14  TRP A CG  1 
ATOM   113  C  CD1 . TRP A 1 14  ? 8.640   4.862   -4.196  1.00 13.36  ? 14  TRP A CD1 1 
ATOM   114  C  CD2 . TRP A 1 14  ? 6.387   4.640   -4.261  1.00 7.34   ? 14  TRP A CD2 1 
ATOM   115  N  NE1 . TRP A 1 14  ? 8.211   4.407   -2.970  1.00 18.10  ? 14  TRP A NE1 1 
ATOM   116  C  CE2 . TRP A 1 14  ? 6.833   4.250   -2.966  1.00 10.61  ? 14  TRP A CE2 1 
ATOM   117  C  CE3 . TRP A 1 14  ? 5.042   4.654   -4.521  1.00 10.27  ? 14  TRP A CE3 1 
ATOM   118  C  CZ2 . TRP A 1 14  ? 6.001   3.736   -1.982  1.00 8.11   ? 14  TRP A CZ2 1 
ATOM   119  C  CZ3 . TRP A 1 14  ? 4.170   4.166   -3.538  1.00 16.90  ? 14  TRP A CZ3 1 
ATOM   120  C  CH2 . TRP A 1 14  ? 4.645   3.757   -2.273  1.00 16.84  ? 14  TRP A CH2 1 
ATOM   121  N  N   . ALA A 1 15  ? 9.053   8.752   -6.272  1.00 19.25  ? 15  ALA A N   1 
ATOM   122  C  CA  . ALA A 1 15  ? 10.186  9.651   -5.908  1.00 12.99  ? 15  ALA A CA  1 
ATOM   123  C  C   . ALA A 1 15  ? 9.769   10.721  -4.956  1.00 17.62  ? 15  ALA A C   1 
ATOM   124  O  O   . ALA A 1 15  ? 10.397  10.919  -3.932  1.00 18.85  ? 15  ALA A O   1 
ATOM   125  C  CB  . ALA A 1 15  ? 10.868  10.158  -7.147  1.00 9.70   ? 15  ALA A CB  1 
ATOM   126  N  N   . LYS A 1 16  ? 8.577   11.280  -5.221  1.00 18.59  ? 16  LYS A N   1 
ATOM   127  C  CA  . LYS A 1 16  ? 7.913   12.275  -4.349  1.00 16.60  ? 16  LYS A CA  1 
ATOM   128  C  C   . LYS A 1 16  ? 7.358   11.714  -3.025  1.00 16.67  ? 16  LYS A C   1 
ATOM   129  O  O   . LYS A 1 16  ? 7.301   12.309  -1.937  1.00 26.12  ? 16  LYS A O   1 
ATOM   130  C  CB  . LYS A 1 16  ? 6.727   12.740  -5.169  1.00 23.98  ? 16  LYS A CB  1 
ATOM   131  C  CG  . LYS A 1 16  ? 7.181   13.252  -6.529  1.00 47.67  ? 16  LYS A CG  1 
ATOM   132  C  CD  . LYS A 1 16  ? 7.700   14.698  -6.593  1.00 75.31  ? 16  LYS A CD  1 
ATOM   133  C  CE  . LYS A 1 16  ? 7.455   15.377  -7.955  1.00 35.75  ? 16  LYS A CE  1 
ATOM   134  N  NZ  . LYS A 1 16  ? 8.589   16.197  -8.449  1.00 93.82  ? 16  LYS A NZ  1 
ATOM   135  N  N   . VAL A 1 17  ? 6.904   10.484  -3.091  1.00 19.35  ? 17  VAL A N   1 
ATOM   136  C  CA  . VAL A 1 17  ? 6.414   9.914   -1.896  1.00 12.88  ? 17  VAL A CA  1 
ATOM   137  C  C   . VAL A 1 17  ? 7.607   9.849   -1.026  1.00 15.43  ? 17  VAL A C   1 
ATOM   138  O  O   . VAL A 1 17  ? 7.480   10.033  0.165   1.00 16.86  ? 17  VAL A O   1 
ATOM   139  C  CB  . VAL A 1 17  ? 6.041   8.415   -2.049  1.00 13.08  ? 17  VAL A CB  1 
ATOM   140  C  CG1 . VAL A 1 17  ? 5.899   7.871   -0.635  1.00 18.57  ? 17  VAL A CG1 1 
ATOM   141  C  CG2 . VAL A 1 17  ? 4.703   8.120   -2.706  1.00 10.04  ? 17  VAL A CG2 1 
ATOM   142  N  N   . GLU A 1 18  ? 8.722   9.480   -1.668  1.00 15.98  ? 18  GLU A N   1 
ATOM   143  C  CA  . GLU A 1 18  ? 10.000  9.274   -0.989  1.00 20.12  ? 18  GLU A CA  1 
ATOM   144  C  C   . GLU A 1 18  ? 10.590  10.476  -0.200  1.00 40.10  ? 18  GLU A C   1 
ATOM   145  O  O   . GLU A 1 18  ? 11.386  10.328  0.759   1.00 45.10  ? 18  GLU A O   1 
ATOM   146  C  CB  . GLU A 1 18  ? 10.976  8.792   -2.010  1.00 20.01  ? 18  GLU A CB  1 
ATOM   147  C  CG  . GLU A 1 18  ? 11.439  7.371   -1.756  1.00 23.94  ? 18  GLU A CG  1 
ATOM   148  C  CD  . GLU A 1 18  ? 12.187  6.766   -2.907  1.00 31.90  ? 18  GLU A CD  1 
ATOM   149  O  OE1 . GLU A 1 18  ? 12.181  5.554   -3.038  1.00 33.53  ? 18  GLU A OE1 1 
ATOM   150  O  OE2 . GLU A 1 18  ? 12.632  7.645   -3.809  1.00 44.85  ? 18  GLU A OE2 1 
ATOM   151  N  N   . ALA A 1 19  ? 10.205  11.683  -0.627  1.00 28.55  ? 19  ALA A N   1 
ATOM   152  C  CA  . ALA A 1 19  ? 10.579  12.900  0.058   1.00 25.24  ? 19  ALA A CA  1 
ATOM   153  C  C   . ALA A 1 19  ? 9.995   12.985  1.453   1.00 30.73  ? 19  ALA A C   1 
ATOM   154  O  O   . ALA A 1 19  ? 10.576  13.691  2.263   1.00 33.39  ? 19  ALA A O   1 
ATOM   155  C  CB  . ALA A 1 19  ? 10.132  14.144  -0.719  1.00 21.20  ? 19  ALA A CB  1 
ATOM   156  N  N   . ASP A 1 20  ? 8.821   12.343  1.709   1.00 25.74  ? 20  ASP A N   1 
ATOM   157  C  CA  . ASP A 1 20  ? 8.159   12.360  3.030   1.00 21.65  ? 20  ASP A CA  1 
ATOM   158  C  C   . ASP A 1 20  ? 7.394   11.067  3.300   1.00 24.32  ? 20  ASP A C   1 
ATOM   159  O  O   . ASP A 1 20  ? 6.149   10.999  3.362   1.00 23.64  ? 20  ASP A O   1 
ATOM   160  C  CB  . ASP A 1 20  ? 7.284   13.599  3.269   1.00 11.96  ? 20  ASP A CB  1 
ATOM   161  C  CG  . ASP A 1 20  ? 6.784   13.555  4.681   1.00 27.61  ? 20  ASP A CG  1 
ATOM   162  O  OD1 . ASP A 1 20  ? 5.684   13.988  5.004   1.00 37.87  ? 20  ASP A OD1 1 
ATOM   163  O  OD2 . ASP A 1 20  ? 7.556   12.830  5.462   1.00 31.10  ? 20  ASP A OD2 1 
ATOM   164  N  N   . VAL A 1 21  ? 8.170   10.010  3.471   1.00 21.36  ? 21  VAL A N   1 
ATOM   165  C  CA  . VAL A 1 21  ? 7.529   8.741   3.649   1.00 19.75  ? 21  VAL A CA  1 
ATOM   166  C  C   . VAL A 1 21  ? 6.668   8.698   4.869   1.00 18.05  ? 21  VAL A C   1 
ATOM   167  O  O   . VAL A 1 21  ? 5.581   8.160   4.921   1.00 17.86  ? 21  VAL A O   1 
ATOM   168  C  CB  . VAL A 1 21  ? 8.549   7.600   3.664   1.00 21.60  ? 21  VAL A CB  1 
ATOM   169  C  CG1 . VAL A 1 21  ? 7.757   6.250   3.616   1.00 18.70  ? 21  VAL A CG1 1 
ATOM   170  C  CG2 . VAL A 1 21  ? 9.547   7.744   2.497   1.00 14.36  ? 21  VAL A CG2 1 
ATOM   171  N  N   . ALA A 1 22  ? 7.217   9.229   5.931   1.00 20.89  ? 22  ALA A N   1 
ATOM   172  C  CA  . ALA A 1 22  ? 6.437   9.102   7.136   1.00 20.49  ? 22  ALA A CA  1 
ATOM   173  C  C   . ALA A 1 22  ? 5.094   9.724   6.989   1.00 23.30  ? 22  ALA A C   1 
ATOM   174  O  O   . ALA A 1 22  ? 4.102   9.148   7.491   1.00 15.50  ? 22  ALA A O   1 
ATOM   175  C  CB  . ALA A 1 22  ? 7.145   9.527   8.431   1.00 22.06  ? 22  ALA A CB  1 
ATOM   176  N  N   . GLY A 1 23  ? 5.116   10.870  6.269   1.00 13.06  ? 23  GLY A N   1 
ATOM   177  C  CA  . GLY A 1 23  ? 3.892   11.680  6.095   1.00 9.49   ? 23  GLY A CA  1 
ATOM   178  C  C   . GLY A 1 23  ? 2.918   11.065  5.125   1.00 20.09  ? 23  GLY A C   1 
ATOM   179  O  O   . GLY A 1 23  ? 1.715   11.117  5.366   1.00 17.00  ? 23  GLY A O   1 
ATOM   180  N  N   . HIS A 1 24  ? 3.422   10.604  3.993   1.00 19.22  ? 24  HIS A N   1 
ATOM   181  C  CA  . HIS A 1 24  ? 2.510   9.940   3.093   1.00 18.97  ? 24  HIS A CA  1 
ATOM   182  C  C   . HIS A 1 24  ? 1.944   8.693   3.822   1.00 25.50  ? 24  HIS A C   1 
ATOM   183  O  O   . HIS A 1 24  ? 0.728   8.441   3.807   1.00 23.73  ? 24  HIS A O   1 
ATOM   184  C  CB  . HIS A 1 24  ? 3.289   9.541   1.868   1.00 17.26  ? 24  HIS A CB  1 
ATOM   185  C  CG  . HIS A 1 24  ? 3.694   10.748  1.075   1.00 23.48  ? 24  HIS A CG  1 
ATOM   186  N  ND1 . HIS A 1 24  ? 4.708   11.588  1.527   1.00 26.73  ? 24  HIS A ND1 1 
ATOM   187  C  CD2 . HIS A 1 24  ? 3.248   11.226  -0.151  1.00 16.12  ? 24  HIS A CD2 1 
ATOM   188  C  CE1 . HIS A 1 24  ? 4.904   12.496  0.540   1.00 25.19  ? 24  HIS A CE1 1 
ATOM   189  N  NE2 . HIS A 1 24  ? 4.038   12.313  -0.466  1.00 19.91  ? 24  HIS A NE2 1 
ATOM   190  N  N   . GLY A 1 25  ? 2.860   8.029   4.605   1.00 23.76  ? 25  GLY A N   1 
ATOM   191  C  CA  . GLY A 1 25  ? 2.594   6.830   5.387   1.00 22.40  ? 25  GLY A CA  1 
ATOM   192  C  C   . GLY A 1 25  ? 1.410   7.006   6.297   1.00 23.17  ? 25  GLY A C   1 
ATOM   193  O  O   . GLY A 1 25  ? 0.438   6.261   6.265   1.00 22.77  ? 25  GLY A O   1 
ATOM   194  N  N   . GLN A 1 26  ? 1.450   8.018   7.136   1.00 14.20  ? 26  GLN A N   1 
ATOM   195  C  CA  . GLN A 1 26  ? 0.307   8.216   7.988   1.00 11.44  ? 26  GLN A CA  1 
ATOM   196  C  C   . GLN A 1 26  ? -0.937  8.569   7.228   1.00 20.09  ? 26  GLN A C   1 
ATOM   197  O  O   . GLN A 1 26  ? -2.006  8.190   7.692   1.00 20.84  ? 26  GLN A O   1 
ATOM   198  C  CB  . GLN A 1 26  ? 0.445   9.374   8.997   1.00 13.29  ? 26  GLN A CB  1 
ATOM   199  C  CG  . GLN A 1 26  ? 1.763   9.430   9.778   1.00 58.39  ? 26  GLN A CG  1 
ATOM   200  C  CD  . GLN A 1 26  ? 1.703   10.429  10.923  1.00 61.21  ? 26  GLN A CD  1 
ATOM   201  O  OE1 . GLN A 1 26  ? 1.994   11.634  10.731  1.00 48.14  ? 26  GLN A OE1 1 
ATOM   202  N  NE2 . GLN A 1 26  ? 1.366   9.885   12.107  1.00 74.08  ? 26  GLN A NE2 1 
ATOM   203  N  N   . ASP A 1 27  ? -0.880  9.358   6.124   1.00 18.97  ? 27  ASP A N   1 
ATOM   204  C  CA  . ASP A 1 27  ? -2.205  9.716   5.498   1.00 19.83  ? 27  ASP A CA  1 
ATOM   205  C  C   . ASP A 1 27  ? -2.900  8.489   4.985   1.00 26.26  ? 27  ASP A C   1 
ATOM   206  O  O   . ASP A 1 27  ? -4.131  8.345   5.127   1.00 23.89  ? 27  ASP A O   1 
ATOM   207  C  CB  . ASP A 1 27  ? -2.153  10.658  4.277   1.00 25.69  ? 27  ASP A CB  1 
ATOM   208  C  CG  . ASP A 1 27  ? -1.600  12.014  4.567   1.00 38.86  ? 27  ASP A CG  1 
ATOM   209  O  OD1 . ASP A 1 27  ? -1.530  12.461  5.708   1.00 29.45  ? 27  ASP A OD1 1 
ATOM   210  O  OD2 . ASP A 1 27  ? -1.199  12.652  3.483   1.00 74.31  ? 27  ASP A OD2 1 
ATOM   211  N  N   . ILE A 1 28  ? -2.073  7.634   4.352   1.00 15.53  ? 28  ILE A N   1 
ATOM   212  C  CA  . ILE A 1 28  ? -2.642  6.424   3.788   1.00 13.72  ? 28  ILE A CA  1 
ATOM   213  C  C   . ILE A 1 28  ? -3.439  5.610   4.748   1.00 15.81  ? 28  ILE A C   1 
ATOM   214  O  O   . ILE A 1 28  ? -4.549  5.148   4.461   1.00 15.98  ? 28  ILE A O   1 
ATOM   215  C  CB  . ILE A 1 28  ? -1.558  5.600   3.125   1.00 18.22  ? 28  ILE A CB  1 
ATOM   216  C  CG1 . ILE A 1 28  ? -1.093  6.569   2.056   1.00 18.77  ? 28  ILE A CG1 1 
ATOM   217  C  CG2 . ILE A 1 28  ? -2.159  4.318   2.537   1.00 25.21  ? 28  ILE A CG2 1 
ATOM   218  C  CD1 . ILE A 1 28  ? 0.088   6.127   1.240   1.00 14.20  ? 28  ILE A CD1 1 
ATOM   219  N  N   . LEU A 1 29  ? -2.793  5.406   5.885   1.00 14.99  ? 29  LEU A N   1 
ATOM   220  C  CA  . LEU A 1 29  ? -3.368  4.605   6.941   1.00 12.58  ? 29  LEU A CA  1 
ATOM   221  C  C   . LEU A 1 29  ? -4.536  5.244   7.550   1.00 17.51  ? 29  LEU A C   1 
ATOM   222  O  O   . LEU A 1 29  ? -5.445  4.553   7.874   1.00 21.71  ? 29  LEU A O   1 
ATOM   223  C  CB  . LEU A 1 29  ? -2.365  4.349   8.077   1.00 13.89  ? 29  LEU A CB  1 
ATOM   224  C  CG  . LEU A 1 29  ? -1.192  3.469   7.630   1.00 25.10  ? 29  LEU A CG  1 
ATOM   225  C  CD1 . LEU A 1 29  ? -0.170  3.186   8.763   1.00 27.62  ? 29  LEU A CD1 1 
ATOM   226  C  CD2 . LEU A 1 29  ? -1.749  2.166   7.092   1.00 32.30  ? 29  LEU A CD2 1 
ATOM   227  N  N   . ILE A 1 30  ? -4.514  6.562   7.711   1.00 21.82  ? 30  ILE A N   1 
ATOM   228  C  CA  . ILE A 1 30  ? -5.654  7.252   8.317   1.00 16.08  ? 30  ILE A CA  1 
ATOM   229  C  C   . ILE A 1 30  ? -6.836  7.192   7.445   1.00 14.26  ? 30  ILE A C   1 
ATOM   230  O  O   . ILE A 1 30  ? -7.966  7.030   7.882   1.00 20.59  ? 30  ILE A O   1 
ATOM   231  C  CB  . ILE A 1 30  ? -5.375  8.671   8.649   1.00 18.57  ? 30  ILE A CB  1 
ATOM   232  C  CG1 . ILE A 1 30  ? -4.354  8.594   9.787   1.00 19.17  ? 30  ILE A CG1 1 
ATOM   233  C  CG2 . ILE A 1 30  ? -6.655  9.221   9.209   1.00 12.31  ? 30  ILE A CG2 1 
ATOM   234  C  CD1 . ILE A 1 30  ? -3.990  9.964   10.303  1.00 31.34  ? 30  ILE A CD1 1 
ATOM   235  N  N   . ARG A 1 31  ? -6.565  7.256   6.186   1.00 15.78  ? 31  ARG A N   1 
ATOM   236  C  CA  . ARG A 1 31  ? -7.641  7.155   5.183   1.00 13.54  ? 31  ARG A CA  1 
ATOM   237  C  C   . ARG A 1 31  ? -8.233  5.740   5.197   1.00 24.61  ? 31  ARG A C   1 
ATOM   238  O  O   . ARG A 1 31  ? -9.443  5.558   5.314   1.00 22.00  ? 31  ARG A O   1 
ATOM   239  C  CB  . ARG A 1 31  ? -7.052  7.503   3.816   1.00 12.57  ? 31  ARG A CB  1 
ATOM   240  C  CG  . ARG A 1 31  ? -7.990  7.369   2.587   1.00 32.47  ? 31  ARG A CG  1 
ATOM   241  C  CD  . ARG A 1 31  ? -9.321  8.169   2.449   1.00 33.19  ? 31  ARG A CD  1 
ATOM   242  N  NE  . ARG A 1 31  ? -9.768  8.070   1.024   1.00 84.40  ? 31  ARG A NE  1 
ATOM   243  C  CZ  . ARG A 1 31  ? -10.784 8.647   0.321   1.00 87.35  ? 31  ARG A CZ  1 
ATOM   244  N  NH1 . ARG A 1 31  ? -11.683 9.509   0.835   1.00 27.49  ? 31  ARG A NH1 1 
ATOM   245  N  NH2 . ARG A 1 31  ? -10.887 8.330   -0.981  1.00 70.34  ? 31  ARG A NH2 1 
ATOM   246  N  N   . LEU A 1 32  ? -7.355  4.710   5.201   1.00 25.48  ? 32  LEU A N   1 
ATOM   247  C  CA  . LEU A 1 32  ? -7.855  3.328   5.245   1.00 20.97  ? 32  LEU A CA  1 
ATOM   248  C  C   . LEU A 1 32  ? -8.791  3.112   6.430   1.00 22.60  ? 32  LEU A C   1 
ATOM   249  O  O   . LEU A 1 32  ? -9.935  2.698   6.300   1.00 27.83  ? 32  LEU A O   1 
ATOM   250  C  CB  . LEU A 1 32  ? -6.643  2.382   5.263   1.00 19.43  ? 32  LEU A CB  1 
ATOM   251  C  CG  . LEU A 1 32  ? -6.925  0.877   5.314   1.00 22.36  ? 32  LEU A CG  1 
ATOM   252  C  CD1 . LEU A 1 32  ? -7.332  0.425   3.951   1.00 19.61  ? 32  LEU A CD1 1 
ATOM   253  C  CD2 . LEU A 1 32  ? -5.709  0.034   5.770   1.00 15.85  ? 32  LEU A CD2 1 
ATOM   254  N  N   . PHE A 1 33  ? -8.281  3.403   7.611   1.00 19.65  ? 33  PHE A N   1 
ATOM   255  C  CA  . PHE A 1 33  ? -9.000  3.227   8.853   1.00 24.26  ? 33  PHE A CA  1 
ATOM   256  C  C   . PHE A 1 33  ? -10.325 3.935   8.853   1.00 34.23  ? 33  PHE A C   1 
ATOM   257  O  O   . PHE A 1 33  ? -11.409 3.411   9.067   1.00 39.54  ? 33  PHE A O   1 
ATOM   258  C  CB  . PHE A 1 33  ? -8.017  3.692   9.916   1.00 25.32  ? 33  PHE A CB  1 
ATOM   259  C  CG  . PHE A 1 33  ? -6.902  2.677   10.129  1.00 27.17  ? 33  PHE A CG  1 
ATOM   260  C  CD1 . PHE A 1 33  ? -7.066  1.332   9.792   1.00 29.74  ? 33  PHE A CD1 1 
ATOM   261  C  CD2 . PHE A 1 33  ? -5.676  3.053   10.674  1.00 26.30  ? 33  PHE A CD2 1 
ATOM   262  C  CE1 . PHE A 1 33  ? -6.030  0.425   10.030  1.00 30.59  ? 33  PHE A CE1 1 
ATOM   263  C  CE2 . PHE A 1 33  ? -4.619  2.169   10.902  1.00 26.27  ? 33  PHE A CE2 1 
ATOM   264  C  CZ  . PHE A 1 33  ? -4.823  0.831   10.600  1.00 23.74  ? 33  PHE A CZ  1 
ATOM   265  N  N   . LYS A 1 34  ? -10.246 5.136   8.401   1.00 35.70  ? 34  LYS A N   1 
ATOM   266  C  CA  . LYS A 1 34  ? -11.427 5.950   8.264   1.00 31.70  ? 34  LYS A CA  1 
ATOM   267  C  C   . LYS A 1 34  ? -12.383 5.406   7.228   1.00 33.76  ? 34  LYS A C   1 
ATOM   268  O  O   . LYS A 1 34  ? -13.608 5.461   7.393   1.00 34.15  ? 34  LYS A O   1 
ATOM   269  C  CB  . LYS A 1 34  ? -11.010 7.334   7.760   1.00 42.35  ? 34  LYS A CB  1 
ATOM   270  C  CG  . LYS A 1 34  ? -10.979 8.420   8.835   1.00 31.39  ? 34  LYS A CG  1 
ATOM   271  N  N   . SER A 1 35  ? -11.871 5.036   6.068   1.00 21.63  ? 35  SER A N   1 
ATOM   272  C  CA  . SER A 1 35  ? -12.911 4.620   5.158   1.00 24.71  ? 35  SER A CA  1 
ATOM   273  C  C   . SER A 1 35  ? -13.484 3.203   5.288   1.00 34.70  ? 35  SER A C   1 
ATOM   274  O  O   . SER A 1 35  ? -14.598 2.935   4.827   1.00 43.12  ? 35  SER A O   1 
ATOM   275  C  CB  . SER A 1 35  ? -12.796 5.136   3.758   1.00 24.75  ? 35  SER A CB  1 
ATOM   276  O  OG  . SER A 1 35  ? -11.460 5.467   3.548   1.00 39.77  ? 35  SER A OG  1 
ATOM   277  N  N   . HIS A 1 36  ? -12.731 2.333   5.964   1.00 28.58  ? 36  HIS A N   1 
ATOM   278  C  CA  . HIS A 1 36  ? -13.031 0.922   6.189   1.00 19.29  ? 36  HIS A CA  1 
ATOM   279  C  C   . HIS A 1 36  ? -12.412 0.485   7.489   1.00 28.18  ? 36  HIS A C   1 
ATOM   280  O  O   . HIS A 1 36  ? -11.341 -0.101  7.600   1.00 34.05  ? 36  HIS A O   1 
ATOM   281  C  CB  . HIS A 1 36  ? -12.241 0.131   5.131   1.00 13.83  ? 36  HIS A CB  1 
ATOM   282  C  CG  . HIS A 1 36  ? -12.480 0.588   3.738   1.00 20.67  ? 36  HIS A CG  1 
ATOM   283  N  ND1 . HIS A 1 36  ? -13.628 0.244   3.061   1.00 18.99  ? 36  HIS A ND1 1 
ATOM   284  C  CD2 . HIS A 1 36  ? -11.683 1.328   2.894   1.00 24.05  ? 36  HIS A CD2 1 
ATOM   285  C  CE1 . HIS A 1 36  ? -13.482 0.754   1.834   1.00 21.04  ? 36  HIS A CE1 1 
ATOM   286  N  NE2 . HIS A 1 36  ? -12.360 1.458   1.696   1.00 22.31  ? 36  HIS A NE2 1 
ATOM   287  N  N   . PRO A 1 37  ? -13.055 0.881   8.483   1.00 27.23  ? 37  PRO A N   1 
ATOM   288  C  CA  . PRO A 1 37  ? -12.695 0.702   9.882   1.00 26.61  ? 37  PRO A CA  1 
ATOM   289  C  C   . PRO A 1 37  ? -12.655 -0.735  10.327  1.00 30.82  ? 37  PRO A C   1 
ATOM   290  O  O   . PRO A 1 37  ? -12.047 -0.981  11.379  1.00 25.97  ? 37  PRO A O   1 
ATOM   291  C  CB  . PRO A 1 37  ? -13.790 1.401   10.653  1.00 24.70  ? 37  PRO A CB  1 
ATOM   292  C  CG  . PRO A 1 37  ? -14.800 1.871   9.596   1.00 26.77  ? 37  PRO A CG  1 
ATOM   293  C  CD  . PRO A 1 37  ? -14.260 1.627   8.194   1.00 21.71  ? 37  PRO A CD  1 
ATOM   294  N  N   . GLU A 1 38  ? -13.300 -1.634  9.529   1.00 23.38  ? 38  GLU A N   1 
ATOM   295  C  CA  . GLU A 1 38  ? -13.232 -3.076  9.857   1.00 25.65  ? 38  GLU A CA  1 
ATOM   296  C  C   . GLU A 1 38  ? -11.842 -3.581  9.735   1.00 36.09  ? 38  GLU A C   1 
ATOM   297  O  O   . GLU A 1 38  ? -11.552 -4.574  10.361  1.00 38.69  ? 38  GLU A O   1 
ATOM   298  C  CB  . GLU A 1 38  ? -14.030 -3.997  9.001   1.00 25.01  ? 38  GLU A CB  1 
ATOM   299  C  CG  . GLU A 1 38  ? -13.658 -3.738  7.570   1.00 17.27  ? 38  GLU A CG  1 
ATOM   300  C  CD  . GLU A 1 38  ? -14.462 -2.713  6.866   1.00 37.17  ? 38  GLU A CD  1 
ATOM   301  O  OE1 . GLU A 1 38  ? -14.569 -2.800  5.677   1.00 42.49  ? 38  GLU A OE1 1 
ATOM   302  O  OE2 . GLU A 1 38  ? -14.834 -1.634  7.554   1.00 52.95  ? 38  GLU A OE2 1 
ATOM   303  N  N   . THR A 1 39  ? -11.030 -2.915  8.897   1.00 32.00  ? 39  THR A N   1 
ATOM   304  C  CA  . THR A 1 39  ? -9.592  -3.195  8.786   1.00 28.96  ? 39  THR A CA  1 
ATOM   305  C  C   . THR A 1 39  ? -8.838  -2.862  10.122  1.00 23.82  ? 39  THR A C   1 
ATOM   306  O  O   . THR A 1 39  ? -7.781  -3.350  10.476  1.00 16.71  ? 39  THR A O   1 
ATOM   307  C  CB  . THR A 1 39  ? -8.994  -2.357  7.622   1.00 27.92  ? 39  THR A CB  1 
ATOM   308  O  OG1 . THR A 1 39  ? -9.182  -0.957  7.818   1.00 40.35  ? 39  THR A OG1 1 
ATOM   309  C  CG2 . THR A 1 39  ? -9.574  -2.772  6.254   1.00 17.50  ? 39  THR A CG2 1 
ATOM   310  N  N   . LEU A 1 40  ? -9.372  -1.968  10.916  1.00 32.32  ? 40  LEU A N   1 
ATOM   311  C  CA  . LEU A 1 40  ? -8.667  -1.599  12.129  1.00 33.80  ? 40  LEU A CA  1 
ATOM   312  C  C   . LEU A 1 40  ? -8.489  -2.789  13.003  1.00 35.39  ? 40  LEU A C   1 
ATOM   313  O  O   . LEU A 1 40  ? -7.470  -2.950  13.673  1.00 43.65  ? 40  LEU A O   1 
ATOM   314  C  CB  . LEU A 1 40  ? -9.353  -0.401  12.870  1.00 36.61  ? 40  LEU A CB  1 
ATOM   315  C  CG  . LEU A 1 40  ? -8.464  0.652   13.588  1.00 39.58  ? 40  LEU A CG  1 
ATOM   316  C  CD1 . LEU A 1 40  ? -6.973  0.550   13.308  1.00 41.63  ? 40  LEU A CD1 1 
ATOM   317  C  CD2 . LEU A 1 40  ? -8.849  2.030   13.146  1.00 27.12  ? 40  LEU A CD2 1 
ATOM   318  N  N   . GLU A 1 41  ? -9.463  -3.682  12.952  1.00 39.61  ? 41  GLU A N   1 
ATOM   319  C  CA  . GLU A 1 41  ? -9.462  -4.922  13.759  1.00 39.41  ? 41  GLU A CA  1 
ATOM   320  C  C   . GLU A 1 41  ? -8.194  -5.784  13.639  1.00 32.28  ? 41  GLU A C   1 
ATOM   321  O  O   . GLU A 1 41  ? -7.838  -6.608  14.467  1.00 29.38  ? 41  GLU A O   1 
ATOM   322  C  CB  . GLU A 1 41  ? -10.719 -5.738  13.521  1.00 51.92  ? 41  GLU A CB  1 
ATOM   323  C  CG  . GLU A 1 41  ? -11.988 -4.919  13.723  1.00 62.92  ? 41  GLU A CG  1 
ATOM   324  N  N   . LYS A 1 42  ? -7.469  -5.641  12.559  1.00 21.07  ? 42  LYS A N   1 
ATOM   325  C  CA  . LYS A 1 42  ? -6.314  -6.478  12.500  1.00 21.95  ? 42  LYS A CA  1 
ATOM   326  C  C   . LYS A 1 42  ? -5.269  -5.874  13.364  1.00 31.03  ? 42  LYS A C   1 
ATOM   327  O  O   . LYS A 1 42  ? -4.263  -6.479  13.687  1.00 34.08  ? 42  LYS A O   1 
ATOM   328  C  CB  . LYS A 1 42  ? -5.788  -6.517  11.081  1.00 34.59  ? 42  LYS A CB  1 
ATOM   329  C  CG  . LYS A 1 42  ? -6.807  -7.062  10.078  1.00 43.02  ? 42  LYS A CG  1 
ATOM   330  C  CD  . LYS A 1 42  ? -7.001  -8.531  10.362  1.00 46.78  ? 42  LYS A CD  1 
ATOM   331  C  CE  . LYS A 1 42  ? -7.251  -9.370  9.136   1.00 51.52  ? 42  LYS A CE  1 
ATOM   332  N  NZ  . LYS A 1 42  ? -7.572  -10.747 9.523   1.00 27.43  ? 42  LYS A NZ  1 
ATOM   333  N  N   . PHE A 1 43  ? -5.478  -4.627  13.726  1.00 35.30  ? 43  PHE A N   1 
ATOM   334  C  CA  . PHE A 1 43  ? -4.475  -3.935  14.559  1.00 29.23  ? 43  PHE A CA  1 
ATOM   335  C  C   . PHE A 1 43  ? -4.954  -3.720  16.014  1.00 32.94  ? 43  PHE A C   1 
ATOM   336  O  O   . PHE A 1 43  ? -5.925  -3.032  16.247  1.00 31.49  ? 43  PHE A O   1 
ATOM   337  C  CB  . PHE A 1 43  ? -4.103  -2.652  13.819  1.00 22.36  ? 43  PHE A CB  1 
ATOM   338  C  CG  . PHE A 1 43  ? -3.658  -2.901  12.383  1.00 20.69  ? 43  PHE A CG  1 
ATOM   339  C  CD1 . PHE A 1 43  ? -2.298  -3.071  12.131  1.00 20.07  ? 43  PHE A CD1 1 
ATOM   340  C  CD2 . PHE A 1 43  ? -4.542  -2.764  11.306  1.00 24.14  ? 43  PHE A CD2 1 
ATOM   341  C  CE1 . PHE A 1 43  ? -1.789  -3.293  10.854  1.00 24.28  ? 43  PHE A CE1 1 
ATOM   342  C  CE2 . PHE A 1 43  ? -4.065  -2.937  10.004  1.00 28.87  ? 43  PHE A CE2 1 
ATOM   343  C  CZ  . PHE A 1 43  ? -2.708  -3.227  9.804   1.00 30.81  ? 43  PHE A CZ  1 
ATOM   344  N  N   . ASP A 1 44  ? -4.305  -4.358  16.989  1.00 40.33  ? 44  ASP A N   1 
ATOM   345  C  CA  . ASP A 1 44  ? -4.687  -4.284  18.404  1.00 45.70  ? 44  ASP A CA  1 
ATOM   346  C  C   . ASP A 1 44  ? -4.056  -3.051  19.009  1.00 53.14  ? 44  ASP A C   1 
ATOM   347  O  O   . ASP A 1 44  ? -4.637  -2.343  19.852  1.00 57.07  ? 44  ASP A O   1 
ATOM   348  C  CB  . ASP A 1 44  ? -4.246  -5.535  19.205  1.00 49.80  ? 44  ASP A CB  1 
ATOM   349  C  CG  . ASP A 1 44  ? -4.567  -6.833  18.493  1.00 92.92  ? 44  ASP A CG  1 
ATOM   350  O  OD1 . ASP A 1 44  ? -5.514  -6.940  17.724  1.00 97.69  ? 44  ASP A OD1 1 
ATOM   351  O  OD2 . ASP A 1 44  ? -3.753  -7.833  18.807  1.00 99.47  ? 44  ASP A OD2 1 
ATOM   352  N  N   . ARG A 1 45  ? -2.846  -2.798  18.516  1.00 45.32  ? 45  ARG A N   1 
ATOM   353  C  CA  . ARG A 1 45  ? -2.113  -1.638  18.960  1.00 50.11  ? 45  ARG A CA  1 
ATOM   354  C  C   . ARG A 1 45  ? -2.799  -0.298  18.599  1.00 47.45  ? 45  ARG A C   1 
ATOM   355  O  O   . ARG A 1 45  ? -2.729  0.658   19.324  1.00 39.69  ? 45  ARG A O   1 
ATOM   356  C  CB  . ARG A 1 45  ? -0.596  -1.709  18.700  1.00 61.81  ? 45  ARG A CB  1 
ATOM   357  C  CG  . ARG A 1 45  ? -0.123  -2.637  17.577  1.00 74.00  ? 45  ARG A CG  1 
ATOM   358  C  CD  . ARG A 1 45  ? 0.870   -1.967  16.615  1.00 86.09  ? 45  ARG A CD  1 
ATOM   359  N  NE  . ARG A 1 45  ? 2.301   -2.251  16.806  1.00 63.24  ? 45  ARG A NE  1 
ATOM   360  C  CZ  . ARG A 1 45  ? 3.257   -1.934  15.906  1.00 100.00 ? 45  ARG A CZ  1 
ATOM   361  N  NH1 . ARG A 1 45  ? 2.986   -1.348  14.712  1.00 87.53  ? 45  ARG A NH1 1 
ATOM   362  N  NH2 . ARG A 1 45  ? 4.524   -2.232  16.208  1.00 100.00 ? 45  ARG A NH2 1 
ATOM   363  N  N   . PHE A 1 46  ? -3.509  -0.278  17.471  1.00 42.21  ? 46  PHE A N   1 
ATOM   364  C  CA  . PHE A 1 46  ? -4.246  0.846   16.907  1.00 34.98  ? 46  PHE A CA  1 
ATOM   365  C  C   . PHE A 1 46  ? -5.708  0.914   17.354  1.00 48.88  ? 46  PHE A C   1 
ATOM   366  O  O   . PHE A 1 46  ? -6.394  1.950   17.197  1.00 47.64  ? 46  PHE A O   1 
ATOM   367  C  CB  . PHE A 1 46  ? -4.137  0.764   15.348  1.00 33.91  ? 46  PHE A CB  1 
ATOM   368  C  CG  . PHE A 1 46  ? -2.701  0.734   14.816  1.00 34.23  ? 46  PHE A CG  1 
ATOM   369  C  CD1 . PHE A 1 46  ? -1.632  1.049   15.664  1.00 42.52  ? 46  PHE A CD1 1 
ATOM   370  C  CD2 . PHE A 1 46  ? -2.390  0.469   13.478  1.00 31.62  ? 46  PHE A CD2 1 
ATOM   371  C  CE1 . PHE A 1 46  ? -0.304  1.124   15.214  1.00 45.55  ? 46  PHE A CE1 1 
ATOM   372  C  CE2 . PHE A 1 46  ? -1.061  0.523   13.027  1.00 38.10  ? 46  PHE A CE2 1 
ATOM   373  C  CZ  . PHE A 1 46  ? 0.003   0.836   13.879  1.00 37.75  ? 46  PHE A CZ  1 
ATOM   374  N  N   . LYS A 1 47  ? -6.197  -0.218  17.885  1.00 58.65  ? 47  LYS A N   1 
ATOM   375  C  CA  . LYS A 1 47  ? -7.593  -0.369  18.350  1.00 63.88  ? 47  LYS A CA  1 
ATOM   376  C  C   . LYS A 1 47  ? -8.084  0.844   19.169  1.00 59.50  ? 47  LYS A C   1 
ATOM   377  O  O   . LYS A 1 47  ? -9.143  1.484   19.014  1.00 55.75  ? 47  LYS A O   1 
ATOM   378  C  CB  . LYS A 1 47  ? -7.782  -1.725  19.071  1.00 66.35  ? 47  LYS A CB  1 
ATOM   379  N  N   . HIS A 1 48  ? -7.241  1.193   20.065  1.00 52.52  ? 48  HIS A N   1 
ATOM   380  C  CA  . HIS A 1 48  ? -7.548  2.284   20.908  1.00 50.88  ? 48  HIS A CA  1 
ATOM   381  C  C   . HIS A 1 48  ? -7.580  3.712   20.309  1.00 44.52  ? 48  HIS A C   1 
ATOM   382  O  O   . HIS A 1 48  ? -7.939  4.651   21.025  1.00 42.80  ? 48  HIS A O   1 
ATOM   383  C  CB  . HIS A 1 48  ? -6.556  2.076   22.057  1.00 52.92  ? 48  HIS A CB  1 
ATOM   384  C  CG  . HIS A 1 48  ? -5.110  2.489   21.929  1.00 60.27  ? 48  HIS A CG  1 
ATOM   385  N  ND1 . HIS A 1 48  ? -4.474  2.781   20.734  1.00 64.21  ? 48  HIS A ND1 1 
ATOM   386  C  CD2 . HIS A 1 48  ? -4.199  2.689   22.954  1.00 65.21  ? 48  HIS A CD2 1 
ATOM   387  C  CE1 . HIS A 1 48  ? -3.224  3.151   21.070  1.00 65.31  ? 48  HIS A CE1 1 
ATOM   388  N  NE2 . HIS A 1 48  ? -3.022  3.114   22.398  1.00 64.80  ? 48  HIS A NE2 1 
ATOM   389  N  N   . LEU A 1 49  ? -7.216  3.896   19.038  1.00 36.12  ? 49  LEU A N   1 
ATOM   390  C  CA  . LEU A 1 49  ? -7.117  5.250   18.443  1.00 37.31  ? 49  LEU A CA  1 
ATOM   391  C  C   . LEU A 1 49  ? -8.433  5.873   17.950  1.00 43.25  ? 49  LEU A C   1 
ATOM   392  O  O   . LEU A 1 49  ? -8.845  5.695   16.819  1.00 45.22  ? 49  LEU A O   1 
ATOM   393  C  CB  . LEU A 1 49  ? -5.977  5.332   17.397  1.00 32.36  ? 49  LEU A CB  1 
ATOM   394  C  CG  . LEU A 1 49  ? -4.639  4.883   17.985  1.00 30.07  ? 49  LEU A CG  1 
ATOM   395  C  CD1 . LEU A 1 49  ? -3.634  4.729   16.859  1.00 22.52  ? 49  LEU A CD1 1 
ATOM   396  C  CD2 . LEU A 1 49  ? -4.121  5.911   18.974  1.00 31.73  ? 49  LEU A CD2 1 
ATOM   397  N  N   . LYS A 1 50  ? -9.074  6.646   18.809  1.00 35.11  ? 50  LYS A N   1 
ATOM   398  C  CA  . LYS A 1 50  ? -10.415 7.186   18.572  1.00 34.88  ? 50  LYS A CA  1 
ATOM   399  C  C   . LYS A 1 50  ? -10.677 8.331   17.596  1.00 42.76  ? 50  LYS A C   1 
ATOM   400  O  O   . LYS A 1 50  ? -11.791 8.477   17.072  1.00 48.48  ? 50  LYS A O   1 
ATOM   401  C  CB  . LYS A 1 50  ? -11.172 7.344   19.865  1.00 35.49  ? 50  LYS A CB  1 
ATOM   402  C  CG  . LYS A 1 50  ? -11.563 5.951   20.379  1.00 40.97  ? 50  LYS A CG  1 
ATOM   403  C  CD  . LYS A 1 50  ? -11.415 5.771   21.892  1.00 77.60  ? 50  LYS A CD  1 
ATOM   404  C  CE  . LYS A 1 50  ? -12.069 4.490   22.418  1.00 75.28  ? 50  LYS A CE  1 
ATOM   405  N  NZ  . LYS A 1 50  ? -13.388 4.659   23.065  1.00 80.14  ? 50  LYS A NZ  1 
ATOM   406  N  N   . THR A 1 51  ? -9.637  9.142   17.388  1.00 35.33  ? 51  THR A N   1 
ATOM   407  C  CA  . THR A 1 51  ? -9.628  10.324  16.548  1.00 29.33  ? 51  THR A CA  1 
ATOM   408  C  C   . THR A 1 51  ? -8.356  10.376  15.741  1.00 27.54  ? 51  THR A C   1 
ATOM   409  O  O   . THR A 1 51  ? -7.276  9.804   16.080  1.00 21.57  ? 51  THR A O   1 
ATOM   410  C  CB  . THR A 1 51  ? -9.651  11.605  17.397  1.00 27.34  ? 51  THR A CB  1 
ATOM   411  O  OG1 . THR A 1 51  ? -8.470  11.677  18.201  1.00 34.02  ? 51  THR A OG1 1 
ATOM   412  C  CG2 . THR A 1 51  ? -10.859 11.738  18.321  1.00 27.91  ? 51  THR A CG2 1 
ATOM   413  N  N   . GLU A 1 52  ? -8.505  11.193  14.713  1.00 23.68  ? 52  GLU A N   1 
ATOM   414  C  CA  . GLU A 1 52  ? -7.473  11.425  13.730  1.00 22.24  ? 52  GLU A CA  1 
ATOM   415  C  C   . GLU A 1 52  ? -6.232  11.984  14.351  1.00 27.43  ? 52  GLU A C   1 
ATOM   416  O  O   . GLU A 1 52  ? -5.048  11.739  13.986  1.00 24.72  ? 52  GLU A O   1 
ATOM   417  C  CB  . GLU A 1 52  ? -8.114  12.509  12.873  1.00 25.87  ? 52  GLU A CB  1 
ATOM   418  C  CG  . GLU A 1 52  ? -7.209  12.944  11.706  1.00 46.07  ? 52  GLU A CG  1 
ATOM   419  C  CD  . GLU A 1 52  ? -7.962  13.708  10.643  1.00 59.27  ? 52  GLU A CD  1 
ATOM   420  O  OE1 . GLU A 1 52  ? -7.447  14.597  9.979   1.00 100.00 ? 52  GLU A OE1 1 
ATOM   421  O  OE2 . GLU A 1 52  ? -9.253  13.454  10.657  1.00 100.00 ? 52  GLU A OE2 1 
ATOM   422  N  N   . ALA A 1 53  ? -6.599  12.860  15.266  1.00 22.43  ? 53  ALA A N   1 
ATOM   423  C  CA  . ALA A 1 53  ? -5.613  13.555  16.009  1.00 21.05  ? 53  ALA A CA  1 
ATOM   424  C  C   . ALA A 1 53  ? -4.849  12.529  16.804  1.00 30.14  ? 53  ALA A C   1 
ATOM   425  O  O   . ALA A 1 53  ? -3.629  12.639  16.970  1.00 30.31  ? 53  ALA A O   1 
ATOM   426  C  CB  . ALA A 1 53  ? -6.289  14.532  16.980  1.00 20.73  ? 53  ALA A CB  1 
ATOM   427  N  N   . GLU A 1 54  ? -5.545  11.555  17.376  1.00 24.38  ? 54  GLU A N   1 
ATOM   428  C  CA  . GLU A 1 54  ? -4.703  10.649  18.117  1.00 24.86  ? 54  GLU A CA  1 
ATOM   429  C  C   . GLU A 1 54  ? -4.064  9.747   17.124  1.00 21.56  ? 54  GLU A C   1 
ATOM   430  O  O   . GLU A 1 54  ? -2.969  9.253   17.306  1.00 24.71  ? 54  GLU A O   1 
ATOM   431  C  CB  . GLU A 1 54  ? -5.462  9.828   19.154  1.00 27.12  ? 54  GLU A CB  1 
ATOM   432  C  CG  . GLU A 1 54  ? -5.944  10.795  20.211  1.00 32.46  ? 54  GLU A CG  1 
ATOM   433  C  CD  . GLU A 1 54  ? -6.445  10.057  21.394  1.00 83.70  ? 54  GLU A CD  1 
ATOM   434  O  OE1 . GLU A 1 54  ? -6.104  10.299  22.539  1.00 100.00 ? 54  GLU A OE1 1 
ATOM   435  O  OE2 . GLU A 1 54  ? -7.180  9.049   21.020  1.00 33.81  ? 54  GLU A OE2 1 
ATOM   436  N  N   . MET A 1 55  ? -4.745  9.513   16.035  1.00 20.04  ? 55  MET A N   1 
ATOM   437  C  CA  . MET A 1 55  ? -4.073  8.616   15.145  1.00 20.11  ? 55  MET A CA  1 
ATOM   438  C  C   . MET A 1 55  ? -2.759  9.216   14.739  1.00 26.74  ? 55  MET A C   1 
ATOM   439  O  O   . MET A 1 55  ? -1.765  8.510   14.825  1.00 25.07  ? 55  MET A O   1 
ATOM   440  C  CB  . MET A 1 55  ? -4.905  8.356   13.932  1.00 21.63  ? 55  MET A CB  1 
ATOM   441  C  CG  . MET A 1 55  ? -6.045  7.528   14.380  1.00 28.32  ? 55  MET A CG  1 
ATOM   442  S  SD  . MET A 1 55  ? -6.851  6.865   12.923  1.00 34.10  ? 55  MET A SD  1 
ATOM   443  C  CE  . MET A 1 55  ? -8.015  5.871   13.886  1.00 33.98  ? 55  MET A CE  1 
ATOM   444  N  N   . LYS A 1 56  ? -2.798  10.528  14.352  1.00 21.89  ? 56  LYS A N   1 
ATOM   445  C  CA  . LYS A 1 56  ? -1.633  11.383  13.899  1.00 24.19  ? 56  LYS A CA  1 
ATOM   446  C  C   . LYS A 1 56  ? -0.459  11.551  14.879  1.00 23.68  ? 56  LYS A C   1 
ATOM   447  O  O   . LYS A 1 56  ? 0.652   11.909  14.515  1.00 25.40  ? 56  LYS A O   1 
ATOM   448  C  CB  . LYS A 1 56  ? -2.070  12.814  13.556  1.00 21.97  ? 56  LYS A CB  1 
ATOM   449  C  CG  . LYS A 1 56  ? -2.980  12.914  12.355  1.00 32.73  ? 56  LYS A CG  1 
ATOM   450  C  CD  . LYS A 1 56  ? -3.290  14.358  12.009  1.00 55.06  ? 56  LYS A CD  1 
ATOM   451  C  CE  . LYS A 1 56  ? -3.431  14.600  10.527  1.00 54.23  ? 56  LYS A CE  1 
ATOM   452  N  NZ  . LYS A 1 56  ? -3.784  15.989  10.236  1.00 100.00 ? 56  LYS A NZ  1 
ATOM   453  N  N   . ALA A 1 57  ? -0.786  11.367  16.156  1.00 30.97  ? 57  ALA A N   1 
ATOM   454  C  CA  . ALA A 1 57  ? 0.058   11.544  17.299  1.00 32.15  ? 57  ALA A CA  1 
ATOM   455  C  C   . ALA A 1 57  ? 0.822   10.300  17.701  1.00 43.34  ? 57  ALA A C   1 
ATOM   456  O  O   . ALA A 1 57  ? 1.766   10.463  18.530  1.00 42.25  ? 57  ALA A O   1 
ATOM   457  C  CB  . ALA A 1 57  ? -0.833  12.006  18.447  1.00 31.51  ? 57  ALA A CB  1 
ATOM   458  N  N   . SER A 1 58  ? 0.387   9.121   17.141  1.00 27.76  ? 58  SER A N   1 
ATOM   459  C  CA  . SER A 1 58  ? 1.022   7.818   17.457  1.00 26.62  ? 58  SER A CA  1 
ATOM   460  C  C   . SER A 1 58  ? 2.309   7.615   16.684  1.00 26.36  ? 58  SER A C   1 
ATOM   461  O  O   . SER A 1 58  ? 2.358   7.939   15.482  1.00 35.02  ? 58  SER A O   1 
ATOM   462  C  CB  . SER A 1 58  ? 0.109   6.586   17.344  1.00 23.80  ? 58  SER A CB  1 
ATOM   463  O  OG  . SER A 1 58  ? 0.707   5.639   16.482  1.00 49.95  ? 58  SER A OG  1 
ATOM   464  N  N   . GLU A 1 59  ? 3.351   7.143   17.396  1.00 26.19  ? 59  GLU A N   1 
ATOM   465  C  CA  . GLU A 1 59  ? 4.634   6.923   16.760  1.00 30.46  ? 59  GLU A CA  1 
ATOM   466  C  C   . GLU A 1 59  ? 4.566   5.585   16.081  1.00 24.92  ? 59  GLU A C   1 
ATOM   467  O  O   . GLU A 1 59  ? 5.176   5.331   15.008  1.00 18.13  ? 59  GLU A O   1 
ATOM   468  C  CB  . GLU A 1 59  ? 5.867   7.075   17.666  1.00 29.88  ? 59  GLU A CB  1 
ATOM   469  N  N   . ASP A 1 60  ? 3.732   4.790   16.724  1.00 28.24  ? 60  ASP A N   1 
ATOM   470  C  CA  . ASP A 1 60  ? 3.499   3.440   16.292  1.00 29.84  ? 60  ASP A CA  1 
ATOM   471  C  C   . ASP A 1 60  ? 2.797   3.368   14.956  1.00 20.82  ? 60  ASP A C   1 
ATOM   472  O  O   . ASP A 1 60  ? 3.192   2.698   14.058  1.00 21.86  ? 60  ASP A O   1 
ATOM   473  C  CB  . ASP A 1 60  ? 2.761   2.808   17.436  1.00 36.61  ? 60  ASP A CB  1 
ATOM   474  C  CG  . ASP A 1 60  ? 3.389   1.551   17.877  1.00 54.21  ? 60  ASP A CG  1 
ATOM   475  O  OD1 . ASP A 1 60  ? 2.711   0.569   18.026  1.00 69.47  ? 60  ASP A OD1 1 
ATOM   476  O  OD2 . ASP A 1 60  ? 4.700   1.599   17.963  1.00 42.12  ? 60  ASP A OD2 1 
ATOM   477  N  N   . LEU A 1 61  ? 1.787   4.130   14.794  1.00 11.45  ? 61  LEU A N   1 
ATOM   478  C  CA  . LEU A 1 61  ? 1.135   4.188   13.542  1.00 16.45  ? 61  LEU A CA  1 
ATOM   479  C  C   . LEU A 1 61  ? 2.052   4.768   12.488  1.00 21.06  ? 61  LEU A C   1 
ATOM   480  O  O   . LEU A 1 61  ? 2.026   4.424   11.319  1.00 28.65  ? 61  LEU A O   1 
ATOM   481  C  CB  . LEU A 1 61  ? -0.036  5.188   13.780  1.00 21.25  ? 61  LEU A CB  1 
ATOM   482  C  CG  . LEU A 1 61  ? -1.130  5.436   12.747  1.00 29.10  ? 61  LEU A CG  1 
ATOM   483  C  CD1 . LEU A 1 61  ? -0.577  5.683   11.352  1.00 35.79  ? 61  LEU A CD1 1 
ATOM   484  C  CD2 . LEU A 1 61  ? -2.163  4.319   12.812  1.00 38.80  ? 61  LEU A CD2 1 
ATOM   485  N  N   . LYS A 1 62  ? 2.819   5.756   12.852  1.00 19.27  ? 62  LYS A N   1 
ATOM   486  C  CA  . LYS A 1 62  ? 3.626   6.478   11.868  1.00 19.85  ? 62  LYS A CA  1 
ATOM   487  C  C   . LYS A 1 62  ? 4.733   5.518   11.379  1.00 25.09  ? 62  LYS A C   1 
ATOM   488  O  O   . LYS A 1 62  ? 5.090   5.468   10.209  1.00 25.49  ? 62  LYS A O   1 
ATOM   489  C  CB  . LYS A 1 62  ? 4.165   7.794   12.530  1.00 22.45  ? 62  LYS A CB  1 
ATOM   490  C  CG  . LYS A 1 62  ? 5.199   8.605   11.734  1.00 42.25  ? 62  LYS A CG  1 
ATOM   491  C  CD  . LYS A 1 62  ? 5.070   10.121  11.890  1.00 42.00  ? 62  LYS A CD  1 
ATOM   492  N  N   . LYS A 1 63  ? 5.261   4.722   12.315  1.00 23.01  ? 63  LYS A N   1 
ATOM   493  C  CA  . LYS A 1 63  ? 6.286   3.705   12.035  1.00 25.94  ? 63  LYS A CA  1 
ATOM   494  C  C   . LYS A 1 63  ? 5.769   2.616   11.053  1.00 19.15  ? 63  LYS A C   1 
ATOM   495  O  O   . LYS A 1 63  ? 6.459   2.187   10.124  1.00 14.84  ? 63  LYS A O   1 
ATOM   496  C  CB  . LYS A 1 63  ? 6.594   3.065   13.391  1.00 28.16  ? 63  LYS A CB  1 
ATOM   497  C  CG  . LYS A 1 63  ? 7.751   3.681   14.156  1.00 37.33  ? 63  LYS A CG  1 
ATOM   498  C  CD  . LYS A 1 63  ? 7.599   3.717   15.662  1.00 48.17  ? 63  LYS A CD  1 
ATOM   499  C  CE  . LYS A 1 63  ? 7.894   2.389   16.328  1.00 68.00  ? 63  LYS A CE  1 
ATOM   500  N  NZ  . LYS A 1 63  ? 8.281   2.533   17.740  1.00 80.98  ? 63  LYS A NZ  1 
ATOM   501  N  N   . HIS A 1 64  ? 4.526   2.214   11.366  1.00 11.70  ? 64  HIS A N   1 
ATOM   502  C  CA  . HIS A 1 64  ? 3.853   1.178   10.683  1.00 15.99  ? 64  HIS A CA  1 
ATOM   503  C  C   . HIS A 1 64  ? 3.710   1.681   9.316   1.00 15.55  ? 64  HIS A C   1 
ATOM   504  O  O   . HIS A 1 64  ? 4.106   1.013   8.383   1.00 18.37  ? 64  HIS A O   1 
ATOM   505  C  CB  . HIS A 1 64  ? 2.693   0.487   11.484  1.00 25.15  ? 64  HIS A CB  1 
ATOM   506  C  CG  . HIS A 1 64  ? 2.078   -0.593  10.624  1.00 42.42  ? 64  HIS A CG  1 
ATOM   507  N  ND1 . HIS A 1 64  ? 2.757   -1.751  10.306  1.00 49.34  ? 64  HIS A ND1 1 
ATOM   508  C  CD2 . HIS A 1 64  ? 0.883   -0.634  9.872   1.00 53.52  ? 64  HIS A CD2 1 
ATOM   509  C  CE1 . HIS A 1 64  ? 1.958   -2.464  9.422   1.00 50.47  ? 64  HIS A CE1 1 
ATOM   510  N  NE2 . HIS A 1 64  ? 0.811   -1.835  9.142   1.00 50.42  ? 64  HIS A NE2 1 
ATOM   511  N  N   . GLY A 1 65  ? 3.332   2.961   9.229   1.00 12.49  ? 65  GLY A N   1 
ATOM   512  C  CA  . GLY A 1 65  ? 3.227   3.697   7.945   1.00 3.51   ? 65  GLY A CA  1 
ATOM   513  C  C   . GLY A 1 65  ? 4.542   3.624   7.170   1.00 19.90  ? 65  GLY A C   1 
ATOM   514  O  O   . GLY A 1 65  ? 4.601   3.353   5.959   1.00 21.03  ? 65  GLY A O   1 
ATOM   515  N  N   . VAL A 1 66  ? 5.662   3.895   7.847   1.00 18.83  ? 66  VAL A N   1 
ATOM   516  C  CA  . VAL A 1 66  ? 6.927   3.806   7.117   1.00 21.33  ? 66  VAL A CA  1 
ATOM   517  C  C   . VAL A 1 66  ? 7.220   2.354   6.698   1.00 21.92  ? 66  VAL A C   1 
ATOM   518  O  O   . VAL A 1 66  ? 7.687   2.035   5.610   1.00 18.02  ? 66  VAL A O   1 
ATOM   519  C  CB  . VAL A 1 66  ? 8.110   4.362   7.931   1.00 21.24  ? 66  VAL A CB  1 
ATOM   520  C  CG1 . VAL A 1 66  ? 9.329   4.215   7.054   1.00 25.19  ? 66  VAL A CG1 1 
ATOM   521  C  CG2 . VAL A 1 66  ? 7.942   5.855   8.058   1.00 17.18  ? 66  VAL A CG2 1 
ATOM   522  N  N   . THR A 1 67  ? 7.022   1.426   7.625   1.00 14.66  ? 67  THR A N   1 
ATOM   523  C  CA  . THR A 1 67  ? 7.260   0.046   7.251   1.00 14.96  ? 67  THR A CA  1 
ATOM   524  C  C   . THR A 1 67  ? 6.476   -0.395  5.971   1.00 16.17  ? 67  THR A C   1 
ATOM   525  O  O   . THR A 1 67  ? 6.965   -1.136  5.120   1.00 14.12  ? 67  THR A O   1 
ATOM   526  C  CB  . THR A 1 67  ? 6.732   -0.718  8.446   1.00 20.79  ? 67  THR A CB  1 
ATOM   527  O  OG1 . THR A 1 67  ? 7.699   -0.584  9.417   1.00 23.93  ? 67  THR A OG1 1 
ATOM   528  C  CG2 . THR A 1 67  ? 6.549   -2.171  8.070   1.00 24.21  ? 67  THR A CG2 1 
ATOM   529  N  N   . VAL A 1 68  ? 5.192   0.003   5.843   1.00 18.25  ? 68  VAL A N   1 
ATOM   530  C  CA  . VAL A 1 68  ? 4.365   -0.343  4.672   1.00 14.03  ? 68  VAL A CA  1 
ATOM   531  C  C   . VAL A 1 68  ? 4.932   0.274   3.393   1.00 22.30  ? 68  VAL A C   1 
ATOM   532  O  O   . VAL A 1 68  ? 5.145   -0.364  2.350   1.00 23.94  ? 68  VAL A O   1 
ATOM   533  C  CB  . VAL A 1 68  ? 2.887   0.057   4.817   1.00 9.90   ? 68  VAL A CB  1 
ATOM   534  C  CG1 . VAL A 1 68  ? 2.203   -0.393  3.561   1.00 10.88  ? 68  VAL A CG1 1 
ATOM   535  C  CG2 . VAL A 1 68  ? 2.199   -0.624  5.968   1.00 10.17  ? 68  VAL A CG2 1 
ATOM   536  N  N   . LEU A 1 69  ? 5.220   1.554   3.430   1.00 16.54  ? 69  LEU A N   1 
ATOM   537  C  CA  . LEU A 1 69  ? 5.727   2.176   2.176   1.00 15.99  ? 69  LEU A CA  1 
ATOM   538  C  C   . LEU A 1 69  ? 7.075   1.712   1.647   1.00 13.24  ? 69  LEU A C   1 
ATOM   539  O  O   . LEU A 1 69  ? 7.333   1.732   0.453   1.00 19.28  ? 69  LEU A O   1 
ATOM   540  C  CB  . LEU A 1 69  ? 5.574   3.747   2.173   1.00 14.28  ? 69  LEU A CB  1 
ATOM   541  C  CG  . LEU A 1 69  ? 4.116   4.117   2.497   1.00 20.16  ? 69  LEU A CG  1 
ATOM   542  C  CD1 . LEU A 1 69  ? 3.918   5.616   2.741   1.00 23.19  ? 69  LEU A CD1 1 
ATOM   543  C  CD2 . LEU A 1 69  ? 3.371   3.693   1.234   1.00 8.06   ? 69  LEU A CD2 1 
ATOM   544  N  N   . THR A 1 70  ? 7.990   1.442   2.533   1.00 12.70  ? 70  THR A N   1 
ATOM   545  C  CA  . THR A 1 70  ? 9.314   0.983   2.151   1.00 15.42  ? 70  THR A CA  1 
ATOM   546  C  C   . THR A 1 70  ? 9.197   -0.406  1.498   1.00 16.73  ? 70  THR A C   1 
ATOM   547  O  O   . THR A 1 70  ? 9.834   -0.669  0.501   1.00 16.54  ? 70  THR A O   1 
ATOM   548  C  CB  . THR A 1 70  ? 9.992   0.629   3.462   1.00 29.71  ? 70  THR A CB  1 
ATOM   549  O  OG1 . THR A 1 70  ? 9.972   1.724   4.310   1.00 30.81  ? 70  THR A OG1 1 
ATOM   550  C  CG2 . THR A 1 70  ? 11.380  0.216   3.126   1.00 30.62  ? 70  THR A CG2 1 
ATOM   551  N  N   . ALA A 1 71  ? 8.373   -1.309  2.072   1.00 13.76  ? 71  ALA A N   1 
ATOM   552  C  CA  . ALA A 1 71  ? 8.197   -2.617  1.450   1.00 13.81  ? 71  ALA A CA  1 
ATOM   553  C  C   . ALA A 1 71  ? 7.574   -2.412  0.079   1.00 25.68  ? 71  ALA A C   1 
ATOM   554  O  O   . ALA A 1 71  ? 8.180   -2.741  -0.928  1.00 29.63  ? 71  ALA A O   1 
ATOM   555  C  CB  . ALA A 1 71  ? 7.345   -3.517  2.329   1.00 14.48  ? 71  ALA A CB  1 
ATOM   556  N  N   . LEU A 1 72  ? 6.399   -1.755  -0.005  1.00 20.78  ? 72  LEU A N   1 
ATOM   557  C  CA  . LEU A 1 72  ? 5.797   -1.497  -1.322  1.00 18.30  ? 72  LEU A CA  1 
ATOM   558  C  C   . LEU A 1 72  ? 6.749   -0.879  -2.342  1.00 15.11  ? 72  LEU A C   1 
ATOM   559  O  O   . LEU A 1 72  ? 6.744   -1.216  -3.546  1.00 20.06  ? 72  LEU A O   1 
ATOM   560  C  CB  . LEU A 1 72  ? 4.524   -0.658  -1.228  1.00 15.89  ? 72  LEU A CB  1 
ATOM   561  C  CG  . LEU A 1 72  ? 3.875   -0.424  -2.604  1.00 20.18  ? 72  LEU A CG  1 
ATOM   562  C  CD1 . LEU A 1 72  ? 3.294   -1.699  -3.284  1.00 10.03  ? 72  LEU A CD1 1 
ATOM   563  C  CD2 . LEU A 1 72  ? 2.766   0.566   -2.333  1.00 21.94  ? 72  LEU A CD2 1 
ATOM   564  N  N   . GLY A 1 73  ? 7.571   0.041   -1.832  1.00 12.92  ? 73  GLY A N   1 
ATOM   565  C  CA  . GLY A 1 73  ? 8.542   0.717   -2.689  1.00 9.57   ? 73  GLY A CA  1 
ATOM   566  C  C   . GLY A 1 73  ? 9.607   -0.262  -3.191  1.00 19.60  ? 73  GLY A C   1 
ATOM   567  O  O   . GLY A 1 73  ? 10.010  -0.334  -4.361  1.00 18.65  ? 73  GLY A O   1 
ATOM   568  N  N   . ALA A 1 74  ? 10.117  -1.073  -2.311  1.00 15.04  ? 74  ALA A N   1 
ATOM   569  C  CA  . ALA A 1 74  ? 11.117  -1.977  -2.862  1.00 18.02  ? 74  ALA A CA  1 
ATOM   570  C  C   . ALA A 1 74  ? 10.500  -2.890  -3.931  1.00 17.46  ? 74  ALA A C   1 
ATOM   571  O  O   . ALA A 1 74  ? 11.092  -3.208  -4.937  1.00 18.40  ? 74  ALA A O   1 
ATOM   572  C  CB  . ALA A 1 74  ? 11.745  -2.823  -1.759  1.00 21.67  ? 74  ALA A CB  1 
ATOM   573  N  N   . ILE A 1 75  ? 9.259   -3.278  -3.743  1.00 20.66  ? 75  ILE A N   1 
ATOM   574  C  CA  . ILE A 1 75  ? 8.584   -4.057  -4.760  1.00 20.14  ? 75  ILE A CA  1 
ATOM   575  C  C   . ILE A 1 75  ? 8.445   -3.329  -6.111  1.00 26.94  ? 75  ILE A C   1 
ATOM   576  O  O   . ILE A 1 75  ? 8.694   -3.882  -7.160  1.00 24.60  ? 75  ILE A O   1 
ATOM   577  C  CB  . ILE A 1 75  ? 7.226   -4.471  -4.234  1.00 17.07  ? 75  ILE A CB  1 
ATOM   578  C  CG1 . ILE A 1 75  ? 7.515   -5.529  -3.195  1.00 13.72  ? 75  ILE A CG1 1 
ATOM   579  C  CG2 . ILE A 1 75  ? 6.386   -5.119  -5.340  1.00 17.27  ? 75  ILE A CG2 1 
ATOM   580  C  CD1 . ILE A 1 75  ? 6.259   -5.796  -2.367  1.00 24.89  ? 75  ILE A CD1 1 
ATOM   581  N  N   . LEU A 1 76  ? 7.987   -2.080  -6.138  1.00 20.05  ? 76  LEU A N   1 
ATOM   582  C  CA  . LEU A 1 76  ? 7.798   -1.350  -7.403  1.00 10.08  ? 76  LEU A CA  1 
ATOM   583  C  C   . LEU A 1 76  ? 9.068   -1.040  -8.152  1.00 10.12  ? 76  LEU A C   1 
ATOM   584  O  O   . LEU A 1 76  ? 9.119   -0.948  -9.354  1.00 17.99  ? 76  LEU A O   1 
ATOM   585  C  CB  . LEU A 1 76  ? 7.063   -0.012  -7.074  1.00 8.74   ? 76  LEU A CB  1 
ATOM   586  C  CG  . LEU A 1 76  ? 5.705   -0.174  -6.400  1.00 10.03  ? 76  LEU A CG  1 
ATOM   587  C  CD1 . LEU A 1 76  ? 5.211   1.240   -6.000  1.00 25.28  ? 76  LEU A CD1 1 
ATOM   588  C  CD2 . LEU A 1 76  ? 4.679   -0.632  -7.454  1.00 15.06  ? 76  LEU A CD2 1 
ATOM   589  N  N   . LYS A 1 77  ? 10.159  -0.775  -7.486  1.00 12.44  ? 77  LYS A N   1 
ATOM   590  C  CA  . LYS A 1 77  ? 11.399  -0.542  -8.262  1.00 11.48  ? 77  LYS A CA  1 
ATOM   591  C  C   . LYS A 1 77  ? 11.892  -1.813  -8.907  1.00 16.11  ? 77  LYS A C   1 
ATOM   592  O  O   . LYS A 1 77  ? 12.822  -1.857  -9.669  1.00 19.37  ? 77  LYS A O   1 
ATOM   593  C  CB  . LYS A 1 77  ? 12.483  0.081   -7.378  1.00 18.11  ? 77  LYS A CB  1 
ATOM   594  C  CG  . LYS A 1 77  ? 11.942  1.305   -6.586  1.00 28.53  ? 77  LYS A CG  1 
ATOM   595  C  CD  . LYS A 1 77  ? 12.791  1.726   -5.415  1.00 38.22  ? 77  LYS A CD  1 
ATOM   596  C  CE  . LYS A 1 77  ? 12.665  3.207   -5.126  1.00 33.59  ? 77  LYS A CE  1 
ATOM   597  N  NZ  . LYS A 1 77  ? 13.917  3.932   -5.405  1.00 63.07  ? 77  LYS A NZ  1 
ATOM   598  N  N   . LYS A 1 78  ? 11.188  -2.894  -8.626  1.00 13.94  ? 78  LYS A N   1 
ATOM   599  C  CA  . LYS A 1 78  ? 11.549  -4.169  -9.237  1.00 19.58  ? 78  LYS A CA  1 
ATOM   600  C  C   . LYS A 1 78  ? 10.879  -4.357  -10.596 1.00 24.20  ? 78  LYS A C   1 
ATOM   601  O  O   . LYS A 1 78  ? 11.144  -5.312  -11.331 1.00 31.54  ? 78  LYS A O   1 
ATOM   602  C  CB  . LYS A 1 78  ? 11.314  -5.401  -8.329  1.00 16.88  ? 78  LYS A CB  1 
ATOM   603  C  CG  . LYS A 1 78  ? 12.381  -5.653  -7.238  1.00 28.62  ? 78  LYS A CG  1 
ATOM   604  N  N   . LYS A 1 79  ? 10.003  -3.418  -10.914 1.00 20.01  ? 79  LYS A N   1 
ATOM   605  C  CA  . LYS A 1 79  ? 9.305   -3.392  -12.162 1.00 17.06  ? 79  LYS A CA  1 
ATOM   606  C  C   . LYS A 1 79  ? 8.788   -4.729  -12.594 1.00 29.90  ? 79  LYS A C   1 
ATOM   607  O  O   . LYS A 1 79  ? 9.015   -5.183  -13.721 1.00 31.81  ? 79  LYS A O   1 
ATOM   608  C  CB  . LYS A 1 79  ? 10.047  -2.723  -13.267 1.00 18.18  ? 79  LYS A CB  1 
ATOM   609  C  CG  . LYS A 1 79  ? 10.440  -1.290  -12.869 1.00 41.95  ? 79  LYS A CG  1 
ATOM   610  C  CD  . LYS A 1 79  ? 11.470  -0.672  -13.828 1.00 22.59  ? 79  LYS A CD  1 
ATOM   611  N  N   . GLY A 1 80  ? 8.023   -5.314  -11.691 1.00 21.32  ? 80  GLY A N   1 
ATOM   612  C  CA  . GLY A 1 80  ? 7.404   -6.536  -12.088 1.00 26.93  ? 80  GLY A CA  1 
ATOM   613  C  C   . GLY A 1 80  ? 8.322   -7.671  -11.774 1.00 36.03  ? 80  GLY A C   1 
ATOM   614  O  O   . GLY A 1 80  ? 7.870   -8.779  -11.772 1.00 30.35  ? 80  GLY A O   1 
ATOM   615  N  N   . HIS A 1 81  ? 9.569   -7.424  -11.415 1.00 19.60  ? 81  HIS A N   1 
ATOM   616  C  CA  . HIS A 1 81  ? 10.294  -8.614  -11.123 1.00 18.17  ? 81  HIS A CA  1 
ATOM   617  C  C   . HIS A 1 81  ? 10.357  -8.856  -9.648  1.00 22.32  ? 81  HIS A C   1 
ATOM   618  O  O   . HIS A 1 81  ? 11.441  -9.020  -9.212  1.00 18.31  ? 81  HIS A O   1 
ATOM   619  C  CB  . HIS A 1 81  ? 11.716  -8.545  -11.627 1.00 16.81  ? 81  HIS A CB  1 
ATOM   620  C  CG  . HIS A 1 81  ? 11.581  -8.580  -13.083 1.00 31.32  ? 81  HIS A CG  1 
ATOM   621  N  ND1 . HIS A 1 81  ? 12.514  -9.228  -13.846 1.00 42.72  ? 81  HIS A ND1 1 
ATOM   622  C  CD2 . HIS A 1 81  ? 10.586  -8.164  -13.908 1.00 44.77  ? 81  HIS A CD2 1 
ATOM   623  C  CE1 . HIS A 1 81  ? 12.131  -9.138  -15.115 1.00 45.46  ? 81  HIS A CE1 1 
ATOM   624  N  NE2 . HIS A 1 81  ? 10.960  -8.525  -15.180 1.00 47.21  ? 81  HIS A NE2 1 
ATOM   625  N  N   . HIS A 1 82  ? 9.270   -8.974  -8.907  1.00 28.75  ? 82  HIS A N   1 
ATOM   626  C  CA  . HIS A 1 82  ? 9.277   -8.994  -7.437  1.00 27.80  ? 82  HIS A CA  1 
ATOM   627  C  C   . HIS A 1 82  ? 8.956   -10.223 -6.540  1.00 22.50  ? 82  HIS A C   1 
ATOM   628  O  O   . HIS A 1 82  ? 8.769   -10.065 -5.321  1.00 19.29  ? 82  HIS A O   1 
ATOM   629  C  CB  . HIS A 1 82  ? 8.344   -7.804  -7.147  1.00 24.68  ? 82  HIS A CB  1 
ATOM   630  C  CG  . HIS A 1 82  ? 7.003   -8.073  -7.752  1.00 30.21  ? 82  HIS A CG  1 
ATOM   631  N  ND1 . HIS A 1 82  ? 6.351   -7.140  -8.565  1.00 33.41  ? 82  HIS A ND1 1 
ATOM   632  C  CD2 . HIS A 1 82  ? 6.248   -9.238  -7.760  1.00 26.71  ? 82  HIS A CD2 1 
ATOM   633  C  CE1 . HIS A 1 82  ? 5.187   -7.690  -8.930  1.00 25.72  ? 82  HIS A CE1 1 
ATOM   634  N  NE2 . HIS A 1 82  ? 5.091   -8.939  -8.465  1.00 21.96  ? 82  HIS A NE2 1 
ATOM   635  N  N   . GLU A 1 83  ? 8.903   -11.448 -7.111  1.00 34.11  ? 83  GLU A N   1 
ATOM   636  C  CA  . GLU A 1 83  ? 8.601   -12.709 -6.409  1.00 32.81  ? 83  GLU A CA  1 
ATOM   637  C  C   . GLU A 1 83  ? 9.355   -12.840 -5.105  1.00 22.66  ? 83  GLU A C   1 
ATOM   638  O  O   . GLU A 1 83  ? 8.808   -12.980 -4.011  1.00 35.82  ? 83  GLU A O   1 
ATOM   639  C  CB  . GLU A 1 83  ? 8.754   -13.942 -7.293  1.00 35.59  ? 83  GLU A CB  1 
ATOM   640  N  N   . ALA A 1 84  ? 10.643  -12.688 -5.170  1.00 11.96  ? 84  ALA A N   1 
ATOM   641  C  CA  . ALA A 1 84  ? 11.382  -12.741 -3.898  1.00 17.70  ? 84  ALA A CA  1 
ATOM   642  C  C   . ALA A 1 84  ? 10.916  -11.820 -2.752  1.00 21.12  ? 84  ALA A C   1 
ATOM   643  O  O   . ALA A 1 84  ? 10.875  -12.196 -1.570  1.00 25.78  ? 84  ALA A O   1 
ATOM   644  C  CB  . ALA A 1 84  ? 12.904  -12.594 -4.135  1.00 17.09  ? 84  ALA A CB  1 
ATOM   645  N  N   . GLU A 1 85  ? 10.589  -10.583 -3.138  1.00 18.76  ? 85  GLU A N   1 
ATOM   646  C  CA  . GLU A 1 85  ? 10.173  -9.496  -2.272  1.00 11.73  ? 85  GLU A CA  1 
ATOM   647  C  C   . GLU A 1 85  ? 8.764   -9.712  -1.889  1.00 19.00  ? 85  GLU A C   1 
ATOM   648  O  O   . GLU A 1 85  ? 8.421   -9.551  -0.736  1.00 24.29  ? 85  GLU A O   1 
ATOM   649  C  CB  . GLU A 1 85  ? 10.278  -8.170  -3.042  1.00 17.07  ? 85  GLU A CB  1 
ATOM   650  C  CG  . GLU A 1 85  ? 11.721  -7.595  -3.107  1.00 14.63  ? 85  GLU A CG  1 
ATOM   651  C  CD  . GLU A 1 85  ? 12.435  -8.185  -4.284  1.00 30.15  ? 85  GLU A CD  1 
ATOM   652  O  OE1 . GLU A 1 85  ? 11.879  -8.796  -5.191  1.00 22.75  ? 85  GLU A OE1 1 
ATOM   653  O  OE2 . GLU A 1 85  ? 13.717  -8.027  -4.186  1.00 45.23  ? 85  GLU A OE2 1 
ATOM   654  N  N   . LEU A 1 86  ? 8.021   -10.220 -2.861  1.00 12.44  ? 86  LEU A N   1 
ATOM   655  C  CA  . LEU A 1 86  ? 6.606   -10.474 -2.655  1.00 16.23  ? 86  LEU A CA  1 
ATOM   656  C  C   . LEU A 1 86  ? 6.238   -11.638 -1.732  1.00 26.44  ? 86  LEU A C   1 
ATOM   657  O  O   . LEU A 1 86  ? 5.296   -11.619 -0.892  1.00 28.67  ? 86  LEU A O   1 
ATOM   658  C  CB  . LEU A 1 86  ? 6.004   -10.630 -4.097  1.00 17.40  ? 86  LEU A CB  1 
ATOM   659  C  CG  . LEU A 1 86  ? 4.477   -10.497 -4.160  1.00 23.39  ? 86  LEU A CG  1 
ATOM   660  C  CD1 . LEU A 1 86  ? 4.132   -9.453  -5.198  1.00 20.17  ? 86  LEU A CD1 1 
ATOM   661  C  CD2 . LEU A 1 86  ? 3.859   -11.782 -4.660  1.00 34.24  ? 86  LEU A CD2 1 
ATOM   662  N  N   . LYS A 1 87  ? 6.980   -12.723 -1.946  1.00 25.21  ? 87  LYS A N   1 
ATOM   663  C  CA  . LYS A 1 87  ? 6.776   -13.987 -1.253  1.00 17.64  ? 87  LYS A CA  1 
ATOM   664  C  C   . LYS A 1 87  ? 6.601   -13.841 0.270   1.00 21.66  ? 87  LYS A C   1 
ATOM   665  O  O   . LYS A 1 87  ? 5.535   -14.265 0.809   1.00 20.00  ? 87  LYS A O   1 
ATOM   666  C  CB  . LYS A 1 87  ? 7.891   -14.941 -1.732  1.00 23.43  ? 87  LYS A CB  1 
ATOM   667  C  CG  . LYS A 1 87  ? 7.772   -16.468 -1.475  1.00 77.85  ? 87  LYS A CG  1 
ATOM   668  C  CD  . LYS A 1 87  ? 9.103   -17.196 -1.096  1.00 100.00 ? 87  LYS A CD  1 
ATOM   669  C  CE  . LYS A 1 87  ? 9.836   -17.995 -2.204  1.00 99.74  ? 87  LYS A CE  1 
ATOM   670  N  NZ  . LYS A 1 87  ? 11.207  -18.461 -1.879  1.00 76.32  ? 87  LYS A NZ  1 
ATOM   671  N  N   . PRO A 1 88  ? 7.620   -13.227 1.030   1.00 25.58  ? 88  PRO A N   1 
ATOM   672  C  CA  . PRO A 1 88  ? 7.384   -13.103 2.495   1.00 14.31  ? 88  PRO A CA  1 
ATOM   673  C  C   . PRO A 1 88  ? 6.030   -12.445 2.873   1.00 24.53  ? 88  PRO A C   1 
ATOM   674  O  O   . PRO A 1 88  ? 5.363   -12.767 3.885   1.00 26.74  ? 88  PRO A O   1 
ATOM   675  C  CB  . PRO A 1 88  ? 8.601   -12.295 3.092   1.00 18.83  ? 88  PRO A CB  1 
ATOM   676  C  CG  . PRO A 1 88  ? 9.601   -11.977 1.972   1.00 22.15  ? 88  PRO A CG  1 
ATOM   677  C  CD  . PRO A 1 88  ? 9.014   -12.635 0.711   1.00 21.48  ? 88  PRO A CD  1 
ATOM   678  N  N   . LEU A 1 89  ? 5.591   -11.456 2.091   1.00 13.45  ? 89  LEU A N   1 
ATOM   679  C  CA  . LEU A 1 89  ? 4.357   -10.799 2.536   1.00 13.21  ? 89  LEU A CA  1 
ATOM   680  C  C   . LEU A 1 89  ? 3.104   -11.654 2.339   1.00 7.69   ? 89  LEU A C   1 
ATOM   681  O  O   . LEU A 1 89  ? 2.137   -11.590 3.106   1.00 10.46  ? 89  LEU A O   1 
ATOM   682  C  CB  . LEU A 1 89  ? 4.288   -9.554  1.643   1.00 16.68  ? 89  LEU A CB  1 
ATOM   683  C  CG  . LEU A 1 89  ? 5.125   -8.362  2.034   1.00 15.90  ? 89  LEU A CG  1 
ATOM   684  C  CD1 . LEU A 1 89  ? 5.145   -7.586  0.750   1.00 18.05  ? 89  LEU A CD1 1 
ATOM   685  C  CD2 . LEU A 1 89  ? 4.308   -7.591  3.103   1.00 19.43  ? 89  LEU A CD2 1 
ATOM   686  N  N   . ALA A 1 90  ? 3.121   -12.397 1.251   1.00 8.43   ? 90  ALA A N   1 
ATOM   687  C  CA  . ALA A 1 90  ? 2.007   -13.342 0.935   1.00 14.28  ? 90  ALA A CA  1 
ATOM   688  C  C   . ALA A 1 90  ? 2.033   -14.449 2.015   1.00 15.01  ? 90  ALA A C   1 
ATOM   689  O  O   . ALA A 1 90  ? 1.034   -14.830 2.670   1.00 15.48  ? 90  ALA A O   1 
ATOM   690  C  CB  . ALA A 1 90  ? 2.225   -13.904 -0.482  1.00 11.27  ? 90  ALA A CB  1 
ATOM   691  N  N   . GLN A 1 91  ? 3.228   -14.849 2.404   1.00 10.28  ? 91  GLN A N   1 
ATOM   692  C  CA  . GLN A 1 91  ? 3.203   -15.878 3.444   1.00 15.79  ? 91  GLN A CA  1 
ATOM   693  C  C   . GLN A 1 91  ? 2.620   -15.347 4.663   1.00 29.45  ? 91  GLN A C   1 
ATOM   694  O  O   . GLN A 1 91  ? 1.856   -15.993 5.316   1.00 25.35  ? 91  GLN A O   1 
ATOM   695  C  CB  . GLN A 1 91  ? 4.559   -16.090 4.051   1.00 23.69  ? 91  GLN A CB  1 
ATOM   696  C  CG  . GLN A 1 91  ? 5.551   -16.748 3.115   1.00 52.67  ? 91  GLN A CG  1 
ATOM   697  C  CD  . GLN A 1 91  ? 5.440   -18.245 3.215   1.00 70.76  ? 91  GLN A CD  1 
ATOM   698  O  OE1 . GLN A 1 91  ? 4.813   -18.790 4.144   1.00 69.42  ? 91  GLN A OE1 1 
ATOM   699  N  NE2 . GLN A 1 91  ? 5.942   -18.902 2.185   1.00 54.56  ? 91  GLN A NE2 1 
ATOM   700  N  N   . SER A 1 92  ? 3.139   -14.207 5.070   1.00 25.80  ? 92  SER A N   1 
ATOM   701  C  CA  . SER A 1 92  ? 2.610   -13.724 6.319   1.00 22.20  ? 92  SER A CA  1 
ATOM   702  C  C   . SER A 1 92  ? 1.085   -13.426 6.194   1.00 23.79  ? 92  SER A C   1 
ATOM   703  O  O   . SER A 1 92  ? 0.247   -13.525 7.138   1.00 18.64  ? 92  SER A O   1 
ATOM   704  C  CB  . SER A 1 92  ? 3.402   -12.463 6.716   1.00 27.48  ? 92  SER A CB  1 
ATOM   705  O  OG  . SER A 1 92  ? 3.064   -11.358 5.878   1.00 32.71  ? 92  SER A OG  1 
ATOM   706  N  N   . GLY A 1 93  ? 0.662   -12.998 5.008   1.00 14.62  ? 93  GLY A N   1 
ATOM   707  C  CA  . GLY A 1 93  ? -0.730  -12.666 5.029   1.00 18.00  ? 93  GLY A CA  1 
ATOM   708  C  C   . GLY A 1 93  ? -1.580  -13.900 4.932   1.00 25.57  ? 93  GLY A C   1 
ATOM   709  O  O   . GLY A 1 93  ? -2.750  -13.906 5.277   1.00 19.24  ? 93  GLY A O   1 
ATOM   710  N  N   . ALA A 1 94  ? -0.982  -14.973 4.437   1.00 24.87  ? 94  ALA A N   1 
ATOM   711  C  CA  . ALA A 1 94  ? -1.810  -16.153 4.336   1.00 19.36  ? 94  ALA A CA  1 
ATOM   712  C  C   . ALA A 1 94  ? -1.791  -16.924 5.608   1.00 29.78  ? 94  ALA A C   1 
ATOM   713  O  O   . ALA A 1 94  ? -2.649  -17.755 5.824   1.00 29.90  ? 94  ALA A O   1 
ATOM   714  C  CB  . ALA A 1 94  ? -1.216  -17.092 3.302   1.00 18.78  ? 94  ALA A CB  1 
ATOM   715  N  N   . THR A 1 95  ? -0.716  -16.758 6.370   1.00 29.90  ? 95  THR A N   1 
ATOM   716  C  CA  . THR A 1 95  ? -0.455  -17.529 7.594   1.00 22.51  ? 95  THR A CA  1 
ATOM   717  C  C   . THR A 1 95  ? -0.592  -16.877 8.930   1.00 38.76  ? 95  THR A C   1 
ATOM   718  O  O   . THR A 1 95  ? -1.101  -17.544 9.811   1.00 48.64  ? 95  THR A O   1 
ATOM   719  C  CB  . THR A 1 95  ? 0.823   -18.401 7.547   1.00 26.80  ? 95  THR A CB  1 
ATOM   720  O  OG1 . THR A 1 95  ? 1.963   -17.627 7.848   1.00 76.98  ? 95  THR A OG1 1 
ATOM   721  C  CG2 . THR A 1 95  ? 1.024   -19.063 6.158   1.00 24.61  ? 95  THR A CG2 1 
ATOM   722  N  N   . LYS A 1 96  ? -0.117  -15.642 9.112   1.00 42.10  ? 96  LYS A N   1 
ATOM   723  C  CA  . LYS A 1 96  ? -0.185  -14.976 10.410  1.00 40.67  ? 96  LYS A CA  1 
ATOM   724  C  C   . LYS A 1 96  ? -1.454  -14.168 10.493  1.00 50.44  ? 96  LYS A C   1 
ATOM   725  O  O   . LYS A 1 96  ? -2.363  -14.478 11.246  1.00 56.49  ? 96  LYS A O   1 
ATOM   726  C  CB  . LYS A 1 96  ? 1.015   -14.013 10.627  1.00 44.33  ? 96  LYS A CB  1 
ATOM   727  C  CG  . LYS A 1 96  ? 2.039   -14.274 11.744  1.00 40.21  ? 96  LYS A CG  1 
ATOM   728  C  CD  . LYS A 1 96  ? 2.005   -13.303 12.940  1.00 72.52  ? 96  LYS A CD  1 
ATOM   729  C  CE  . LYS A 1 96  ? 2.409   -13.896 14.301  1.00 63.68  ? 96  LYS A CE  1 
ATOM   730  N  NZ  . LYS A 1 96  ? 1.471   -13.588 15.409  1.00 82.37  ? 96  LYS A NZ  1 
ATOM   731  N  N   . HIS A 1 97  ? -1.442  -13.108 9.679   1.00 42.81  ? 97  HIS A N   1 
ATOM   732  C  CA  . HIS A 1 97  ? -2.409  -12.028 9.593   1.00 33.55  ? 97  HIS A CA  1 
ATOM   733  C  C   . HIS A 1 97  ? -3.718  -12.360 8.941   1.00 35.29  ? 97  HIS A C   1 
ATOM   734  O  O   . HIS A 1 97  ? -4.720  -11.794 9.324   1.00 39.89  ? 97  HIS A O   1 
ATOM   735  C  CB  . HIS A 1 97  ? -1.792  -10.782 8.915   1.00 31.35  ? 97  HIS A CB  1 
ATOM   736  C  CG  . HIS A 1 97  ? -0.387  -10.540 9.367   1.00 35.35  ? 97  HIS A CG  1 
ATOM   737  N  ND1 . HIS A 1 97  ? -0.031  -10.585 10.737  1.00 37.00  ? 97  HIS A ND1 1 
ATOM   738  C  CD2 . HIS A 1 97  ? 0.738   -10.275 8.630   1.00 31.46  ? 97  HIS A CD2 1 
ATOM   739  C  CE1 . HIS A 1 97  ? 1.287   -10.352 10.760  1.00 32.77  ? 97  HIS A CE1 1 
ATOM   740  N  NE2 . HIS A 1 97  ? 1.786   -10.144 9.529   1.00 29.81  ? 97  HIS A NE2 1 
ATOM   741  N  N   . LYS A 1 98  ? -3.725  -13.211 7.930   1.00 36.21  ? 98  LYS A N   1 
ATOM   742  C  CA  . LYS A 1 98  ? -4.998  -13.554 7.327   1.00 38.31  ? 98  LYS A CA  1 
ATOM   743  C  C   . LYS A 1 98  ? -5.660  -12.326 6.729   1.00 33.93  ? 98  LYS A C   1 
ATOM   744  O  O   . LYS A 1 98  ? -6.797  -11.995 7.087   1.00 30.98  ? 98  LYS A O   1 
ATOM   745  C  CB  . LYS A 1 98  ? -5.959  -14.254 8.336   1.00 35.20  ? 98  LYS A CB  1 
ATOM   746  C  CG  . LYS A 1 98  ? -5.903  -15.784 8.408   1.00 40.05  ? 98  LYS A CG  1 
ATOM   747  C  CD  . LYS A 1 98  ? -7.304  -16.383 8.545   1.00 95.60  ? 98  LYS A CD  1 
ATOM   748  N  N   . ILE A 1 99  ? -4.970  -11.698 5.773   1.00 28.25  ? 99  ILE A N   1 
ATOM   749  C  CA  . ILE A 1 99  ? -5.542  -10.530 5.140   1.00 28.22  ? 99  ILE A CA  1 
ATOM   750  C  C   . ILE A 1 99  ? -6.232  -10.840 3.856   1.00 24.25  ? 99  ILE A C   1 
ATOM   751  O  O   . ILE A 1 99  ? -5.645  -11.227 2.853   1.00 32.81  ? 99  ILE A O   1 
ATOM   752  C  CB  . ILE A 1 99  ? -4.498  -9.404  4.860   1.00 34.51  ? 99  ILE A CB  1 
ATOM   753  C  CG1 . ILE A 1 99  ? -3.689  -9.157  6.124   1.00 26.64  ? 99  ILE A CG1 1 
ATOM   754  C  CG2 . ILE A 1 99  ? -5.130  -8.082  4.266   1.00 22.68  ? 99  ILE A CG2 1 
ATOM   755  C  CD1 . ILE A 1 99  ? -4.676  -8.432  7.015   1.00 23.95  ? 99  ILE A CD1 1 
ATOM   756  N  N   . PRO A 1 100 ? -7.446  -10.447 3.801   1.00 14.95  ? 100 PRO A N   1 
ATOM   757  C  CA  . PRO A 1 100 ? -8.162  -10.695 2.570   1.00 15.48  ? 100 PRO A CA  1 
ATOM   758  C  C   . PRO A 1 100 ? -7.706  -9.800  1.454   1.00 21.42  ? 100 PRO A C   1 
ATOM   759  O  O   . PRO A 1 100 ? -7.294  -8.676  1.686   1.00 24.55  ? 100 PRO A O   1 
ATOM   760  C  CB  . PRO A 1 100 ? -9.628  -10.469 2.972   1.00 15.95  ? 100 PRO A CB  1 
ATOM   761  C  CG  . PRO A 1 100 ? -9.584  -9.658  4.253   1.00 16.28  ? 100 PRO A CG  1 
ATOM   762  C  CD  . PRO A 1 100 ? -8.302  -10.076 4.924   1.00 11.38  ? 100 PRO A CD  1 
ATOM   763  N  N   . ILE A 1 101 ? -7.803  -10.301 0.236   1.00 17.24  ? 101 ILE A N   1 
ATOM   764  C  CA  . ILE A 1 101 ? -7.453  -9.504  -0.935  1.00 22.30  ? 101 ILE A CA  1 
ATOM   765  C  C   . ILE A 1 101 ? -8.225  -8.166  -0.970  1.00 31.05  ? 101 ILE A C   1 
ATOM   766  O  O   . ILE A 1 101 ? -7.781  -7.143  -1.521  1.00 28.90  ? 101 ILE A O   1 
ATOM   767  C  CB  . ILE A 1 101 ? -7.627  -10.269 -2.261  1.00 22.77  ? 101 ILE A CB  1 
ATOM   768  C  CG1 . ILE A 1 101 ? -6.613  -11.420 -2.298  1.00 25.15  ? 101 ILE A CG1 1 
ATOM   769  C  CG2 . ILE A 1 101 ? -7.243  -9.310  -3.365  1.00 18.15  ? 101 ILE A CG2 1 
ATOM   770  C  CD1 . ILE A 1 101 ? -5.118  -10.979 -2.348  1.00 25.03  ? 101 ILE A CD1 1 
ATOM   771  N  N   . LYS A 1 102 ? -9.407  -8.230  -0.357  1.00 14.47  ? 102 LYS A N   1 
ATOM   772  C  CA  . LYS A 1 102 ? -10.334 -7.115  -0.256  1.00 18.03  ? 102 LYS A CA  1 
ATOM   773  C  C   . LYS A 1 102 ? -9.604  -6.069  0.537   1.00 21.63  ? 102 LYS A C   1 
ATOM   774  O  O   . LYS A 1 102 ? -9.652  -4.924  0.103   1.00 24.69  ? 102 LYS A O   1 
ATOM   775  C  CB  . LYS A 1 102 ? -11.689 -7.387  0.453   1.00 13.42  ? 102 LYS A CB  1 
ATOM   776  C  CG  . LYS A 1 102 ? -12.934 -6.634  -0.097  1.00 69.79  ? 102 LYS A CG  1 
ATOM   777  C  CD  . LYS A 1 102 ? -12.860 -6.094  -1.539  1.00 100.00 ? 102 LYS A CD  1 
ATOM   778  C  CE  . LYS A 1 102 ? -12.195 -4.719  -1.670  1.00 90.20  ? 102 LYS A CE  1 
ATOM   779  N  NZ  . LYS A 1 102 ? -12.921 -3.751  -2.516  1.00 75.33  ? 102 LYS A NZ  1 
ATOM   780  N  N   . TYR A 1 103 ? -8.983  -6.456  1.654   1.00 14.63  ? 103 TYR A N   1 
ATOM   781  C  CA  . TYR A 1 103 ? -8.276  -5.464  2.454   1.00 17.61  ? 103 TYR A CA  1 
ATOM   782  C  C   . TYR A 1 103 ? -7.212  -4.836  1.571   1.00 20.71  ? 103 TYR A C   1 
ATOM   783  O  O   . TYR A 1 103 ? -6.934  -3.648  1.572   1.00 21.74  ? 103 TYR A O   1 
ATOM   784  C  CB  . TYR A 1 103 ? -7.605  -6.113  3.674   1.00 18.85  ? 103 TYR A CB  1 
ATOM   785  C  CG  . TYR A 1 103 ? -8.674  -6.330  4.660   1.00 18.56  ? 103 TYR A CG  1 
ATOM   786  C  CD1 . TYR A 1 103 ? -8.435  -6.714  5.970   1.00 20.12  ? 103 TYR A CD1 1 
ATOM   787  C  CD2 . TYR A 1 103 ? -9.988  -6.088  4.284   1.00 25.45  ? 103 TYR A CD2 1 
ATOM   788  C  CE1 . TYR A 1 103 ? -9.515  -6.909  6.831   1.00 17.81  ? 103 TYR A CE1 1 
ATOM   789  C  CE2 . TYR A 1 103 ? -11.071 -6.217  5.162   1.00 26.33  ? 103 TYR A CE2 1 
ATOM   790  C  CZ  . TYR A 1 103 ? -10.837 -6.670  6.454   1.00 26.61  ? 103 TYR A CZ  1 
ATOM   791  O  OH  . TYR A 1 103 ? -11.889 -6.857  7.347   1.00 38.38  ? 103 TYR A OH  1 
ATOM   792  N  N   . LEU A 1 104 ? -6.581  -5.663  0.762   1.00 15.05  ? 104 LEU A N   1 
ATOM   793  C  CA  . LEU A 1 104 ? -5.577  -5.067  -0.055  1.00 11.79  ? 104 LEU A CA  1 
ATOM   794  C  C   . LEU A 1 104 ? -6.097  -4.068  -1.104  1.00 34.50  ? 104 LEU A C   1 
ATOM   795  O  O   . LEU A 1 104 ? -5.327  -3.163  -1.521  1.00 28.11  ? 104 LEU A O   1 
ATOM   796  C  CB  . LEU A 1 104 ? -4.672  -6.054  -0.703  1.00 7.96   ? 104 LEU A CB  1 
ATOM   797  C  CG  . LEU A 1 104 ? -3.739  -6.850  0.262   1.00 25.47  ? 104 LEU A CG  1 
ATOM   798  C  CD1 . LEU A 1 104 ? -3.056  -8.011  -0.513  1.00 24.85  ? 104 LEU A CD1 1 
ATOM   799  C  CD2 . LEU A 1 104 ? -2.640  -6.032  0.995   1.00 32.63  ? 104 LEU A CD2 1 
ATOM   800  N  N   . GLU A 1 105 ? -7.365  -4.265  -1.605  1.00 28.49  ? 105 GLU A N   1 
ATOM   801  C  CA  . GLU A 1 105 ? -7.878  -3.303  -2.595  1.00 24.83  ? 105 GLU A CA  1 
ATOM   802  C  C   . GLU A 1 105 ? -8.265  -1.972  -1.877  1.00 21.87  ? 105 GLU A C   1 
ATOM   803  O  O   . GLU A 1 105 ? -8.281  -0.890  -2.412  1.00 22.97  ? 105 GLU A O   1 
ATOM   804  C  CB  . GLU A 1 105 ? -9.081  -3.843  -3.358  1.00 19.76  ? 105 GLU A CB  1 
ATOM   805  C  CG  . GLU A 1 105 ? -8.880  -5.096  -4.216  1.00 39.37  ? 105 GLU A CG  1 
ATOM   806  C  CD  . GLU A 1 105 ? -10.147 -5.958  -4.476  1.00 33.32  ? 105 GLU A CD  1 
ATOM   807  O  OE1 . GLU A 1 105 ? -10.961 -6.297  -3.623  1.00 78.47  ? 105 GLU A OE1 1 
ATOM   808  O  OE2 . GLU A 1 105 ? -10.267 -6.300  -5.739  1.00 24.12  ? 105 GLU A OE2 1 
ATOM   809  N  N   . PHE A 1 106 ? -8.556  -2.076  -0.610  1.00 17.01  ? 106 PHE A N   1 
ATOM   810  C  CA  . PHE A 1 106 ? -8.928  -0.907  0.124   1.00 21.79  ? 106 PHE A CA  1 
ATOM   811  C  C   . PHE A 1 106 ? -7.732  -0.043  0.247   1.00 24.14  ? 106 PHE A C   1 
ATOM   812  O  O   . PHE A 1 106 ? -7.846  1.153   0.018   1.00 25.58  ? 106 PHE A O   1 
ATOM   813  C  CB  . PHE A 1 106 ? -9.281  -1.346  1.535   1.00 22.98  ? 106 PHE A CB  1 
ATOM   814  C  CG  . PHE A 1 106 ? -10.675 -1.967  1.582   1.00 25.25  ? 106 PHE A CG  1 
ATOM   815  C  CD1 . PHE A 1 106 ? -11.159 -2.496  2.775   1.00 21.88  ? 106 PHE A CD1 1 
ATOM   816  C  CD2 . PHE A 1 106 ? -11.498 -1.935  0.454   1.00 25.94  ? 106 PHE A CD2 1 
ATOM   817  C  CE1 . PHE A 1 106 ? -12.430 -3.048  2.870   1.00 21.06  ? 106 PHE A CE1 1 
ATOM   818  C  CE2 . PHE A 1 106 ? -12.760 -2.513  0.494   1.00 28.60  ? 106 PHE A CE2 1 
ATOM   819  C  CZ  . PHE A 1 106 ? -13.191 -3.067  1.700   1.00 23.11  ? 106 PHE A CZ  1 
ATOM   820  N  N   . ILE A 1 107 ? -6.629  -0.707  0.623   1.00 10.44  ? 107 ILE A N   1 
ATOM   821  C  CA  . ILE A 1 107 ? -5.383  -0.040  0.749   1.00 11.22  ? 107 ILE A CA  1 
ATOM   822  C  C   . ILE A 1 107 ? -4.890  0.549   -0.545  1.00 17.22  ? 107 ILE A C   1 
ATOM   823  O  O   . ILE A 1 107 ? -4.382  1.666   -0.571  1.00 24.20  ? 107 ILE A O   1 
ATOM   824  C  CB  . ILE A 1 107 ? -4.327  -0.630  1.663   1.00 16.05  ? 107 ILE A CB  1 
ATOM   825  C  CG1 . ILE A 1 107 ? -3.447  0.538   2.127   1.00 11.61  ? 107 ILE A CG1 1 
ATOM   826  C  CG2 . ILE A 1 107 ? -3.412  -1.559  0.846   1.00 9.10   ? 107 ILE A CG2 1 
ATOM   827  C  CD1 . ILE A 1 107 ? -2.413  -0.019  3.091   1.00 28.58  ? 107 ILE A CD1 1 
ATOM   828  N  N   . SER A 1 108 ? -5.103  -0.131  -1.632  1.00 17.13  ? 108 SER A N   1 
ATOM   829  C  CA  . SER A 1 108 ? -4.717  0.407   -2.898  1.00 19.28  ? 108 SER A CA  1 
ATOM   830  C  C   . SER A 1 108 ? -5.390  1.747   -3.126  1.00 28.71  ? 108 SER A C   1 
ATOM   831  O  O   . SER A 1 108 ? -4.762  2.696   -3.646  1.00 20.28  ? 108 SER A O   1 
ATOM   832  C  CB  . SER A 1 108 ? -5.181  -0.606  -3.916  1.00 15.21  ? 108 SER A CB  1 
ATOM   833  O  OG  . SER A 1 108 ? -4.114  -1.589  -3.889  1.00 20.69  ? 108 SER A OG  1 
ATOM   834  N  N   . GLU A 1 109 ? -6.699  1.762   -2.772  1.00 25.34  ? 109 GLU A N   1 
ATOM   835  C  CA  . GLU A 1 109 ? -7.583  2.954   -2.857  1.00 27.12  ? 109 GLU A CA  1 
ATOM   836  C  C   . GLU A 1 109 ? -7.012  4.166   -2.072  1.00 26.95  ? 109 GLU A C   1 
ATOM   837  O  O   . GLU A 1 109 ? -6.881  5.250   -2.638  1.00 18.00  ? 109 GLU A O   1 
ATOM   838  C  CB  . GLU A 1 109 ? -9.074  2.776   -2.432  1.00 23.58  ? 109 GLU A CB  1 
ATOM   839  C  CG  . GLU A 1 109 ? -10.006 2.002   -3.376  1.00 51.59  ? 109 GLU A CG  1 
ATOM   840  C  CD  . GLU A 1 109 ? -10.020 2.517   -4.781  1.00 100.00 ? 109 GLU A CD  1 
ATOM   841  O  OE1 . GLU A 1 109 ? -9.683  3.653   -5.112  1.00 100.00 ? 109 GLU A OE1 1 
ATOM   842  O  OE2 . GLU A 1 109 ? -10.406 1.581   -5.617  1.00 100.00 ? 109 GLU A OE2 1 
ATOM   843  N  N   . ALA A 1 110 ? -6.726  3.946   -0.764  1.00 17.92  ? 110 ALA A N   1 
ATOM   844  C  CA  . ALA A 1 110 ? -6.168  4.940   0.053   1.00 14.91  ? 110 ALA A CA  1 
ATOM   845  C  C   . ALA A 1 110 ? -4.886  5.429   -0.608  1.00 28.04  ? 110 ALA A C   1 
ATOM   846  O  O   . ALA A 1 110 ? -4.675  6.639   -0.662  1.00 29.81  ? 110 ALA A O   1 
ATOM   847  C  CB  . ALA A 1 110 ? -5.933  4.441   1.455   1.00 14.04  ? 110 ALA A CB  1 
ATOM   848  N  N   . ILE A 1 111 ? -4.057  4.525   -1.193  1.00 21.88  ? 111 ILE A N   1 
ATOM   849  C  CA  . ILE A 1 111 ? -2.790  4.936   -1.789  1.00 15.50  ? 111 ILE A CA  1 
ATOM   850  C  C   . ILE A 1 111 ? -2.990  5.988   -2.869  1.00 30.86  ? 111 ILE A C   1 
ATOM   851  O  O   . ILE A 1 111 ? -2.422  7.090   -2.888  1.00 20.88  ? 111 ILE A O   1 
ATOM   852  C  CB  . ILE A 1 111 ? -1.964  3.765   -2.339  1.00 21.09  ? 111 ILE A CB  1 
ATOM   853  C  CG1 . ILE A 1 111 ? -1.328  3.021   -1.147  1.00 19.05  ? 111 ILE A CG1 1 
ATOM   854  C  CG2 . ILE A 1 111 ? -0.847  4.194   -3.309  1.00 13.36  ? 111 ILE A CG2 1 
ATOM   855  C  CD1 . ILE A 1 111 ? -0.867  1.600   -1.482  1.00 13.62  ? 111 ILE A CD1 1 
ATOM   856  N  N   . ILE A 1 112 ? -3.803  5.595   -3.813  1.00 23.38  ? 112 ILE A N   1 
ATOM   857  C  CA  . ILE A 1 112 ? -4.062  6.442   -4.910  1.00 25.00  ? 112 ILE A CA  1 
ATOM   858  C  C   . ILE A 1 112 ? -4.634  7.809   -4.516  1.00 23.72  ? 112 ILE A C   1 
ATOM   859  O  O   . ILE A 1 112 ? -4.161  8.880   -4.880  1.00 17.65  ? 112 ILE A O   1 
ATOM   860  C  CB  . ILE A 1 112 ? -4.907  5.642   -5.860  1.00 32.92  ? 112 ILE A CB  1 
ATOM   861  C  CG1 . ILE A 1 112 ? -3.960  4.892   -6.826  1.00 33.05  ? 112 ILE A CG1 1 
ATOM   862  C  CG2 . ILE A 1 112 ? -5.950  6.514   -6.552  1.00 34.96  ? 112 ILE A CG2 1 
ATOM   863  C  CD1 . ILE A 1 112 ? -4.486  3.556   -7.330  1.00 52.76  ? 112 ILE A CD1 1 
ATOM   864  N  N   . HIS A 1 113 ? -5.626  7.757   -3.689  1.00 13.92  ? 113 HIS A N   1 
ATOM   865  C  CA  . HIS A 1 113 ? -6.229  8.948   -3.213  1.00 18.17  ? 113 HIS A CA  1 
ATOM   866  C  C   . HIS A 1 113 ? -5.228  9.912   -2.539  1.00 27.11  ? 113 HIS A C   1 
ATOM   867  O  O   . HIS A 1 113 ? -5.238  11.101  -2.822  1.00 21.10  ? 113 HIS A O   1 
ATOM   868  C  CB  . HIS A 1 113 ? -7.401  8.552   -2.338  1.00 20.58  ? 113 HIS A CB  1 
ATOM   869  C  CG  . HIS A 1 113 ? -7.916  9.696   -1.580  1.00 30.91  ? 113 HIS A CG  1 
ATOM   870  N  ND1 . HIS A 1 113 ? -9.000  10.469  -2.050  1.00 41.88  ? 113 HIS A ND1 1 
ATOM   871  C  CD2 . HIS A 1 113 ? -7.478  10.204  -0.400  1.00 35.54  ? 113 HIS A CD2 1 
ATOM   872  C  CE1 . HIS A 1 113 ? -9.166  11.437  -1.126  1.00 40.65  ? 113 HIS A CE1 1 
ATOM   873  N  NE2 . HIS A 1 113 ? -8.259  11.309  -0.134  1.00 38.43  ? 113 HIS A NE2 1 
ATOM   874  N  N   . VAL A 1 114 ? -4.310  9.401   -1.676  1.00 26.07  ? 114 VAL A N   1 
ATOM   875  C  CA  . VAL A 1 114 ? -3.275  10.228  -1.077  1.00 19.42  ? 114 VAL A CA  1 
ATOM   876  C  C   . VAL A 1 114 ? -2.389  10.834  -2.183  1.00 24.38  ? 114 VAL A C   1 
ATOM   877  O  O   . VAL A 1 114 ? -2.053  12.005  -2.237  1.00 18.36  ? 114 VAL A O   1 
ATOM   878  C  CB  . VAL A 1 114 ? -2.482  9.554   0.066   1.00 17.19  ? 114 VAL A CB  1 
ATOM   879  C  CG1 . VAL A 1 114 ? -1.271  10.326  0.671   1.00 13.98  ? 114 VAL A CG1 1 
ATOM   880  C  CG2 . VAL A 1 114 ? -3.425  9.342   1.234   1.00 16.34  ? 114 VAL A CG2 1 
ATOM   881  N  N   . LEU A 1 115 ? -2.014  10.035  -3.104  1.00 16.40  ? 115 LEU A N   1 
ATOM   882  C  CA  . LEU A 1 115 ? -1.133  10.530  -4.102  1.00 15.06  ? 115 LEU A CA  1 
ATOM   883  C  C   . LEU A 1 115 ? -1.821  11.623  -4.870  1.00 23.62  ? 115 LEU A C   1 
ATOM   884  O  O   . LEU A 1 115 ? -1.282  12.540  -5.461  1.00 19.93  ? 115 LEU A O   1 
ATOM   885  C  CB  . LEU A 1 115 ? -0.939  9.363   -5.070  1.00 19.39  ? 115 LEU A CB  1 
ATOM   886  C  CG  . LEU A 1 115 ? 0.066   8.318   -4.484  1.00 27.91  ? 115 LEU A CG  1 
ATOM   887  C  CD1 . LEU A 1 115 ? 0.495   7.250   -5.485  1.00 26.18  ? 115 LEU A CD1 1 
ATOM   888  C  CD2 . LEU A 1 115 ? 1.329   8.996   -3.971  1.00 23.52  ? 115 LEU A CD2 1 
ATOM   889  N  N   . HIS A 1 116 ? -3.065  11.464  -5.017  1.00 21.04  ? 116 HIS A N   1 
ATOM   890  C  CA  . HIS A 1 116 ? -3.641  12.451  -5.889  1.00 19.83  ? 116 HIS A CA  1 
ATOM   891  C  C   . HIS A 1 116 ? -3.847  13.741  -5.144  1.00 23.50  ? 116 HIS A C   1 
ATOM   892  O  O   . HIS A 1 116 ? -3.769  14.757  -5.771  1.00 23.26  ? 116 HIS A O   1 
ATOM   893  C  CB  . HIS A 1 116 ? -4.959  11.962  -6.410  1.00 23.77  ? 116 HIS A CB  1 
ATOM   894  C  CG  . HIS A 1 116 ? -5.581  12.838  -7.407  1.00 44.25  ? 116 HIS A CG  1 
ATOM   895  N  ND1 . HIS A 1 116 ? -4.944  13.139  -8.622  1.00 60.62  ? 116 HIS A ND1 1 
ATOM   896  C  CD2 . HIS A 1 116 ? -6.819  13.424  -7.421  1.00 56.02  ? 116 HIS A CD2 1 
ATOM   897  C  CE1 . HIS A 1 116 ? -5.780  13.912  -9.313  1.00 62.35  ? 116 HIS A CE1 1 
ATOM   898  N  NE2 . HIS A 1 116 ? -6.920  14.107  -8.618  1.00 60.95  ? 116 HIS A NE2 1 
ATOM   899  N  N   . SER A 1 117 ? -4.129  13.679  -3.831  1.00 16.50  ? 117 SER A N   1 
ATOM   900  C  CA  . SER A 1 117 ? -4.306  14.864  -3.044  1.00 18.12  ? 117 SER A CA  1 
ATOM   901  C  C   . SER A 1 117 ? -2.978  15.610  -2.913  1.00 34.54  ? 117 SER A C   1 
ATOM   902  O  O   . SER A 1 117 ? -2.808  16.814  -3.073  1.00 30.24  ? 117 SER A O   1 
ATOM   903  C  CB  . SER A 1 117 ? -4.749  14.440  -1.689  1.00 17.20  ? 117 SER A CB  1 
ATOM   904  O  OG  . SER A 1 117 ? -6.013  13.814  -1.903  1.00 44.93  ? 117 SER A OG  1 
ATOM   905  N  N   . ARG A 1 118 ? -1.960  14.886  -2.584  1.00 31.25  ? 118 ARG A N   1 
ATOM   906  C  CA  . ARG A 1 118 ? -0.657  15.497  -2.424  1.00 15.48  ? 118 ARG A CA  1 
ATOM   907  C  C   . ARG A 1 118 ? -0.001  15.851  -3.714  1.00 15.46  ? 118 ARG A C   1 
ATOM   908  O  O   . ARG A 1 118 ? 0.774   16.746  -3.745  1.00 22.33  ? 118 ARG A O   1 
ATOM   909  C  CB  . ARG A 1 118 ? 0.273   14.569  -1.566  1.00 18.41  ? 118 ARG A CB  1 
ATOM   910  C  CG  . ARG A 1 118 ? -0.156  14.636  -0.112  1.00 16.50  ? 118 ARG A CG  1 
ATOM   911  C  CD  . ARG A 1 118 ? 0.500   13.834  1.023   1.00 10.40  ? 118 ARG A CD  1 
ATOM   912  N  NE  . ARG A 1 118 ? 1.755   14.278  1.618   1.00 34.52  ? 118 ARG A NE  1 
ATOM   913  C  CZ  . ARG A 1 118 ? 1.945   14.251  2.935   1.00 17.59  ? 118 ARG A CZ  1 
ATOM   914  N  NH1 . ARG A 1 118 ? 0.959   13.936  3.759   1.00 10.27  ? 118 ARG A NH1 1 
ATOM   915  N  NH2 . ARG A 1 118 ? 3.103   14.641  3.457   1.00 53.24  ? 118 ARG A NH2 1 
ATOM   916  N  N   . HIS A 1 119 ? -0.184  15.116  -4.808  1.00 19.73  ? 119 HIS A N   1 
ATOM   917  C  CA  . HIS A 1 119 ? 0.602   15.369  -6.014  1.00 10.72  ? 119 HIS A CA  1 
ATOM   918  C  C   . HIS A 1 119 ? -0.174  15.553  -7.304  1.00 18.71  ? 119 HIS A C   1 
ATOM   919  O  O   . HIS A 1 119 ? 0.247   15.121  -8.332  1.00 18.16  ? 119 HIS A O   1 
ATOM   920  C  CB  . HIS A 1 119 ? 1.701   14.287  -6.154  1.00 11.67  ? 119 HIS A CB  1 
ATOM   921  C  CG  . HIS A 1 119 ? 2.448   14.051  -4.868  1.00 17.98  ? 119 HIS A CG  1 
ATOM   922  N  ND1 . HIS A 1 119 ? 3.496   14.876  -4.443  1.00 28.76  ? 119 HIS A ND1 1 
ATOM   923  C  CD2 . HIS A 1 119 ? 2.356   13.088  -3.926  1.00 21.79  ? 119 HIS A CD2 1 
ATOM   924  C  CE1 . HIS A 1 119 ? 3.966   14.424  -3.253  1.00 22.09  ? 119 HIS A CE1 1 
ATOM   925  N  NE2 . HIS A 1 119 ? 3.294   13.345  -2.925  1.00 20.98  ? 119 HIS A NE2 1 
ATOM   926  N  N   . PRO A 1 120 ? -1.216  16.333  -7.257  1.00 27.58  ? 120 PRO A N   1 
ATOM   927  C  CA  . PRO A 1 120 ? -2.054  16.635  -8.380  1.00 27.44  ? 120 PRO A CA  1 
ATOM   928  C  C   . PRO A 1 120 ? -1.325  16.781  -9.694  1.00 37.47  ? 120 PRO A C   1 
ATOM   929  O  O   . PRO A 1 120 ? -1.562  16.121  -10.715 1.00 33.30  ? 120 PRO A O   1 
ATOM   930  C  CB  . PRO A 1 120 ? -2.592  18.038  -8.037  1.00 27.08  ? 120 PRO A CB  1 
ATOM   931  C  CG  . PRO A 1 120 ? -2.390  18.351  -6.560  1.00 30.03  ? 120 PRO A CG  1 
ATOM   932  C  CD  . PRO A 1 120 ? -1.306  17.377  -6.135  1.00 29.20  ? 120 PRO A CD  1 
ATOM   933  N  N   . GLY A 1 121 ? -0.411  17.699  -9.715  1.00 25.84  ? 121 GLY A N   1 
ATOM   934  C  CA  . GLY A 1 121 ? 0.224   17.896  -10.970 1.00 19.68  ? 121 GLY A CA  1 
ATOM   935  C  C   . GLY A 1 121 ? 1.219   16.880  -11.490 1.00 36.46  ? 121 GLY A C   1 
ATOM   936  O  O   . GLY A 1 121 ? 1.759   17.091  -12.572 1.00 32.73  ? 121 GLY A O   1 
ATOM   937  N  N   . ASP A 1 122 ? 1.511   15.780  -10.775 1.00 37.25  ? 122 ASP A N   1 
ATOM   938  C  CA  . ASP A 1 122 ? 2.422   14.734  -11.278 1.00 32.68  ? 122 ASP A CA  1 
ATOM   939  C  C   . ASP A 1 122 ? 1.639   13.421  -11.385 1.00 37.36  ? 122 ASP A C   1 
ATOM   940  O  O   . ASP A 1 122 ? 2.200   12.392  -11.759 1.00 47.00  ? 122 ASP A O   1 
ATOM   941  C  CB  . ASP A 1 122 ? 3.515   14.484  -10.254 1.00 37.28  ? 122 ASP A CB  1 
ATOM   942  C  CG  . ASP A 1 122 ? 4.501   15.581  -10.244 1.00 51.25  ? 122 ASP A CG  1 
ATOM   943  O  OD1 . ASP A 1 122 ? 4.606   16.344  -9.301  1.00 55.69  ? 122 ASP A OD1 1 
ATOM   944  O  OD2 . ASP A 1 122 ? 5.133   15.658  -11.392 1.00 37.16  ? 122 ASP A OD2 1 
ATOM   945  N  N   . PHE A 1 123 ? 0.339   13.522  -11.025 1.00 23.71  ? 123 PHE A N   1 
ATOM   946  C  CA  . PHE A 1 123 ? -0.621  12.454  -10.920 1.00 24.18  ? 123 PHE A CA  1 
ATOM   947  C  C   . PHE A 1 123 ? -1.895  12.598  -11.718 1.00 24.86  ? 123 PHE A C   1 
ATOM   948  O  O   . PHE A 1 123 ? -2.990  12.513  -11.130 1.00 24.84  ? 123 PHE A O   1 
ATOM   949  C  CB  . PHE A 1 123 ? -1.087  12.156  -9.486  1.00 23.52  ? 123 PHE A CB  1 
ATOM   950  C  CG  . PHE A 1 123 ? -1.414  10.687  -9.248  1.00 27.80  ? 123 PHE A CG  1 
ATOM   951  C  CD1 . PHE A 1 123 ? -0.475  9.689   -9.567  1.00 26.38  ? 123 PHE A CD1 1 
ATOM   952  C  CD2 . PHE A 1 123 ? -2.598  10.312  -8.600  1.00 29.37  ? 123 PHE A CD2 1 
ATOM   953  C  CE1 . PHE A 1 123 ? -0.643  8.342   -9.251  1.00 13.93  ? 123 PHE A CE1 1 
ATOM   954  C  CE2 . PHE A 1 123 ? -2.805  8.962   -8.300  1.00 31.76  ? 123 PHE A CE2 1 
ATOM   955  C  CZ  . PHE A 1 123 ? -1.848  7.998   -8.640  1.00 18.28  ? 123 PHE A CZ  1 
ATOM   956  N  N   . GLY A 1 124 ? -1.685  12.700  -13.017 1.00 25.13  ? 124 GLY A N   1 
ATOM   957  C  CA  . GLY A 1 124 ? -2.698  12.774  -14.047 1.00 25.96  ? 124 GLY A CA  1 
ATOM   958  C  C   . GLY A 1 124 ? -3.230  11.400  -14.409 1.00 28.73  ? 124 GLY A C   1 
ATOM   959  O  O   . GLY A 1 124 ? -2.916  10.380  -13.862 1.00 32.24  ? 124 GLY A O   1 
ATOM   960  N  N   . ALA A 1 125 ? -4.085  11.380  -15.346 1.00 23.94  ? 125 ALA A N   1 
ATOM   961  C  CA  . ALA A 1 125 ? -4.730  10.148  -15.661 1.00 25.36  ? 125 ALA A CA  1 
ATOM   962  C  C   . ALA A 1 125 ? -3.788  9.083   -16.133 1.00 15.62  ? 125 ALA A C   1 
ATOM   963  O  O   . ALA A 1 125 ? -3.989  7.945   -15.844 1.00 23.99  ? 125 ALA A O   1 
ATOM   964  C  CB  . ALA A 1 125 ? -5.722  10.469  -16.738 1.00 25.91  ? 125 ALA A CB  1 
ATOM   965  N  N   . ASP A 1 126 ? -2.781  9.458   -16.867 1.00 10.28  ? 126 ASP A N   1 
ATOM   966  C  CA  . ASP A 1 126 ? -1.876  8.519   -17.393 1.00 14.51  ? 126 ASP A CA  1 
ATOM   967  C  C   . ASP A 1 126 ? -1.200  7.905   -16.207 1.00 23.70  ? 126 ASP A C   1 
ATOM   968  O  O   . ASP A 1 126 ? -1.140  6.704   -16.085 1.00 32.85  ? 126 ASP A O   1 
ATOM   969  C  CB  . ASP A 1 126 ? -0.853  9.253   -18.282 1.00 22.70  ? 126 ASP A CB  1 
ATOM   970  C  CG  . ASP A 1 126 ? -0.691  10.736  -17.899 1.00 81.54  ? 126 ASP A CG  1 
ATOM   971  O  OD1 . ASP A 1 126 ? -0.792  11.624  -18.739 1.00 100.00 ? 126 ASP A OD1 1 
ATOM   972  O  OD2 . ASP A 1 126 ? -0.510  11.039  -16.607 1.00 48.83  ? 126 ASP A OD2 1 
ATOM   973  N  N   . ALA A 1 127 ? -0.683  8.737   -15.336 1.00 12.41  ? 127 ALA A N   1 
ATOM   974  C  CA  . ALA A 1 127 ? 0.060   8.278   -14.199 1.00 17.68  ? 127 ALA A CA  1 
ATOM   975  C  C   . ALA A 1 127 ? -0.740  7.485   -13.232 1.00 13.84  ? 127 ALA A C   1 
ATOM   976  O  O   . ALA A 1 127 ? -0.331  6.513   -12.597 1.00 22.31  ? 127 ALA A O   1 
ATOM   977  C  CB  . ALA A 1 127 ? 0.524   9.493   -13.469 1.00 20.63  ? 127 ALA A CB  1 
ATOM   978  N  N   . GLN A 1 128 ? -1.919  7.941   -13.100 1.00 16.36  ? 128 GLN A N   1 
ATOM   979  C  CA  . GLN A 1 128 ? -2.841  7.329   -12.174 1.00 16.69  ? 128 GLN A CA  1 
ATOM   980  C  C   . GLN A 1 128 ? -3.225  5.972   -12.704 1.00 28.69  ? 128 GLN A C   1 
ATOM   981  O  O   . GLN A 1 128 ? -3.337  5.014   -11.938 1.00 25.83  ? 128 GLN A O   1 
ATOM   982  C  CB  . GLN A 1 128 ? -4.127  8.139   -12.254 1.00 21.14  ? 128 GLN A CB  1 
ATOM   983  C  CG  . GLN A 1 128 ? -4.698  8.765   -10.985 1.00 38.98  ? 128 GLN A CG  1 
ATOM   984  C  CD  . GLN A 1 128 ? -5.815  9.741   -11.338 1.00 94.20  ? 128 GLN A CD  1 
ATOM   985  O  OE1 . GLN A 1 128 ? -5.598  10.972  -11.521 1.00 65.96  ? 128 GLN A OE1 1 
ATOM   986  N  NE2 . GLN A 1 128 ? -7.008  9.164   -11.513 1.00 100.00 ? 128 GLN A NE2 1 
ATOM   987  N  N   . GLY A 1 129 ? -3.393  5.909   -14.040 1.00 16.29  ? 129 GLY A N   1 
ATOM   988  C  CA  . GLY A 1 129 ? -3.780  4.657   -14.673 1.00 19.34  ? 129 GLY A CA  1 
ATOM   989  C  C   . GLY A 1 129 ? -2.667  3.655   -14.518 1.00 25.49  ? 129 GLY A C   1 
ATOM   990  O  O   . GLY A 1 129 ? -2.884  2.479   -14.246 1.00 27.42  ? 129 GLY A O   1 
ATOM   991  N  N   . ALA A 1 130 ? -1.460  4.181   -14.626 1.00 14.89  ? 130 ALA A N   1 
ATOM   992  C  CA  . ALA A 1 130 ? -0.237  3.439   -14.411 1.00 9.65   ? 130 ALA A CA  1 
ATOM   993  C  C   . ALA A 1 130 ? -0.069  3.021   -12.956 1.00 22.48  ? 130 ALA A C   1 
ATOM   994  O  O   . ALA A 1 130 ? 0.407   1.932   -12.666 1.00 15.77  ? 130 ALA A O   1 
ATOM   995  C  CB  . ALA A 1 130 ? 0.968   4.192   -14.796 1.00 11.35  ? 130 ALA A CB  1 
ATOM   996  N  N   . MET A 1 131 ? -0.399  3.858   -12.023 1.00 16.56  ? 131 MET A N   1 
ATOM   997  C  CA  . MET A 1 131 ? -0.201  3.359   -10.714 1.00 16.06  ? 131 MET A CA  1 
ATOM   998  C  C   . MET A 1 131 ? -1.217  2.283   -10.376 1.00 19.03  ? 131 MET A C   1 
ATOM   999  O  O   . MET A 1 131 ? -0.958  1.419   -9.542  1.00 17.47  ? 131 MET A O   1 
ATOM   1000 C  CB  . MET A 1 131 ? -0.212  4.465   -9.673  1.00 23.03  ? 131 MET A CB  1 
ATOM   1001 C  CG  . MET A 1 131 ? -0.080  3.926   -8.244  1.00 27.40  ? 131 MET A CG  1 
ATOM   1002 S  SD  . MET A 1 131 ? 1.620   3.654   -7.603  1.00 31.71  ? 131 MET A SD  1 
ATOM   1003 C  CE  . MET A 1 131 ? 2.562   5.058   -8.188  1.00 26.35  ? 131 MET A CE  1 
ATOM   1004 N  N   . ASN A 1 132 ? -2.406  2.377   -10.979 1.00 14.12  ? 132 ASN A N   1 
ATOM   1005 C  CA  . ASN A 1 132 ? -3.501  1.411   -10.797 1.00 11.42  ? 132 ASN A CA  1 
ATOM   1006 C  C   . ASN A 1 132 ? -3.098  -0.042  -11.239 1.00 14.06  ? 132 ASN A C   1 
ATOM   1007 O  O   . ASN A 1 132 ? -3.265  -1.067  -10.557 1.00 22.40  ? 132 ASN A O   1 
ATOM   1008 C  CB  . ASN A 1 132 ? -4.843  1.896   -11.425 1.00 19.56  ? 132 ASN A CB  1 
ATOM   1009 C  CG  . ASN A 1 132 ? -6.098  1.340   -10.769 1.00 64.63  ? 132 ASN A CG  1 
ATOM   1010 O  OD1 . ASN A 1 132 ? -6.664  1.968   -9.862  1.00 64.98  ? 132 ASN A OD1 1 
ATOM   1011 N  ND2 . ASN A 1 132 ? -6.535  0.147   -11.202 1.00 95.29  ? 132 ASN A ND2 1 
ATOM   1012 N  N   . LYS A 1 133 ? -2.473  -0.092  -12.366 1.00 6.44   ? 133 LYS A N   1 
ATOM   1013 C  CA  . LYS A 1 133 ? -2.026  -1.274  -12.912 1.00 13.79  ? 133 LYS A CA  1 
ATOM   1014 C  C   . LYS A 1 133 ? -0.980  -1.917  -12.060 1.00 25.56  ? 133 LYS A C   1 
ATOM   1015 O  O   . LYS A 1 133 ? -0.927  -3.122  -11.902 1.00 17.76  ? 133 LYS A O   1 
ATOM   1016 C  CB  . LYS A 1 133 ? -1.315  -0.805  -14.116 1.00 16.37  ? 133 LYS A CB  1 
ATOM   1017 C  CG  . LYS A 1 133 ? -2.256  -0.541  -15.250 1.00 30.59  ? 133 LYS A CG  1 
ATOM   1018 C  CD  . LYS A 1 133 ? -1.496  -0.573  -16.558 1.00 41.87  ? 133 LYS A CD  1 
ATOM   1019 C  CE  . LYS A 1 133 ? -2.001  -1.625  -17.531 1.00 53.47  ? 133 LYS A CE  1 
ATOM   1020 N  NZ  . LYS A 1 133 ? -1.611  -1.336  -18.923 1.00 68.50  ? 133 LYS A NZ  1 
ATOM   1021 N  N   . ALA A 1 134 ? -0.072  -1.099  -11.597 1.00 20.91  ? 134 ALA A N   1 
ATOM   1022 C  CA  . ALA A 1 134 ? 0.984   -1.681  -10.840 1.00 18.24  ? 134 ALA A CA  1 
ATOM   1023 C  C   . ALA A 1 134 ? 0.464   -2.226  -9.528  1.00 21.16  ? 134 ALA A C   1 
ATOM   1024 O  O   . ALA A 1 134 ? 0.915   -3.248  -9.029  1.00 16.33  ? 134 ALA A O   1 
ATOM   1025 C  CB  . ALA A 1 134 ? 2.117   -0.698  -10.662 1.00 17.65  ? 134 ALA A CB  1 
ATOM   1026 N  N   . LEU A 1 135 ? -0.496  -1.554  -8.938  1.00 15.73  ? 135 LEU A N   1 
ATOM   1027 C  CA  . LEU A 1 135 ? -1.036  -1.997  -7.644  1.00 20.61  ? 135 LEU A CA  1 
ATOM   1028 C  C   . LEU A 1 135 ? -1.882  -3.276  -7.813  1.00 30.39  ? 135 LEU A C   1 
ATOM   1029 O  O   . LEU A 1 135 ? -2.058  -4.149  -6.918  1.00 22.11  ? 135 LEU A O   1 
ATOM   1030 C  CB  . LEU A 1 135 ? -1.805  -0.834  -6.932  1.00 19.75  ? 135 LEU A CB  1 
ATOM   1031 C  CG  . LEU A 1 135 ? -0.902  0.290   -6.335  1.00 16.78  ? 135 LEU A CG  1 
ATOM   1032 C  CD1 . LEU A 1 135 ? -1.761  1.276   -5.599  1.00 14.25  ? 135 LEU A CD1 1 
ATOM   1033 C  CD2 . LEU A 1 135 ? 0.086   -0.217  -5.285  1.00 12.77  ? 135 LEU A CD2 1 
ATOM   1034 N  N   . GLU A 1 136 ? -2.381  -3.371  -9.046  1.00 23.48  ? 136 GLU A N   1 
ATOM   1035 C  CA  . GLU A 1 136 ? -3.164  -4.512  -9.491  1.00 22.83  ? 136 GLU A CA  1 
ATOM   1036 C  C   . GLU A 1 136 ? -2.276  -5.764  -9.684  1.00 24.90  ? 136 GLU A C   1 
ATOM   1037 O  O   . GLU A 1 136 ? -2.656  -6.858  -9.203  1.00 21.09  ? 136 GLU A O   1 
ATOM   1038 C  CB  . GLU A 1 136 ? -3.934  -4.168  -10.756 1.00 22.42  ? 136 GLU A CB  1 
ATOM   1039 C  CG  . GLU A 1 136 ? -4.981  -5.217  -11.089 1.00 27.50  ? 136 GLU A CG  1 
ATOM   1040 C  CD  . GLU A 1 136 ? -6.155  -4.625  -11.812 1.00 91.77  ? 136 GLU A CD  1 
ATOM   1041 O  OE1 . GLU A 1 136 ? -6.231  -3.453  -12.161 1.00 71.12  ? 136 GLU A OE1 1 
ATOM   1042 O  OE2 . GLU A 1 136 ? -7.136  -5.502  -11.871 1.00 100.00 ? 136 GLU A OE2 1 
ATOM   1043 N  N   . LEU A 1 137 ? -1.070  -5.561  -10.301 1.00 18.24  ? 137 LEU A N   1 
ATOM   1044 C  CA  . LEU A 1 137 ? -0.040  -6.572  -10.526 1.00 11.79  ? 137 LEU A CA  1 
ATOM   1045 C  C   . LEU A 1 137 ? 0.409   -7.121  -9.126  1.00 24.28  ? 137 LEU A C   1 
ATOM   1046 O  O   . LEU A 1 137 ? 0.465   -8.331  -8.843  1.00 23.67  ? 137 LEU A O   1 
ATOM   1047 C  CB  . LEU A 1 137 ? 1.086   -6.009  -11.421 1.00 6.66   ? 137 LEU A CB  1 
ATOM   1048 C  CG  . LEU A 1 137 ? 2.276   -6.929  -11.638 1.00 21.16  ? 137 LEU A CG  1 
ATOM   1049 C  CD1 . LEU A 1 137 ? 1.913   -7.881  -12.729 1.00 27.06  ? 137 LEU A CD1 1 
ATOM   1050 C  CD2 . LEU A 1 137 ? 3.543   -6.197  -12.123 1.00 11.00  ? 137 LEU A CD2 1 
ATOM   1051 N  N   . PHE A 1 138 ? 0.666   -6.206  -8.186  1.00 16.39  ? 138 PHE A N   1 
ATOM   1052 C  CA  . PHE A 1 138 ? 0.990   -6.562  -6.852  1.00 12.38  ? 138 PHE A CA  1 
ATOM   1053 C  C   . PHE A 1 138 ? -0.129  -7.409  -6.181  1.00 16.84  ? 138 PHE A C   1 
ATOM   1054 O  O   . PHE A 1 138 ? 0.094   -8.457  -5.588  1.00 23.94  ? 138 PHE A O   1 
ATOM   1055 C  CB  . PHE A 1 138 ? 1.184   -5.250  -6.145  1.00 17.25  ? 138 PHE A CB  1 
ATOM   1056 C  CG  . PHE A 1 138 ? 1.170   -5.336  -4.643  1.00 22.04  ? 138 PHE A CG  1 
ATOM   1057 C  CD1 . PHE A 1 138 ? 0.047   -4.958  -3.899  1.00 25.20  ? 138 PHE A CD1 1 
ATOM   1058 C  CD2 . PHE A 1 138 ? 2.291   -5.788  -3.942  1.00 24.71  ? 138 PHE A CD2 1 
ATOM   1059 C  CE1 . PHE A 1 138 ? 0.028   -5.045  -2.502  1.00 30.37  ? 138 PHE A CE1 1 
ATOM   1060 C  CE2 . PHE A 1 138 ? 2.303   -5.840  -2.541  1.00 29.67  ? 138 PHE A CE2 1 
ATOM   1061 C  CZ  . PHE A 1 138 ? 1.166   -5.477  -1.810  1.00 27.00  ? 138 PHE A CZ  1 
ATOM   1062 N  N   . ARG A 1 139 ? -1.385  -6.955  -6.167  1.00 14.20  ? 139 ARG A N   1 
ATOM   1063 C  CA  . ARG A 1 139 ? -2.442  -7.744  -5.533  1.00 16.59  ? 139 ARG A CA  1 
ATOM   1064 C  C   . ARG A 1 139 ? -2.633  -9.089  -6.189  1.00 24.32  ? 139 ARG A C   1 
ATOM   1065 O  O   . ARG A 1 139 ? -2.974  -10.023 -5.496  1.00 31.89  ? 139 ARG A O   1 
ATOM   1066 C  CB  . ARG A 1 139 ? -3.838  -7.125  -5.566  1.00 11.88  ? 139 ARG A CB  1 
ATOM   1067 C  CG  . ARG A 1 139 ? -3.886  -5.689  -5.057  1.00 11.82  ? 139 ARG A CG  1 
ATOM   1068 C  CD  . ARG A 1 139 ? -5.296  -5.435  -4.559  1.00 14.38  ? 139 ARG A CD  1 
ATOM   1069 N  NE  . ARG A 1 139 ? -6.044  -5.233  -5.785  1.00 13.46  ? 139 ARG A NE  1 
ATOM   1070 C  CZ  . ARG A 1 139 ? -5.810  -4.152  -6.501  1.00 22.97  ? 139 ARG A CZ  1 
ATOM   1071 N  NH1 . ARG A 1 139 ? -4.952  -3.206  -6.128  1.00 36.41  ? 139 ARG A NH1 1 
ATOM   1072 N  NH2 . ARG A 1 139 ? -6.479  -3.968  -7.600  1.00 32.52  ? 139 ARG A NH2 1 
ATOM   1073 N  N   . LYS A 1 140 ? -2.502  -9.172  -7.523  1.00 15.97  ? 140 LYS A N   1 
ATOM   1074 C  CA  . LYS A 1 140 ? -2.733  -10.422 -8.273  1.00 9.94   ? 140 LYS A CA  1 
ATOM   1075 C  C   . LYS A 1 140 ? -1.755  -11.538 -7.918  1.00 21.32  ? 140 LYS A C   1 
ATOM   1076 O  O   . LYS A 1 140 ? -2.133  -12.722 -7.713  1.00 35.33  ? 140 LYS A O   1 
ATOM   1077 C  CB  . LYS A 1 140 ? -2.696  -10.234 -9.761  1.00 7.91   ? 140 LYS A CB  1 
ATOM   1078 C  CG  . LYS A 1 140 ? -3.666  -11.197 -10.424 1.00 86.54  ? 140 LYS A CG  1 
ATOM   1079 C  CD  . LYS A 1 140 ? -4.576  -10.563 -11.477 1.00 100.00 ? 140 LYS A CD  1 
ATOM   1080 C  CE  . LYS A 1 140 ? -6.078  -10.731 -11.191 1.00 100.00 ? 140 LYS A CE  1 
ATOM   1081 N  NZ  . LYS A 1 140 ? -6.863  -9.481  -11.373 1.00 100.00 ? 140 LYS A NZ  1 
ATOM   1082 N  N   . ASP A 1 141 ? -0.506  -11.092 -7.800  1.00 11.96  ? 141 ASP A N   1 
ATOM   1083 C  CA  . ASP A 1 141 ? 0.644   -11.899 -7.501  1.00 14.77  ? 141 ASP A CA  1 
ATOM   1084 C  C   . ASP A 1 141 ? 0.492   -12.392 -6.087  1.00 21.24  ? 141 ASP A C   1 
ATOM   1085 O  O   . ASP A 1 141 ? 0.686   -13.588 -5.792  1.00 22.78  ? 141 ASP A O   1 
ATOM   1086 C  CB  . ASP A 1 141 ? 1.934   -11.106 -7.658  1.00 14.16  ? 141 ASP A CB  1 
ATOM   1087 C  CG  . ASP A 1 141 ? 2.442   -11.196 -9.049  1.00 20.44  ? 141 ASP A CG  1 
ATOM   1088 O  OD1 . ASP A 1 141 ? 1.805   -11.603 -10.002 1.00 36.67  ? 141 ASP A OD1 1 
ATOM   1089 O  OD2 . ASP A 1 141 ? 3.649   -10.792 -9.160  1.00 40.46  ? 141 ASP A OD2 1 
ATOM   1090 N  N   . ILE A 1 142 ? 0.100   -11.456 -5.250  1.00 8.64   ? 142 ILE A N   1 
ATOM   1091 C  CA  . ILE A 1 142 ? -0.177  -11.833 -3.883  1.00 11.26  ? 142 ILE A CA  1 
ATOM   1092 C  C   . ILE A 1 142 ? -1.268  -12.932 -3.871  1.00 14.90  ? 142 ILE A C   1 
ATOM   1093 O  O   . ILE A 1 142 ? -1.169  -13.947 -3.184  1.00 23.25  ? 142 ILE A O   1 
ATOM   1094 C  CB  . ILE A 1 142 ? -0.776  -10.666 -3.099  1.00 10.53  ? 142 ILE A CB  1 
ATOM   1095 C  CG1 . ILE A 1 142 ? 0.302   -9.671  -3.023  1.00 22.10  ? 142 ILE A CG1 1 
ATOM   1096 C  CG2 . ILE A 1 142 ? -0.997  -11.088 -1.650  1.00 9.64   ? 142 ILE A CG2 1 
ATOM   1097 C  CD1 . ILE A 1 142 ? 1.051   -9.923  -1.712  1.00 14.16  ? 142 ILE A CD1 1 
ATOM   1098 N  N   . ALA A 1 143 ? -2.395  -12.665 -4.549  1.00 8.75   ? 143 ALA A N   1 
ATOM   1099 C  CA  . ALA A 1 143 ? -3.545  -13.542 -4.492  1.00 15.67  ? 143 ALA A CA  1 
ATOM   1100 C  C   . ALA A 1 143 ? -3.192  -15.011 -4.840  1.00 23.48  ? 143 ALA A C   1 
ATOM   1101 O  O   . ALA A 1 143 ? -3.751  -15.929 -4.296  1.00 17.96  ? 143 ALA A O   1 
ATOM   1102 C  CB  . ALA A 1 143 ? -4.784  -13.033 -5.293  1.00 11.64  ? 143 ALA A CB  1 
ATOM   1103 N  N   . ALA A 1 144 ? -2.343  -15.202 -5.820  1.00 12.24  ? 144 ALA A N   1 
ATOM   1104 C  CA  . ALA A 1 144 ? -1.979  -16.538 -6.195  1.00 18.71  ? 144 ALA A CA  1 
ATOM   1105 C  C   . ALA A 1 144 ? -0.978  -17.201 -5.263  1.00 29.34  ? 144 ALA A C   1 
ATOM   1106 O  O   . ALA A 1 144 ? -0.865  -18.411 -5.259  1.00 22.50  ? 144 ALA A O   1 
ATOM   1107 C  CB  . ALA A 1 144 ? -1.248  -16.453 -7.485  1.00 17.75  ? 144 ALA A CB  1 
ATOM   1108 N  N   . LYS A 1 145 ? -0.159  -16.404 -4.571  1.00 19.91  ? 145 LYS A N   1 
ATOM   1109 C  CA  . LYS A 1 145 ? 0.766   -17.013 -3.693  1.00 10.13  ? 145 LYS A CA  1 
ATOM   1110 C  C   . LYS A 1 145 ? -0.037  -17.512 -2.575  1.00 15.27  ? 145 LYS A C   1 
ATOM   1111 O  O   . LYS A 1 145 ? 0.263   -18.563 -2.015  1.00 27.18  ? 145 LYS A O   1 
ATOM   1112 C  CB  . LYS A 1 145 ? 1.887   -16.158 -3.096  1.00 9.47   ? 145 LYS A CB  1 
ATOM   1113 C  CG  . LYS A 1 145 ? 3.094   -16.028 -4.042  1.00 26.00  ? 145 LYS A CG  1 
ATOM   1114 C  CD  . LYS A 1 145 ? 4.277   -16.899 -3.622  1.00 100.00 ? 145 LYS A CD  1 
ATOM   1115 N  N   . TYR A 1 146 ? -1.087  -16.771 -2.309  1.00 14.21  ? 146 TYR A N   1 
ATOM   1116 C  CA  . TYR A 1 146 ? -1.990  -17.132 -1.243  1.00 8.30   ? 146 TYR A CA  1 
ATOM   1117 C  C   . TYR A 1 146 ? -2.629  -18.527 -1.449  1.00 23.12  ? 146 TYR A C   1 
ATOM   1118 O  O   . TYR A 1 146 ? -2.718  -19.366 -0.536  1.00 20.57  ? 146 TYR A O   1 
ATOM   1119 C  CB  . TYR A 1 146 ? -3.130  -16.111 -1.231  1.00 12.73  ? 146 TYR A CB  1 
ATOM   1120 C  CG  . TYR A 1 146 ? -2.991  -14.926 -0.271  1.00 18.91  ? 146 TYR A CG  1 
ATOM   1121 C  CD1 . TYR A 1 146 ? -4.109  -14.116 -0.100  1.00 17.93  ? 146 TYR A CD1 1 
ATOM   1122 C  CD2 . TYR A 1 146 ? -1.797  -14.555 0.366   1.00 21.43  ? 146 TYR A CD2 1 
ATOM   1123 C  CE1 . TYR A 1 146 ? -4.064  -13.050 0.788   1.00 22.67  ? 146 TYR A CE1 1 
ATOM   1124 C  CE2 . TYR A 1 146 ? -1.716  -13.497 1.280   1.00 20.48  ? 146 TYR A CE2 1 
ATOM   1125 C  CZ  . TYR A 1 146 ? -2.890  -12.764 1.479   1.00 26.37  ? 146 TYR A CZ  1 
ATOM   1126 O  OH  . TYR A 1 146 ? -2.930  -11.692 2.286   1.00 28.33  ? 146 TYR A OH  1 
ATOM   1127 N  N   . LYS A 1 147 ? -3.096  -18.742 -2.665  1.00 12.27  ? 147 LYS A N   1 
ATOM   1128 C  CA  . LYS A 1 147 ? -3.785  -19.969 -3.030  1.00 12.69  ? 147 LYS A CA  1 
ATOM   1129 C  C   . LYS A 1 147 ? -2.824  -21.140 -2.826  1.00 26.27  ? 147 LYS A C   1 
ATOM   1130 O  O   . LYS A 1 147 ? -3.110  -22.136 -2.086  1.00 20.35  ? 147 LYS A O   1 
ATOM   1131 C  CB  . LYS A 1 147 ? -4.148  -19.800 -4.448  1.00 9.22   ? 147 LYS A CB  1 
ATOM   1132 C  CG  . LYS A 1 147 ? -5.519  -19.160 -4.426  1.00 9.00   ? 147 LYS A CG  1 
ATOM   1133 C  CD  . LYS A 1 147 ? -6.250  -19.087 -5.747  1.00 35.21  ? 147 LYS A CD  1 
ATOM   1134 C  CE  . LYS A 1 147 ? -7.374  -18.051 -5.691  1.00 35.07  ? 147 LYS A CE  1 
ATOM   1135 N  N   . GLU A 1 148 ? -1.643  -20.935 -3.415  1.00 14.40  ? 148 GLU A N   1 
ATOM   1136 C  CA  . GLU A 1 148 ? -0.521  -21.877 -3.272  1.00 15.61  ? 148 GLU A CA  1 
ATOM   1137 C  C   . GLU A 1 148 ? -0.177  -22.240 -1.876  1.00 20.19  ? 148 GLU A C   1 
ATOM   1138 O  O   . GLU A 1 148 ? 0.268   -23.359 -1.610  1.00 23.48  ? 148 GLU A O   1 
ATOM   1139 C  CB  . GLU A 1 148 ? 0.686   -21.609 -4.151  1.00 12.56  ? 148 GLU A CB  1 
ATOM   1140 C  CG  . GLU A 1 148 ? 1.940   -21.157 -3.433  1.00 51.02  ? 148 GLU A CG  1 
ATOM   1141 C  CD  . GLU A 1 148 ? 2.938   -20.813 -4.521  1.00 32.48  ? 148 GLU A CD  1 
ATOM   1142 O  OE1 . GLU A 1 148 ? 4.024   -20.270 -4.306  1.00 100.00 ? 148 GLU A OE1 1 
ATOM   1143 O  OE2 . GLU A 1 148 ? 2.410   -21.030 -5.737  1.00 39.92  ? 148 GLU A OE2 1 
ATOM   1144 N  N   . LEU A 1 149 ? -0.511  -21.348 -0.967  1.00 20.91  ? 149 LEU A N   1 
ATOM   1145 C  CA  . LEU A 1 149 ? -0.285  -21.670 0.451   1.00 25.07  ? 149 LEU A CA  1 
ATOM   1146 C  C   . LEU A 1 149 ? -1.566  -22.152 1.077   1.00 16.95  ? 149 LEU A C   1 
ATOM   1147 O  O   . LEU A 1 149 ? -1.689  -22.316 2.273   1.00 20.13  ? 149 LEU A O   1 
ATOM   1148 C  CB  . LEU A 1 149 ? 0.203   -20.454 1.291   1.00 31.16  ? 149 LEU A CB  1 
ATOM   1149 C  CG  . LEU A 1 149 ? 1.551   -19.889 0.846   1.00 41.87  ? 149 LEU A CG  1 
ATOM   1150 C  CD1 . LEU A 1 149 ? 2.152   -19.065 1.961   1.00 52.69  ? 149 LEU A CD1 1 
ATOM   1151 C  CD2 . LEU A 1 149 ? 2.518   -20.997 0.458   1.00 31.25  ? 149 LEU A CD2 1 
ATOM   1152 N  N   . GLY A 1 150 ? -2.601  -22.299 0.291   1.00 15.60  ? 150 GLY A N   1 
ATOM   1153 C  CA  . GLY A 1 150 ? -3.831  -22.757 0.869   1.00 18.76  ? 150 GLY A CA  1 
ATOM   1154 C  C   . GLY A 1 150 ? -4.699  -21.678 1.473   1.00 21.65  ? 150 GLY A C   1 
ATOM   1155 O  O   . GLY A 1 150 ? -5.596  -21.982 2.210   1.00 19.62  ? 150 GLY A O   1 
ATOM   1156 N  N   . TYR A 1 151 ? -4.545  -20.408 1.140   1.00 27.29  ? 151 TYR A N   1 
ATOM   1157 C  CA  . TYR A 1 151 ? -5.425  -19.416 1.758   1.00 18.95  ? 151 TYR A CA  1 
ATOM   1158 C  C   . TYR A 1 151 ? -6.484  -18.856 0.841   1.00 29.08  ? 151 TYR A C   1 
ATOM   1159 O  O   . TYR A 1 151 ? -7.633  -18.813 1.256   1.00 39.60  ? 151 TYR A O   1 
ATOM   1160 C  CB  . TYR A 1 151 ? -4.661  -18.276 2.431   1.00 23.15  ? 151 TYR A CB  1 
ATOM   1161 C  CG  . TYR A 1 151 ? -5.517  -17.140 3.017   1.00 30.23  ? 151 TYR A CG  1 
ATOM   1162 C  CD1 . TYR A 1 151 ? -5.351  -15.813 2.597   1.00 24.51  ? 151 TYR A CD1 1 
ATOM   1163 C  CD2 . TYR A 1 151 ? -6.367  -17.398 4.097   1.00 31.58  ? 151 TYR A CD2 1 
ATOM   1164 C  CE1 . TYR A 1 151 ? -6.066  -14.772 3.190   1.00 14.17  ? 151 TYR A CE1 1 
ATOM   1165 C  CE2 . TYR A 1 151 ? -7.138  -16.378 4.660   1.00 32.09  ? 151 TYR A CE2 1 
ATOM   1166 C  CZ  . TYR A 1 151 ? -6.985  -15.073 4.189   1.00 29.08  ? 151 TYR A CZ  1 
ATOM   1167 O  OH  . TYR A 1 151 ? -7.716  -14.089 4.741   1.00 32.64  ? 151 TYR A OH  1 
ATOM   1168 N  N   . GLN A 1 152 ? -6.103  -18.390 -0.347  1.00 30.83  ? 152 GLN A N   1 
ATOM   1169 C  CA  . GLN A 1 152 ? -7.042  -17.708 -1.330  1.00 73.54  ? 152 GLN A CA  1 
ATOM   1170 C  C   . GLN A 1 152 ? -6.270  -16.687 -2.250  1.00 100.00 ? 152 GLN A C   1 
ATOM   1171 O  O   . GLN A 1 152 ? -6.758  -15.998 -3.185  1.00 87.75  ? 152 GLN A O   1 
ATOM   1172 C  CB  . GLN A 1 152 ? -8.264  -16.958 -0.723  1.00 68.35  ? 152 GLN A CB  1 
ATOM   1173 C  CG  . GLN A 1 152 ? -7.792  -15.748 0.107   1.00 42.47  ? 152 GLN A CG  1 
ATOM   1174 C  CD  . GLN A 1 152 ? -8.937  -14.814 0.432   1.00 84.22  ? 152 GLN A CD  1 
ATOM   1175 O  OE1 . GLN A 1 152 ? -8.938  -13.601 0.038   1.00 41.81  ? 152 GLN A OE1 1 
ATOM   1176 N  NE2 . GLN A 1 152 ? -9.955  -15.431 1.069   1.00 66.70  ? 152 GLN A NE2 1 
HETATM 1177 C  CHA . HEM B 2 .   ? 2.600   -6.541  8.820   1.00 19.98  ? 154 HEM A CHA 1 
HETATM 1178 C  CHB . HEM B 2 .   ? 3.506   -4.718  4.429   1.00 13.08  ? 154 HEM A CHB 1 
HETATM 1179 C  CHC . HEM B 2 .   ? -1.100  -3.956  3.707   1.00 15.49  ? 154 HEM A CHC 1 
HETATM 1180 C  CHD . HEM B 2 .   ? -1.907  -6.017  7.962   1.00 2.34   ? 154 HEM A CHD 1 
HETATM 1181 C  C1A . HEM B 2 .   ? 3.130   -6.024  7.706   1.00 22.96  ? 154 HEM A C1A 1 
HETATM 1182 C  C2A . HEM B 2 .   ? 4.558   -5.971  7.530   1.00 24.22  ? 154 HEM A C2A 1 
HETATM 1183 C  C3A . HEM B 2 .   ? 4.781   -5.473  6.329   1.00 36.08  ? 154 HEM A C3A 1 
HETATM 1184 C  C4A . HEM B 2 .   ? 3.526   -5.224  5.703   1.00 1.16   ? 154 HEM A C4A 1 
HETATM 1185 C  CMA . HEM B 2 .   ? 6.095   -5.211  5.577   1.00 43.38  ? 154 HEM A CMA 1 
HETATM 1186 C  CAA . HEM B 2 .   ? 5.598   -6.533  8.521   1.00 42.45  ? 154 HEM A CAA 1 
HETATM 1187 C  CBA . HEM B 2 .   ? 6.020   -8.035  8.297   1.00 30.84  ? 154 HEM A CBA 1 
HETATM 1188 C  CGA . HEM B 2 .   ? 4.821   -8.964  8.140   1.00 35.43  ? 154 HEM A CGA 1 
HETATM 1189 O  O1A . HEM B 2 .   ? 4.164   -9.276  9.196   1.00 35.05  ? 154 HEM A O1A 1 
HETATM 1190 O  O2A . HEM B 2 .   ? 4.490   -9.219  6.949   1.00 26.26  ? 154 HEM A O2A 1 
HETATM 1191 C  C1B . HEM B 2 .   ? 2.350   -4.408  3.880   1.00 1.00   ? 154 HEM A C1B 1 
HETATM 1192 C  C2B . HEM B 2 .   ? 2.290   -3.903  2.585   1.00 13.35  ? 154 HEM A C2B 1 
HETATM 1193 C  C3B . HEM B 2 .   ? 0.974   -3.635  2.355   1.00 5.36   ? 154 HEM A C3B 1 
HETATM 1194 C  C4B . HEM B 2 .   ? 0.254   -3.990  3.575   1.00 2.95   ? 154 HEM A C4B 1 
HETATM 1195 C  CMB . HEM B 2 .   ? 3.641   -3.710  1.810   1.00 10.12  ? 154 HEM A CMB 1 
HETATM 1196 C  CAB . HEM B 2 .   ? 0.208   -3.131  1.093   1.00 22.45  ? 154 HEM A CAB 1 
HETATM 1197 C  CBB . HEM B 2 .   ? 0.492   -2.068  0.323   1.00 14.70  ? 154 HEM A CBB 1 
HETATM 1198 C  C1C . HEM B 2 .   ? -1.624  -4.439  4.828   1.00 14.18  ? 154 HEM A C1C 1 
HETATM 1199 C  C2C . HEM B 2 .   ? -3.053  -4.418  5.089   1.00 12.43  ? 154 HEM A C2C 1 
HETATM 1200 C  C3C . HEM B 2 .   ? -3.247  -4.904  6.333   1.00 8.32   ? 154 HEM A C3C 1 
HETATM 1201 C  C4C . HEM B 2 .   ? -1.962  -5.321  6.795   1.00 37.48  ? 154 HEM A C4C 1 
HETATM 1202 C  CMC . HEM B 2 .   ? -4.050  -3.867  4.077   1.00 8.81   ? 154 HEM A CMC 1 
HETATM 1203 C  CAC . HEM B 2 .   ? -4.489  -5.245  7.196   1.00 31.19  ? 154 HEM A CAC 1 
HETATM 1204 C  CBC . HEM B 2 .   ? -5.695  -4.723  6.935   1.00 42.73  ? 154 HEM A CBC 1 
HETATM 1205 C  C1D . HEM B 2 .   ? -0.774  -6.369  8.577   1.00 26.49  ? 154 HEM A C1D 1 
HETATM 1206 C  C2D . HEM B 2 .   ? -0.659  -6.789  9.964   1.00 25.42  ? 154 HEM A C2D 1 
HETATM 1207 C  C3D . HEM B 2 .   ? 0.633   -6.953  10.183  1.00 23.14  ? 154 HEM A C3D 1 
HETATM 1208 C  C4D . HEM B 2 .   ? 1.293   -6.580  8.962   1.00 25.11  ? 154 HEM A C4D 1 
HETATM 1209 C  CMD . HEM B 2 .   ? -1.859  -7.010  10.918  1.00 15.17  ? 154 HEM A CMD 1 
HETATM 1210 C  CAD . HEM B 2 .   ? 1.402   -7.244  11.475  1.00 44.77  ? 154 HEM A CAD 1 
HETATM 1211 C  CBD . HEM B 2 .   ? 2.205   -6.029  12.068  1.00 70.07  ? 154 HEM A CBD 1 
HETATM 1212 C  CGD . HEM B 2 .   ? 2.531   -5.977  13.562  1.00 41.25  ? 154 HEM A CGD 1 
HETATM 1213 O  O1D . HEM B 2 .   ? 1.603   -5.589  14.307  1.00 57.10  ? 154 HEM A O1D 1 
HETATM 1214 O  O2D . HEM B 2 .   ? 3.656   -6.423  13.991  1.00 51.40  ? 154 HEM A O2D 1 
HETATM 1215 N  NA  . HEM B 2 .   ? 2.454   -5.533  6.569   1.00 9.40   ? 154 HEM A NA  1 
HETATM 1216 N  NB  . HEM B 2 .   ? 1.112   -4.434  4.533   1.00 11.78  ? 154 HEM A NB  1 
HETATM 1217 N  NC  . HEM B 2 .   ? -0.920  -5.019  5.903   1.00 11.66  ? 154 HEM A NC  1 
HETATM 1218 N  ND  . HEM B 2 .   ? 0.462   -6.168  7.969   1.00 19.86  ? 154 HEM A ND  1 
HETATM 1219 FE FE  . HEM B 2 .   ? 0.707   -5.312  6.327   1.00 25.97  ? 154 HEM A FE  1 
HETATM 1220 C  CG  . 4MZ C 3 .   ? 0.580   -8.636  3.925   1.00 15.53  ? 155 4MZ A CG  1 
HETATM 1221 N  ND1 . 4MZ C 3 .   ? 1.426   -9.126  4.929   1.00 19.86  ? 155 4MZ A ND1 1 
HETATM 1222 C  CD2 . 4MZ C 3 .   ? 0.224   -7.341  4.286   1.00 18.41  ? 155 4MZ A CD2 1 
HETATM 1223 C  CE1 . 4MZ C 3 .   ? 1.611   -8.133  5.797   1.00 34.76  ? 155 4MZ A CE1 1 
HETATM 1224 N  NE2 . 4MZ C 3 .   ? 0.926   -7.040  5.426   1.00 37.78  ? 155 4MZ A NE2 1 
HETATM 1225 C  C4  . 4MZ C 3 .   ? 0.017   -9.458  2.687   1.00 22.36  ? 155 4MZ A C4  1 
HETATM 1226 O  O   . HOH D 4 .   ? -0.129  -2.854  7.136   1.00 17.48  ? 156 HOH A O   1 
HETATM 1227 O  O   . HOH D 4 .   ? 6.967   -4.541  -9.440  1.00 23.26  ? 157 HOH A O   1 
HETATM 1228 O  O   . HOH D 4 .   ? -11.566 -7.819  9.849   1.00 68.17  ? 158 HOH A O   1 
HETATM 1229 O  O   . HOH D 4 .   ? 6.362   15.152  -1.284  1.00 30.39  ? 159 HOH A O   1 
HETATM 1230 O  O   . HOH D 4 .   ? -7.540  -7.211  -6.789  1.00 25.98  ? 160 HOH A O   1 
HETATM 1231 O  O   . HOH D 4 .   ? 10.944  10.399  3.668   1.00 32.35  ? 161 HOH A O   1 
HETATM 1232 O  O   . HOH D 4 .   ? 9.790   -2.406  5.256   1.00 41.09  ? 162 HOH A O   1 
HETATM 1233 O  O   . HOH D 4 .   ? 2.629   -8.590  -15.851 1.00 33.46  ? 163 HOH A O   1 
HETATM 1234 O  O   . HOH D 4 .   ? 3.889   6.979   8.310   1.00 36.40  ? 164 HOH A O   1 
HETATM 1235 O  O   . HOH D 4 .   ? -5.039  -1.144  -8.729  1.00 35.87  ? 165 HOH A O   1 
HETATM 1236 O  O   . HOH D 4 .   ? 6.549   -9.806  5.298   1.00 41.89  ? 166 HOH A O   1 
HETATM 1237 O  O   . HOH D 4 .   ? 11.662  0.970   -0.484  1.00 42.94  ? 167 HOH A O   1 
HETATM 1238 O  O   . HOH D 4 .   ? 10.151  10.213  6.756   1.00 49.05  ? 168 HOH A O   1 
HETATM 1239 O  O   . HOH D 4 .   ? 6.053   -21.523 5.878   1.00 72.80  ? 169 HOH A O   1 
HETATM 1240 O  O   . HOH D 4 .   ? -10.950 -10.994 -0.248  1.00 30.95  ? 170 HOH A O   1 
# 
